data_3B58
# 
_entry.id   3B58 
# 
_audit_conform.dict_name       mmcif_pdbx.dic 
_audit_conform.dict_version    5.377 
_audit_conform.dict_location   http://mmcif.pdb.org/dictionaries/ascii/mmcif_pdbx.dic 
# 
loop_
_database_2.database_id 
_database_2.database_code 
_database_2.pdbx_database_accession 
_database_2.pdbx_DOI 
PDB   3B58         pdb_00003b58 10.2210/pdb3b58/pdb 
NDB   UR0142       ?            ?                   
RCSB  RCSB045094   ?            ?                   
WWPDB D_1000045094 ?            ?                   
# 
loop_
_pdbx_database_related.db_name 
_pdbx_database_related.db_id 
_pdbx_database_related.details 
_pdbx_database_related.content_type 
PDB 2P7F 
;The Novel Use of a 2',5'-Phosphodiester Linkage as a Reaction Intermediate at the Active Site of a Small Ribozyme
;
unspecified 
PDB 3B5A .                                                                                                                   
unspecified 
PDB 3B5F .                                                                                                                   
unspecified 
PDB 3B5S .                                                                                                                   
unspecified 
PDB 3B91 .                                                                                                                   
unspecified 
PDB 3BBI .                                                                                                                   
unspecified 
PDB 3BBK .                                                                                                                   
unspecified 
PDB 3BBM .                                                                                                                   
unspecified 
# 
_pdbx_database_status.entry_id                        3B58 
_pdbx_database_status.status_code                     REL 
_pdbx_database_status.status_code_sf                  REL 
_pdbx_database_status.deposit_site                    RCSB 
_pdbx_database_status.process_site                    RCSB 
_pdbx_database_status.recvd_initial_deposition_date   2007-10-25 
_pdbx_database_status.SG_entry                        N 
_pdbx_database_status.status_code_mr                  ? 
_pdbx_database_status.pdb_format_compatible           Y 
_pdbx_database_status.status_code_cs                  ? 
_pdbx_database_status.methods_development_category    ? 
_pdbx_database_status.status_code_nmr_data            ? 
# 
loop_
_audit_author.name 
_audit_author.pdbx_ordinal 
'MacElrevey, C.' 1 
'Krucinska, J.'  2 
'Wedekind, J.E.' 3 
# 
_citation.id                        primary 
_citation.title                     
'Structural effects of nucleobase variations at key active site residue Ade38 in the hairpin ribozyme.' 
_citation.journal_abbrev            Rna 
_citation.journal_volume            14 
_citation.page_first                1600 
_citation.page_last                 1616 
_citation.year                      2008 
_citation.journal_id_ASTM           RNARFU 
_citation.country                   UK 
_citation.journal_id_ISSN           1355-8382 
_citation.journal_id_CSD            2122 
_citation.book_publisher            ? 
_citation.pdbx_database_id_PubMed   18596253 
_citation.pdbx_database_id_DOI      10.1261/rna.1055308 
# 
loop_
_citation_author.citation_id 
_citation_author.name 
_citation_author.ordinal 
_citation_author.identifier_ORCID 
primary 'MacElrevey, C.' 1 ? 
primary 'Salter, J.D.'   2 ? 
primary 'Krucinska, J.'  3 ? 
primary 'Wedekind, J.E.' 4 ? 
# 
_cell.entry_id           3B58 
_cell.length_a           93.370 
_cell.length_b           93.370 
_cell.length_c           132.270 
_cell.angle_alpha        90.00 
_cell.angle_beta         90.00 
_cell.angle_gamma        120.00 
_cell.Z_PDB              12 
_cell.pdbx_unique_axis   ? 
_cell.length_a_esd       ? 
_cell.length_b_esd       ? 
_cell.length_c_esd       ? 
_cell.angle_alpha_esd    ? 
_cell.angle_beta_esd     ? 
_cell.angle_gamma_esd    ? 
# 
_symmetry.entry_id                         3B58 
_symmetry.space_group_name_H-M             'P 61 2 2' 
_symmetry.pdbx_full_space_group_name_H-M   ? 
_symmetry.Int_Tables_number                178 
_symmetry.cell_setting                     ? 
_symmetry.space_group_name_Hall            ? 
# 
loop_
_entity.id 
_entity.type 
_entity.src_method 
_entity.pdbx_description 
_entity.formula_weight 
_entity.pdbx_number_of_molecules 
_entity.pdbx_ec 
_entity.pdbx_mutation 
_entity.pdbx_fragment 
_entity.details 
1 polymer     syn 'Loop A Substrate strand'                  4052.470 1  ? ?            ? 
;2'5' phosphodiester linkage between A6 and G7
;
2 polymer     syn '29-mer Loop A and Loop B Ribozyme strand' 9762.989 1  ? ?            ? 
'Synthetic polyethylene glycol linker at hinge position 14' 
3 polymer     syn 'Loop B S-turn strand'                     6007.568 1  ? 'A38G, U39C' ? ? 
4 non-polymer syn 'SULFATE ION'                              96.063   1  ? ?            ? ? 
5 non-polymer syn 'COBALT HEXAMMINE(III)'                    161.116  2  ? ?            ? ? 
6 water       nat water                                      18.015   11 ? ?            ? ? 
# 
loop_
_entity_poly.entity_id 
_entity_poly.type 
_entity_poly.nstd_linkage 
_entity_poly.nstd_monomer 
_entity_poly.pdbx_seq_one_letter_code 
_entity_poly.pdbx_seq_one_letter_code_can 
_entity_poly.pdbx_strand_id 
_entity_poly.pdbx_target_identifier 
1 polyribonucleotide no no  UCCCAGUCCACCG                        UCCCAGUCCACCG                  A ? 
2 polyribonucleotide no yes 'CGGUGAGAAGGG(S9L)GGCAGAGAAACACACGA' CGGUGAGAAGGGXGGCAGAGAAACACACGA B ? 
3 polyribonucleotide no no  UCGUGGUGCAUUACCUGCC                  UCGUGGUGCAUUACCUGCC            C ? 
# 
loop_
_entity_poly_seq.entity_id 
_entity_poly_seq.num 
_entity_poly_seq.mon_id 
_entity_poly_seq.hetero 
1 1  U   n 
1 2  C   n 
1 3  C   n 
1 4  C   n 
1 5  A   n 
1 6  G   n 
1 7  U   n 
1 8  C   n 
1 9  C   n 
1 10 A   n 
1 11 C   n 
1 12 C   n 
1 13 G   n 
2 1  C   n 
2 2  G   n 
2 3  G   n 
2 4  U   n 
2 5  G   n 
2 6  A   n 
2 7  G   n 
2 8  A   n 
2 9  A   n 
2 10 G   n 
2 11 G   n 
2 12 G   n 
2 13 S9L n 
2 14 G   n 
2 15 G   n 
2 16 C   n 
2 17 A   n 
2 18 G   n 
2 19 A   n 
2 20 G   n 
2 21 A   n 
2 22 A   n 
2 23 A   n 
2 24 C   n 
2 25 A   n 
2 26 C   n 
2 27 A   n 
2 28 C   n 
2 29 G   n 
2 30 A   n 
3 1  U   n 
3 2  C   n 
3 3  G   n 
3 4  U   n 
3 5  G   n 
3 6  G   n 
3 7  U   n 
3 8  G   n 
3 9  C   n 
3 10 A   n 
3 11 U   n 
3 12 U   n 
3 13 A   n 
3 14 C   n 
3 15 C   n 
3 16 U   n 
3 17 G   n 
3 18 C   n 
3 19 C   n 
# 
loop_
_pdbx_entity_src_syn.entity_id 
_pdbx_entity_src_syn.pdbx_src_id 
_pdbx_entity_src_syn.pdbx_alt_source_flag 
_pdbx_entity_src_syn.pdbx_beg_seq_num 
_pdbx_entity_src_syn.pdbx_end_seq_num 
_pdbx_entity_src_syn.organism_scientific 
_pdbx_entity_src_syn.organism_common_name 
_pdbx_entity_src_syn.ncbi_taxonomy_id 
_pdbx_entity_src_syn.details 
1 1 sample ? ? ? ? ? 'solid-phase synthesis at Keck Institute, Yale'         
2 1 sample ? ? ? ? ? 'solid phase chemical synthesis at Dharmacon, Colorado' 
3 1 sample ? ? ? ? ? 'solid phase chemical synthesis at Dharmacon, Colorado' 
# 
loop_
_struct_ref.id 
_struct_ref.entity_id 
_struct_ref.db_name 
_struct_ref.db_code 
_struct_ref.pdbx_db_accession 
_struct_ref.pdbx_align_begin 
_struct_ref.pdbx_seq_one_letter_code 
_struct_ref.pdbx_db_isoform 
1 1 PDB 3B58 3B58 1 UCCCAGUCCACCG                        ? 
2 2 PDB 3B58 3B58 1 'CGGUGAGAAGGG(S9L)GGCAGAGAAACACACGA' ? 
3 3 PDB 3B58 3B58 1 UCGUGGUGCAUUACCUGCC                  ? 
# 
loop_
_struct_ref_seq.align_id 
_struct_ref_seq.ref_id 
_struct_ref_seq.pdbx_PDB_id_code 
_struct_ref_seq.pdbx_strand_id 
_struct_ref_seq.seq_align_beg 
_struct_ref_seq.pdbx_seq_align_beg_ins_code 
_struct_ref_seq.seq_align_end 
_struct_ref_seq.pdbx_seq_align_end_ins_code 
_struct_ref_seq.pdbx_db_accession 
_struct_ref_seq.db_align_beg 
_struct_ref_seq.pdbx_db_align_beg_ins_code 
_struct_ref_seq.db_align_end 
_struct_ref_seq.pdbx_db_align_end_ins_code 
_struct_ref_seq.pdbx_auth_seq_align_beg 
_struct_ref_seq.pdbx_auth_seq_align_end 
1 1 3B58 A 1 ? 13 ? 3B58 1  ? 13 ? 1  13 
2 2 3B58 B 1 ? 30 ? 3B58 2  ? 31 ? 2  31 
3 3 3B58 C 1 ? 19 ? 3B58 31 ? 49 ? 31 49 
# 
loop_
_chem_comp.id 
_chem_comp.type 
_chem_comp.mon_nstd_flag 
_chem_comp.name 
_chem_comp.pdbx_synonyms 
_chem_comp.formula 
_chem_comp.formula_weight 
A   'RNA linking' y "ADENOSINE-5'-MONOPHOSPHATE"                              ? 'C10 H14 N5 O7 P' 347.221 
C   'RNA linking' y "CYTIDINE-5'-MONOPHOSPHATE"                               ? 'C9 H14 N3 O8 P'  323.197 
G   'RNA linking' y "GUANOSINE-5'-MONOPHOSPHATE"                              ? 'C10 H14 N5 O8 P' 363.221 
HOH non-polymer   . WATER                                                     ? 'H2 O'            18.015  
NCO non-polymer   . 'COBALT HEXAMMINE(III)'                                   ? 'Co H18 N6 3'     161.116 
S9L non-polymer   . '2-[2-(2-HYDROXYETHOXY)ETHOXY]ETHYL DIHYDROGEN PHOSPHATE' ? 'C6 H15 O7 P'     230.153 
SO4 non-polymer   . 'SULFATE ION'                                             ? 'O4 S -2'         96.063  
U   'RNA linking' y "URIDINE-5'-MONOPHOSPHATE"                                ? 'C9 H13 N2 O9 P'  324.181 
# 
_exptl.entry_id          3B58 
_exptl.method            'X-RAY DIFFRACTION' 
_exptl.crystals_number   1 
# 
_exptl_crystal.id                    1 
_exptl_crystal.density_meas          ? 
_exptl_crystal.density_Matthews      4.20 
_exptl_crystal.density_percent_sol   78. 
_exptl_crystal.description           ? 
_exptl_crystal.F_000                 ? 
_exptl_crystal.preparation           ? 
# 
_exptl_crystal_grow.crystal_id      1 
_exptl_crystal_grow.method          'VAPOR DIFFUSION, HANGING DROP' 
_exptl_crystal_grow.temp            293 
_exptl_crystal_grow.pH              7.8 
_exptl_crystal_grow.pdbx_details    
'PEG 2K MME, lithium sulfate, HEPES, spermidine, cobalt hexaammine, pH 7.8, VAPOR DIFFUSION, HANGING DROP, temperature 293K' 
_exptl_crystal_grow.temp_details    ? 
_exptl_crystal_grow.pdbx_pH_range   . 
# 
loop_
_exptl_crystal_grow_comp.crystal_id 
_exptl_crystal_grow_comp.id 
_exptl_crystal_grow_comp.sol_id 
_exptl_crystal_grow_comp.name 
_exptl_crystal_grow_comp.conc 
_exptl_crystal_grow_comp.volume 
_exptl_crystal_grow_comp.details 
1 1 1 'PEG 2K MME'        ? ? ? 
1 2 1 Li2SO4              ? ? ? 
1 3 1 HEPES               ? ? ? 
1 4 1 spermidine          ? ? ? 
1 5 1 'cobalt hexaammine' ? ? ? 
1 6 2 'PEG 2K MME'        ? ? ? 
1 7 2 Li2SO4              ? ? ? 
1 8 2 HEPES               ? ? ? 
1 9 2 spermidine          ? ? ? 
# 
_diffrn.id                     1 
_diffrn.ambient_temp           100 
_diffrn.ambient_temp_details   ? 
_diffrn.crystal_id             1 
# 
_diffrn_detector.diffrn_id              1 
_diffrn_detector.detector               CCD 
_diffrn_detector.type                   'ADSC QUANTUM 270' 
_diffrn_detector.pdbx_collection_date   2007-05-10 
_diffrn_detector.details                'cylindrically bent rhodium-coated silicon mirror' 
# 
_diffrn_radiation.diffrn_id                        1 
_diffrn_radiation.wavelength_id                    1 
_diffrn_radiation.pdbx_monochromatic_or_laue_m_l   M 
_diffrn_radiation.monochromator                    'Horizontal bent Si(111), asymmetrically cut with water cooled Cu Block' 
_diffrn_radiation.pdbx_diffrn_protocol             'SINGLE WAVELENGTH' 
_diffrn_radiation.pdbx_scattering_type             x-ray 
# 
_diffrn_radiation_wavelength.id           1 
_diffrn_radiation_wavelength.wavelength   0.918 
_diffrn_radiation_wavelength.wt           1.0 
# 
_diffrn_source.diffrn_id                   1 
_diffrn_source.source                      SYNCHROTRON 
_diffrn_source.type                        'CHESS BEAMLINE F1' 
_diffrn_source.pdbx_synchrotron_site       CHESS 
_diffrn_source.pdbx_synchrotron_beamline   F1 
_diffrn_source.pdbx_wavelength             ? 
_diffrn_source.pdbx_wavelength_list        0.918 
# 
_reflns.entry_id                     3B58 
_reflns.observed_criterion_sigma_I   ? 
_reflns.observed_criterion_sigma_F   ? 
_reflns.d_resolution_low             29.8 
_reflns.d_resolution_high            2.65 
_reflns.number_obs                   10328 
_reflns.number_all                   10426 
_reflns.percent_possible_obs         99.1 
_reflns.pdbx_Rmerge_I_obs            ? 
_reflns.pdbx_Rsym_value              .057 
_reflns.pdbx_netI_over_sigmaI        20.7 
_reflns.B_iso_Wilson_estimate        57.2 
_reflns.pdbx_redundancy              10.2 
_reflns.R_free_details               ? 
_reflns.pdbx_chi_squared             ? 
_reflns.pdbx_scaling_rejects         ? 
_reflns.pdbx_diffrn_id               1 
_reflns.pdbx_ordinal                 1 
# 
_reflns_shell.d_res_high             2.65 
_reflns_shell.d_res_low              2.74 
_reflns_shell.percent_possible_all   99.4 
_reflns_shell.Rmerge_I_obs           ? 
_reflns_shell.pdbx_Rsym_value        .047 
_reflns_shell.meanI_over_sigI_obs    3.8 
_reflns_shell.pdbx_redundancy        11.7 
_reflns_shell.percent_possible_obs   ? 
_reflns_shell.number_unique_all      1020 
_reflns_shell.number_measured_all    ? 
_reflns_shell.number_measured_obs    ? 
_reflns_shell.number_unique_obs      ? 
_reflns_shell.pdbx_chi_squared       ? 
_reflns_shell.pdbx_diffrn_id         ? 
_reflns_shell.pdbx_ordinal           1 
# 
_refine.entry_id                                 3B58 
_refine.ls_number_reflns_obs                     10312 
_refine.ls_number_reflns_all                     10426 
_refine.pdbx_ls_sigma_I                          ? 
_refine.pdbx_ls_sigma_F                          -3.0 
_refine.pdbx_data_cutoff_high_absF               407319.73 
_refine.pdbx_data_cutoff_low_absF                0.000000 
_refine.pdbx_data_cutoff_high_rms_absF           ? 
_refine.ls_d_res_low                             29.80 
_refine.ls_d_res_high                            2.65 
_refine.ls_percent_reflns_obs                    98.8 
_refine.ls_R_factor_obs                          0.237 
_refine.ls_R_factor_all                          0.237 
_refine.ls_R_factor_R_work                       0.236 
_refine.ls_R_factor_R_free                       0.262 
_refine.ls_R_factor_R_free_error                 0.008 
_refine.ls_R_factor_R_free_error_details         ? 
_refine.ls_percent_reflns_R_free                 9.3 
_refine.ls_number_reflns_R_free                  958 
_refine.ls_number_parameters                     ? 
_refine.ls_number_restraints                     ? 
_refine.occupancy_min                            ? 
_refine.occupancy_max                            ? 
_refine.correlation_coeff_Fo_to_Fc               ? 
_refine.correlation_coeff_Fo_to_Fc_free          ? 
_refine.B_iso_mean                               84.3 
_refine.aniso_B[1][1]                            -10.19 
_refine.aniso_B[2][2]                            -10.19 
_refine.aniso_B[3][3]                            20.38 
_refine.aniso_B[1][2]                            -12.86 
_refine.aniso_B[1][3]                            0.00 
_refine.aniso_B[2][3]                            0.00 
_refine.solvent_model_details                    'FLAT MODEL' 
_refine.solvent_model_param_ksol                 0.308089 
_refine.solvent_model_param_bsol                 66.8997 
_refine.pdbx_solvent_vdw_probe_radii             ? 
_refine.pdbx_solvent_ion_probe_radii             ? 
_refine.pdbx_solvent_shrinkage_radii             ? 
_refine.pdbx_ls_cross_valid_method               THROUGHOUT 
_refine.details                                  ? 
_refine.pdbx_starting_model                      2P7F 
_refine.pdbx_method_to_determine_struct          'FOURIER SYNTHESIS' 
_refine.pdbx_isotropic_thermal_model             RESTRAINED 
_refine.pdbx_stereochemistry_target_values       'Engh & Huber' 
_refine.pdbx_stereochem_target_val_spec_case     ? 
_refine.pdbx_R_Free_selection_details            RANDOM 
_refine.pdbx_overall_ESU_R                       ? 
_refine.pdbx_overall_ESU_R_Free                  ? 
_refine.overall_SU_ML                            ? 
_refine.overall_SU_B                             ? 
_refine.ls_redundancy_reflns_obs                 ? 
_refine.overall_SU_R_Cruickshank_DPI             ? 
_refine.overall_SU_R_free                        ? 
_refine.ls_wR_factor_R_free                      ? 
_refine.ls_wR_factor_R_work                      ? 
_refine.overall_FOM_free_R_set                   ? 
_refine.overall_FOM_work_R_set                   ? 
_refine.pdbx_overall_phase_error                 ? 
_refine.pdbx_refine_id                           'X-RAY DIFFRACTION' 
_refine.pdbx_diffrn_id                           1 
_refine.pdbx_TLS_residual_ADP_flag               ? 
_refine.pdbx_overall_SU_R_free_Cruickshank_DPI   ? 
_refine.pdbx_overall_SU_R_Blow_DPI               ? 
_refine.pdbx_overall_SU_R_free_Blow_DPI          ? 
# 
_refine_analyze.entry_id                        3B58 
_refine_analyze.Luzzati_coordinate_error_obs    0.33 
_refine_analyze.Luzzati_sigma_a_obs             0.48 
_refine_analyze.Luzzati_d_res_low_obs           29.80 
_refine_analyze.Luzzati_coordinate_error_free   0.38 
_refine_analyze.Luzzati_sigma_a_free            0.51 
_refine_analyze.Luzzati_d_res_low_free          ? 
_refine_analyze.number_disordered_residues      ? 
_refine_analyze.occupancy_sum_hydrogen          ? 
_refine_analyze.occupancy_sum_non_hydrogen      ? 
_refine_analyze.pdbx_refine_id                  'X-RAY DIFFRACTION' 
# 
_refine_hist.pdbx_refine_id                   'X-RAY DIFFRACTION' 
_refine_hist.cycle_id                         LAST 
_refine_hist.pdbx_number_atoms_protein        0 
_refine_hist.pdbx_number_atoms_nucleic_acid   1390 
_refine_hist.pdbx_number_atoms_ligand         19 
_refine_hist.number_atoms_solvent             11 
_refine_hist.number_atoms_total               1420 
_refine_hist.d_res_high                       2.65 
_refine_hist.d_res_low                        29.80 
# 
loop_
_refine_ls_restr.type 
_refine_ls_restr.dev_ideal 
_refine_ls_restr.dev_ideal_target 
_refine_ls_restr.weight 
_refine_ls_restr.number 
_refine_ls_restr.pdbx_refine_id 
_refine_ls_restr.pdbx_restraint_function 
c_bond_d           0.007 ? ? ? 'X-RAY DIFFRACTION' ? 
c_angle_deg        1.6   ? ? ? 'X-RAY DIFFRACTION' ? 
c_dihedral_angle_d 18.3  ? ? ? 'X-RAY DIFFRACTION' ? 
c_improper_angle_d 1.98  ? ? ? 'X-RAY DIFFRACTION' ? 
# 
_refine_ls_shell.pdbx_total_number_of_bins_used   4 
_refine_ls_shell.d_res_high                       2.65 
_refine_ls_shell.d_res_low                        2.92 
_refine_ls_shell.number_reflns_R_work             2294 
_refine_ls_shell.R_factor_R_work                  0.608 
_refine_ls_shell.percent_reflns_obs               100.0 
_refine_ls_shell.R_factor_R_free                  0.615 
_refine_ls_shell.R_factor_R_free_error            0.040 
_refine_ls_shell.percent_reflns_R_free            9.3 
_refine_ls_shell.number_reflns_R_free             235 
_refine_ls_shell.number_reflns_all                ? 
_refine_ls_shell.R_factor_all                     ? 
_refine_ls_shell.number_reflns_obs                2529 
_refine_ls_shell.redundancy_reflns_obs            ? 
_refine_ls_shell.pdbx_refine_id                   'X-RAY DIFFRACTION' 
# 
loop_
_pdbx_xplor_file.serial_no 
_pdbx_xplor_file.param_file 
_pdbx_xplor_file.topol_file 
_pdbx_xplor_file.pdbx_refine_id 
1 water_rep.param dna-rna0107.top 'X-RAY DIFFRACTION' 
2 dna-rna0107.par water.top       'X-RAY DIFFRACTION' 
3 cobalt.par      cobalt.top      'X-RAY DIFFRACTION' 
4 ion.param       ion.top         'X-RAY DIFFRACTION' 
# 
_struct.entry_id                  3B58 
_struct.title                     
;Minimally Junctioned Hairpin Ribozyme Incorporates A38G Mutation and a 2',5'-Phosphodiester Linkage at the Active Site
;
_struct.pdbx_model_details        ? 
_struct.pdbx_CASP_flag            N 
_struct.pdbx_model_type_details   ? 
# 
_struct_keywords.entry_id        3B58 
_struct_keywords.pdbx_keywords   RNA 
_struct_keywords.text            
;hairpin ribozyme; 2', 5' phosphodiester, RNA
;
# 
loop_
_struct_asym.id 
_struct_asym.pdbx_blank_PDB_chainid_flag 
_struct_asym.pdbx_modified 
_struct_asym.entity_id 
_struct_asym.details 
A N N 1 ? 
B N N 2 ? 
C N N 3 ? 
D N N 4 ? 
E N N 5 ? 
F N N 5 ? 
G N N 6 ? 
H N N 6 ? 
I N N 6 ? 
# 
_struct_biol.id        1 
_struct_biol.details   ? 
# 
loop_
_struct_conn.id 
_struct_conn.conn_type_id 
_struct_conn.pdbx_leaving_atom_flag 
_struct_conn.pdbx_PDB_id 
_struct_conn.ptnr1_label_asym_id 
_struct_conn.ptnr1_label_comp_id 
_struct_conn.ptnr1_label_seq_id 
_struct_conn.ptnr1_label_atom_id 
_struct_conn.pdbx_ptnr1_label_alt_id 
_struct_conn.pdbx_ptnr1_PDB_ins_code 
_struct_conn.pdbx_ptnr1_standard_comp_id 
_struct_conn.ptnr1_symmetry 
_struct_conn.ptnr2_label_asym_id 
_struct_conn.ptnr2_label_comp_id 
_struct_conn.ptnr2_label_seq_id 
_struct_conn.ptnr2_label_atom_id 
_struct_conn.pdbx_ptnr2_label_alt_id 
_struct_conn.pdbx_ptnr2_PDB_ins_code 
_struct_conn.ptnr1_auth_asym_id 
_struct_conn.ptnr1_auth_comp_id 
_struct_conn.ptnr1_auth_seq_id 
_struct_conn.ptnr2_auth_asym_id 
_struct_conn.ptnr2_auth_comp_id 
_struct_conn.ptnr2_auth_seq_id 
_struct_conn.ptnr2_symmetry 
_struct_conn.pdbx_ptnr3_label_atom_id 
_struct_conn.pdbx_ptnr3_label_seq_id 
_struct_conn.pdbx_ptnr3_label_comp_id 
_struct_conn.pdbx_ptnr3_label_asym_id 
_struct_conn.pdbx_ptnr3_label_alt_id 
_struct_conn.pdbx_ptnr3_PDB_ins_code 
_struct_conn.details 
_struct_conn.pdbx_dist_value 
_struct_conn.pdbx_value_order 
_struct_conn.pdbx_role 
covale1  covale one  ? A A   5  "O2'" ? ? ? 1_555 A G   6  P  ? ? A A   5  A G   6  1_555 ? ? ? ? ? ? ?                    1.575 ? 
? 
covale2  covale both ? B G   12 "O3'" ? ? ? 1_555 B S9L 13 P  ? ? B G   13 B S9L 14 1_555 ? ? ? ? ? ? ?                    1.608 ? 
? 
covale3  covale both ? B S9L 13 "O3'" ? ? ? 1_555 B G   14 P  ? ? B S9L 14 B G   15 1_555 ? ? ? ? ? ? ?                    1.605 ? 
? 
hydrog1  hydrog ?    ? A C   2  N3    ? ? ? 1_555 B G   12 N1 ? ? A C   2  B G   13 1_555 ? ? ? ? ? ? WATSON-CRICK         ?     ? 
? 
hydrog2  hydrog ?    ? A C   2  N4    ? ? ? 1_555 B G   12 O6 ? ? A C   2  B G   13 1_555 ? ? ? ? ? ? WATSON-CRICK         ?     ? 
? 
hydrog3  hydrog ?    ? A C   2  O2    ? ? ? 1_555 B G   12 N2 ? ? A C   2  B G   13 1_555 ? ? ? ? ? ? WATSON-CRICK         ?     ? 
? 
hydrog4  hydrog ?    ? A C   3  N3    ? ? ? 1_555 B G   11 N1 ? ? A C   3  B G   12 1_555 ? ? ? ? ? ? WATSON-CRICK         ?     ? 
? 
hydrog5  hydrog ?    ? A C   3  N4    ? ? ? 1_555 B G   11 O6 ? ? A C   3  B G   12 1_555 ? ? ? ? ? ? WATSON-CRICK         ?     ? 
? 
hydrog6  hydrog ?    ? A C   3  O2    ? ? ? 1_555 B G   11 N2 ? ? A C   3  B G   12 1_555 ? ? ? ? ? ? WATSON-CRICK         ?     ? 
? 
hydrog7  hydrog ?    ? A C   4  N3    ? ? ? 1_555 B G   10 N1 ? ? A C   4  B G   11 1_555 ? ? ? ? ? ? WATSON-CRICK         ?     ? 
? 
hydrog8  hydrog ?    ? A C   4  N4    ? ? ? 1_555 B G   10 O6 ? ? A C   4  B G   11 1_555 ? ? ? ? ? ? WATSON-CRICK         ?     ? 
? 
hydrog9  hydrog ?    ? A C   4  O2    ? ? ? 1_555 B G   10 N2 ? ? A C   4  B G   11 1_555 ? ? ? ? ? ? WATSON-CRICK         ?     ? 
? 
hydrog10 hydrog ?    ? A A   5  N3    ? ? ? 1_555 B A   8  N6 ? ? A A   5  B A   9  1_555 ? ? ? ? ? ? 'A-A MISPAIR'        ?     ? 
? 
hydrog11 hydrog ?    ? A A   5  N3    ? ? ? 1_555 B A   9  N6 ? ? A A   5  B A   10 1_555 ? ? ? ? ? ? 'A-A MISPAIR'        ?     ? 
? 
hydrog12 hydrog ?    ? A G   6  N1    ? ? ? 1_555 B C   24 N3 ? ? A G   6  B C   25 1_555 ? ? ? ? ? ? WATSON-CRICK         ?     ? 
? 
hydrog13 hydrog ?    ? A G   6  N2    ? ? ? 1_555 B C   24 O2 ? ? A G   6  B C   25 1_555 ? ? ? ? ? ? WATSON-CRICK         ?     ? 
? 
hydrog14 hydrog ?    ? A G   6  O6    ? ? ? 1_555 B C   24 N4 ? ? A G   6  B C   25 1_555 ? ? ? ? ? ? WATSON-CRICK         ?     ? 
? 
hydrog15 hydrog ?    ? A U   7  O4    ? ? ? 1_555 B G   7  N2 ? ? A U   7  B G   8  1_555 ? ? ? ? ? ? 'U-G MISPAIR'        ?     ? 
? 
hydrog16 hydrog ?    ? A C   8  N4    ? ? ? 1_555 B A   6  N1 ? ? A C   8  B A   7  1_555 ? ? ? ? ? ? 'C-A MISPAIR'        ?     ? 
? 
hydrog17 hydrog ?    ? A C   9  N3    ? ? ? 1_555 B G   5  N1 ? ? A C   9  B G   6  1_555 ? ? ? ? ? ? WATSON-CRICK         ?     ? 
? 
hydrog18 hydrog ?    ? A C   9  N4    ? ? ? 1_555 B G   5  O6 ? ? A C   9  B G   6  1_555 ? ? ? ? ? ? WATSON-CRICK         ?     ? 
? 
hydrog19 hydrog ?    ? A C   9  O2    ? ? ? 1_555 B G   5  N2 ? ? A C   9  B G   6  1_555 ? ? ? ? ? ? WATSON-CRICK         ?     ? 
? 
hydrog20 hydrog ?    ? A A   10 N1    ? ? ? 1_555 B U   4  N3 ? ? A A   10 B U   5  1_555 ? ? ? ? ? ? WATSON-CRICK         ?     ? 
? 
hydrog21 hydrog ?    ? A A   10 N6    ? ? ? 1_555 B U   4  O4 ? ? A A   10 B U   5  1_555 ? ? ? ? ? ? WATSON-CRICK         ?     ? 
? 
hydrog22 hydrog ?    ? A C   11 N3    ? ? ? 1_555 B G   3  N1 ? ? A C   11 B G   4  1_555 ? ? ? ? ? ? WATSON-CRICK         ?     ? 
? 
hydrog23 hydrog ?    ? A C   11 N4    ? ? ? 1_555 B G   3  O6 ? ? A C   11 B G   4  1_555 ? ? ? ? ? ? WATSON-CRICK         ?     ? 
? 
hydrog24 hydrog ?    ? A C   11 O2    ? ? ? 1_555 B G   3  N2 ? ? A C   11 B G   4  1_555 ? ? ? ? ? ? WATSON-CRICK         ?     ? 
? 
hydrog25 hydrog ?    ? A C   12 N3    ? ? ? 1_555 B G   2  N1 ? ? A C   12 B G   3  1_555 ? ? ? ? ? ? WATSON-CRICK         ?     ? 
? 
hydrog26 hydrog ?    ? A C   12 N4    ? ? ? 1_555 B G   2  O6 ? ? A C   12 B G   3  1_555 ? ? ? ? ? ? WATSON-CRICK         ?     ? 
? 
hydrog27 hydrog ?    ? A C   12 O2    ? ? ? 1_555 B G   2  N2 ? ? A C   12 B G   3  1_555 ? ? ? ? ? ? WATSON-CRICK         ?     ? 
? 
hydrog28 hydrog ?    ? A G   13 N1    ? ? ? 1_555 B C   1  N3 ? ? A G   13 B C   2  1_555 ? ? ? ? ? ? WATSON-CRICK         ?     ? 
? 
hydrog29 hydrog ?    ? A G   13 N2    ? ? ? 1_555 B C   1  O2 ? ? A G   13 B C   2  1_555 ? ? ? ? ? ? WATSON-CRICK         ?     ? 
? 
hydrog30 hydrog ?    ? A G   13 O6    ? ? ? 1_555 B C   1  N4 ? ? A G   13 B C   2  1_555 ? ? ? ? ? ? WATSON-CRICK         ?     ? 
? 
hydrog31 hydrog ?    ? B G   14 N1    ? ? ? 1_555 C C   19 N3 ? ? B G   15 C C   49 1_555 ? ? ? ? ? ? WATSON-CRICK         ?     ? 
? 
hydrog32 hydrog ?    ? B G   14 N2    ? ? ? 1_555 C C   19 O2 ? ? B G   15 C C   49 1_555 ? ? ? ? ? ? WATSON-CRICK         ?     ? 
? 
hydrog33 hydrog ?    ? B G   14 O6    ? ? ? 1_555 C C   19 N4 ? ? B G   15 C C   49 1_555 ? ? ? ? ? ? WATSON-CRICK         ?     ? 
? 
hydrog34 hydrog ?    ? B G   15 N1    ? ? ? 1_555 C C   18 N3 ? ? B G   16 C C   48 1_555 ? ? ? ? ? ? WATSON-CRICK         ?     ? 
? 
hydrog35 hydrog ?    ? B G   15 N2    ? ? ? 1_555 C C   18 O2 ? ? B G   16 C C   48 1_555 ? ? ? ? ? ? WATSON-CRICK         ?     ? 
? 
hydrog36 hydrog ?    ? B G   15 O6    ? ? ? 1_555 C C   18 N4 ? ? B G   16 C C   48 1_555 ? ? ? ? ? ? WATSON-CRICK         ?     ? 
? 
hydrog37 hydrog ?    ? B C   16 N3    ? ? ? 1_555 C G   17 N1 ? ? B C   17 C G   47 1_555 ? ? ? ? ? ? WATSON-CRICK         ?     ? 
? 
hydrog38 hydrog ?    ? B C   16 N4    ? ? ? 1_555 C G   17 O6 ? ? B C   17 C G   47 1_555 ? ? ? ? ? ? WATSON-CRICK         ?     ? 
? 
hydrog39 hydrog ?    ? B C   16 O2    ? ? ? 1_555 C G   17 N2 ? ? B C   17 C G   47 1_555 ? ? ? ? ? ? WATSON-CRICK         ?     ? 
? 
hydrog40 hydrog ?    ? B A   17 N1    ? ? ? 1_555 C U   16 N3 ? ? B A   18 C U   46 1_555 ? ? ? ? ? ? WATSON-CRICK         ?     ? 
? 
hydrog41 hydrog ?    ? B A   17 N6    ? ? ? 1_555 C U   16 O4 ? ? B A   18 C U   46 1_555 ? ? ? ? ? ? WATSON-CRICK         ?     ? 
? 
hydrog42 hydrog ?    ? B G   18 N1    ? ? ? 1_555 C C   15 N3 ? ? B G   19 C C   45 1_555 ? ? ? ? ? ? WATSON-CRICK         ?     ? 
? 
hydrog43 hydrog ?    ? B G   18 N2    ? ? ? 1_555 C C   15 O2 ? ? B G   19 C C   45 1_555 ? ? ? ? ? ? WATSON-CRICK         ?     ? 
? 
hydrog44 hydrog ?    ? B G   18 O6    ? ? ? 1_555 C C   15 N4 ? ? B G   19 C C   45 1_555 ? ? ? ? ? ? WATSON-CRICK         ?     ? 
? 
hydrog45 hydrog ?    ? B A   19 N1    ? ? ? 1_555 C C   14 N4 ? ? B A   20 C C   44 1_555 ? ? ? ? ? ? 'A-C MISPAIR'        ?     ? 
? 
hydrog46 hydrog ?    ? B G   20 N2    ? ? ? 1_555 C A   13 N7 ? ? B G   21 C A   43 1_555 ? ? ? ? ? ? TYPE_11_PAIR         ?     ? 
? 
hydrog47 hydrog ?    ? B G   20 N3    ? ? ? 1_555 C A   13 N6 ? ? B G   21 C A   43 1_555 ? ? ? ? ? ? TYPE_11_PAIR         ?     ? 
? 
hydrog48 hydrog ?    ? B A   21 N6    ? ? ? 1_555 C U   11 O2 ? ? B A   22 C U   41 1_555 ? ? ? ? ? ? 'REVERSED HOOGSTEEN' ?     ? 
? 
hydrog49 hydrog ?    ? B A   21 N7    ? ? ? 1_555 C U   11 N3 ? ? B A   22 C U   41 1_555 ? ? ? ? ? ? 'REVERSED HOOGSTEEN' ?     ? 
? 
hydrog50 hydrog ?    ? B A   22 N6    ? ? ? 1_555 C A   10 N1 ? ? B A   23 C A   40 1_555 ? ? ? ? ? ? 'A-A MISPAIR'        ?     ? 
? 
hydrog51 hydrog ?    ? B A   23 N6    ? ? ? 1_555 C G   8  O6 A ? B A   24 C G   38 1_555 ? ? ? ? ? ? 'A-G MISPAIR'        ?     ? 
? 
hydrog52 hydrog ?    ? B A   25 N1    ? ? ? 1_555 C G   6  N1 ? ? B A   26 C G   36 1_555 ? ? ? ? ? ? TYPE_8_PAIR          ?     ? 
? 
hydrog53 hydrog ?    ? B A   25 N6    ? ? ? 1_555 C G   6  O6 ? ? B A   26 C G   36 1_555 ? ? ? ? ? ? TYPE_8_PAIR          ?     ? 
? 
hydrog54 hydrog ?    ? B C   26 N3    ? ? ? 1_555 C G   5  N1 ? ? B C   27 C G   35 1_555 ? ? ? ? ? ? WATSON-CRICK         ?     ? 
? 
hydrog55 hydrog ?    ? B C   26 N4    ? ? ? 1_555 C G   5  O6 ? ? B C   27 C G   35 1_555 ? ? ? ? ? ? WATSON-CRICK         ?     ? 
? 
hydrog56 hydrog ?    ? B C   26 O2    ? ? ? 1_555 C G   5  N2 ? ? B C   27 C G   35 1_555 ? ? ? ? ? ? WATSON-CRICK         ?     ? 
? 
hydrog57 hydrog ?    ? B A   27 N1    ? ? ? 1_555 C U   4  N3 ? ? B A   28 C U   34 1_555 ? ? ? ? ? ? WATSON-CRICK         ?     ? 
? 
hydrog58 hydrog ?    ? B A   27 N6    ? ? ? 1_555 C U   4  O4 ? ? B A   28 C U   34 1_555 ? ? ? ? ? ? WATSON-CRICK         ?     ? 
? 
hydrog59 hydrog ?    ? B C   28 N3    ? ? ? 1_555 C G   3  N1 ? ? B C   29 C G   33 1_555 ? ? ? ? ? ? WATSON-CRICK         ?     ? 
? 
hydrog60 hydrog ?    ? B C   28 N4    ? ? ? 1_555 C G   3  O6 ? ? B C   29 C G   33 1_555 ? ? ? ? ? ? WATSON-CRICK         ?     ? 
? 
hydrog61 hydrog ?    ? B C   28 O2    ? ? ? 1_555 C G   3  N2 ? ? B C   29 C G   33 1_555 ? ? ? ? ? ? WATSON-CRICK         ?     ? 
? 
hydrog62 hydrog ?    ? B G   29 N1    ? ? ? 1_555 C C   2  N3 ? ? B G   30 C C   32 1_555 ? ? ? ? ? ? WATSON-CRICK         ?     ? 
? 
hydrog63 hydrog ?    ? B G   29 N2    ? ? ? 1_555 C C   2  O2 ? ? B G   30 C C   32 1_555 ? ? ? ? ? ? WATSON-CRICK         ?     ? 
? 
hydrog64 hydrog ?    ? B G   29 O6    ? ? ? 1_555 C C   2  N4 ? ? B G   30 C C   32 1_555 ? ? ? ? ? ? WATSON-CRICK         ?     ? 
? 
hydrog65 hydrog ?    ? B A   30 N1    ? ? ? 1_555 C U   1  N3 ? ? B A   31 C U   31 1_555 ? ? ? ? ? ? WATSON-CRICK         ?     ? 
? 
hydrog66 hydrog ?    ? B A   30 N6    ? ? ? 1_555 C U   1  O4 ? ? B A   31 C U   31 1_555 ? ? ? ? ? ? WATSON-CRICK         ?     ? 
? 
# 
loop_
_struct_conn_type.id 
_struct_conn_type.criteria 
_struct_conn_type.reference 
covale ? ? 
hydrog ? ? 
# 
_atom_sites.entry_id                    3B58 
_atom_sites.fract_transf_matrix[1][1]   0.00533494 
_atom_sites.fract_transf_matrix[1][2]   -0.00732516 
_atom_sites.fract_transf_matrix[1][3]   0.00841511 
_atom_sites.fract_transf_matrix[2][1]   -0.00156004 
_atom_sites.fract_transf_matrix[2][2]   -0.01225396 
_atom_sites.fract_transf_matrix[2][3]   -0.00059111 
_atom_sites.fract_transf_matrix[3][1]   0.00613293 
_atom_sites.fract_transf_matrix[3][2]   -0.00056931 
_atom_sites.fract_transf_matrix[3][3]   -0.00438368 
_atom_sites.fract_transf_vector[1]      0.427117 
_atom_sites.fract_transf_vector[2]      0.207967 
_atom_sites.fract_transf_vector[3]      0.382228 
# 
loop_
_atom_type.symbol 
C  
CO 
N  
O  
P  
S  
# 
loop_
_atom_site.group_PDB 
_atom_site.id 
_atom_site.type_symbol 
_atom_site.label_atom_id 
_atom_site.label_alt_id 
_atom_site.label_comp_id 
_atom_site.label_asym_id 
_atom_site.label_entity_id 
_atom_site.label_seq_id 
_atom_site.pdbx_PDB_ins_code 
_atom_site.Cartn_x 
_atom_site.Cartn_y 
_atom_site.Cartn_z 
_atom_site.occupancy 
_atom_site.B_iso_or_equiv 
_atom_site.pdbx_formal_charge 
_atom_site.auth_seq_id 
_atom_site.auth_comp_id 
_atom_site.auth_asym_id 
_atom_site.auth_atom_id 
_atom_site.pdbx_PDB_model_num 
ATOM   1    O  "O5'" A U   A 1 1  ? 12.290  -13.656 1.660   0.50 98.39  ? 1  U   A "O5'" 1 
ATOM   2    O  "O5'" B U   A 1 1  ? 12.391  -13.507 0.912   0.50 85.02  ? 1  U   A "O5'" 1 
ATOM   3    C  "C5'" A U   A 1 1  ? 13.302  -14.529 1.153   0.50 95.74  ? 1  U   A "C5'" 1 
ATOM   4    C  "C5'" B U   A 1 1  ? 11.920  -14.760 1.417   0.50 82.68  ? 1  U   A "C5'" 1 
ATOM   5    C  "C4'" A U   A 1 1  ? 12.751  -15.614 0.240   0.50 94.63  ? 1  U   A "C4'" 1 
ATOM   6    C  "C4'" B U   A 1 1  ? 11.974  -15.850 0.370   0.50 81.36  ? 1  U   A "C4'" 1 
ATOM   7    O  "O4'" A U   A 1 1  ? 12.293  -16.743 1.013   0.50 95.67  ? 1  U   A "O4'" 1 
ATOM   8    O  "O4'" B U   A 1 1  ? 11.286  -17.023 0.885   0.50 78.56  ? 1  U   A "O4'" 1 
ATOM   9    C  "C3'" A U   A 1 1  ? 11.578  -15.237 -0.655  0.50 94.56  ? 1  U   A "C3'" 1 
ATOM   10   C  "C3'" B U   A 1 1  ? 11.255  -15.544 -0.940  0.50 82.60  ? 1  U   A "C3'" 1 
ATOM   11   O  "O3'" A U   A 1 1  ? 12.088  -14.709 -1.857  0.50 88.88  ? 1  U   A "O3'" 1 
ATOM   12   O  "O3'" B U   A 1 1  ? 12.053  -14.744 -1.831  0.50 83.12  ? 1  U   A "O3'" 1 
ATOM   13   C  "C2'" A U   A 1 1  ? 10.886  -16.571 -0.903  0.50 96.10  ? 1  U   A "C2'" 1 
ATOM   14   C  "C2'" B U   A 1 1  ? 10.949  -16.949 -1.467  0.50 80.24  ? 1  U   A "C2'" 1 
ATOM   15   O  "O2'" A U   A 1 1  ? 11.502  -17.347 -1.907  0.50 97.35  ? 1  U   A "O2'" 1 
ATOM   16   O  "O2'" B U   A 1 1  ? 12.051  -17.600 -2.063  0.50 81.78  ? 1  U   A "O2'" 1 
ATOM   17   C  "C1'" A U   A 1 1  ? 11.078  -17.233 0.459   0.50 95.26  ? 1  U   A "C1'" 1 
ATOM   18   C  "C1'" B U   A 1 1  ? 10.606  -17.686 -0.171  0.50 75.74  ? 1  U   A "C1'" 1 
ATOM   19   N  N1    A U   A 1 1  ? 10.047  -16.771 1.379   0.50 93.83  ? 1  U   A N1    1 
ATOM   20   N  N1    B U   A 1 1  ? 9.164   -17.694 0.121   0.50 68.60  ? 1  U   A N1    1 
ATOM   21   C  C2    A U   A 1 1  ? 8.725   -17.083 1.139   0.50 93.53  ? 1  U   A C2    1 
ATOM   22   C  C2    B U   A 1 1  ? 8.364   -18.412 -0.733  0.50 66.92  ? 1  U   A C2    1 
ATOM   23   O  O2    A U   A 1 1  ? 8.352   -17.780 0.207   0.50 93.19  ? 1  U   A O2    1 
ATOM   24   O  O2    B U   A 1 1  ? 8.819   -19.044 -1.670  0.50 62.64  ? 1  U   A O2    1 
ATOM   25   N  N3    A U   A 1 1  ? 7.863   -16.544 2.043   0.50 93.18  ? 1  U   A N3    1 
ATOM   26   N  N3    B U   A 1 1  ? 7.022   -18.363 -0.451  0.50 65.28  ? 1  U   A N3    1 
ATOM   27   C  C4    A U   A 1 1  ? 8.203   -15.757 3.115   0.50 92.80  ? 1  U   A C4    1 
ATOM   28   C  C4    B U   A 1 1  ? 6.420   -17.680 0.581   0.50 64.70  ? 1  U   A C4    1 
ATOM   29   O  O4    A U   A 1 1  ? 7.324   -15.220 3.739   0.50 91.39  ? 1  U   A O4    1 
ATOM   30   O  O4    B U   A 1 1  ? 5.201   -17.655 0.643   0.50 63.50  ? 1  U   A O4    1 
ATOM   31   C  C5    A U   A 1 1  ? 9.574   -15.530 3.313   0.50 92.60  ? 1  U   A C5    1 
ATOM   32   C  C5    B U   A 1 1  ? 7.311   -16.978 1.442   0.50 64.99  ? 1  U   A C5    1 
ATOM   33   C  C6    A U   A 1 1  ? 10.427  -16.021 2.461   0.50 92.62  ? 1  U   A C6    1 
ATOM   34   C  C6    B U   A 1 1  ? 8.624   -17.007 1.191   0.50 67.28  ? 1  U   A C6    1 
ATOM   35   P  P     . C   A 1 2  ? 11.438  -13.392 -2.480  1.00 86.01  ? 2  C   A P     1 
ATOM   36   O  OP1   . C   A 1 2  ? 12.130  -13.159 -3.778  1.00 83.99  ? 2  C   A OP1   1 
ATOM   37   O  OP2   . C   A 1 2  ? 11.428  -12.321 -1.446  1.00 74.57  ? 2  C   A OP2   1 
ATOM   38   O  "O5'" . C   A 1 2  ? 9.928   -13.791 -2.770  1.00 79.89  ? 2  C   A "O5'" 1 
ATOM   39   C  "C5'" . C   A 1 2  ? 9.616   -14.710 -3.796  1.00 66.43  ? 2  C   A "C5'" 1 
ATOM   40   C  "C4'" . C   A 1 2  ? 8.127   -14.893 -3.881  1.00 63.71  ? 2  C   A "C4'" 1 
ATOM   41   O  "O4'" . C   A 1 2  ? 7.701   -15.561 -2.671  1.00 65.44  ? 2  C   A "O4'" 1 
ATOM   42   C  "C3'" . C   A 1 2  ? 7.292   -13.619 -3.909  1.00 57.78  ? 2  C   A "C3'" 1 
ATOM   43   O  "O3'" . C   A 1 2  ? 7.179   -13.041 -5.211  1.00 61.88  ? 2  C   A "O3'" 1 
ATOM   44   C  "C2'" . C   A 1 2  ? 5.959   -14.129 -3.387  1.00 60.59  ? 2  C   A "C2'" 1 
ATOM   45   O  "O2'" . C   A 1 2  ? 5.258   -14.868 -4.365  1.00 58.00  ? 2  C   A "O2'" 1 
ATOM   46   C  "C1'" . C   A 1 2  ? 6.420   -15.100 -2.301  1.00 59.59  ? 2  C   A "C1'" 1 
ATOM   47   N  N1    . C   A 1 2  ? 6.516   -14.486 -0.974  1.00 55.20  ? 2  C   A N1    1 
ATOM   48   C  C2    . C   A 1 2  ? 5.344   -14.273 -0.254  1.00 52.31  ? 2  C   A C2    1 
ATOM   49   O  O2    . C   A 1 2  ? 4.277   -14.610 -0.759  1.00 55.23  ? 2  C   A O2    1 
ATOM   50   N  N3    . C   A 1 2  ? 5.400   -13.701 0.964   1.00 52.76  ? 2  C   A N3    1 
ATOM   51   C  C4    . C   A 1 2  ? 6.576   -13.330 1.466   1.00 52.47  ? 2  C   A C4    1 
ATOM   52   N  N4    . C   A 1 2  ? 6.583   -12.745 2.662   1.00 54.72  ? 2  C   A N4    1 
ATOM   53   C  C5    . C   A 1 2  ? 7.798   -13.538 0.757   1.00 51.48  ? 2  C   A C5    1 
ATOM   54   C  C6    . C   A 1 2  ? 7.721   -14.119 -0.448  1.00 51.23  ? 2  C   A C6    1 
ATOM   55   P  P     . C   A 1 3  ? 7.015   -11.442 -5.371  1.00 58.47  ? 3  C   A P     1 
ATOM   56   O  OP1   . C   A 1 3  ? 7.065   -11.109 -6.810  1.00 60.53  ? 3  C   A OP1   1 
ATOM   57   O  OP2   . C   A 1 3  ? 7.895   -10.726 -4.423  1.00 59.09  ? 3  C   A OP2   1 
ATOM   58   O  "O5'" . C   A 1 3  ? 5.524   -11.176 -4.920  1.00 55.89  ? 3  C   A "O5'" 1 
ATOM   59   C  "C5'" . C   A 1 3  ? 4.466   -11.693 -5.692  1.00 49.61  ? 3  C   A "C5'" 1 
ATOM   60   C  "C4'" . C   A 1 3  ? 3.152   -11.234 -5.143  1.00 54.47  ? 3  C   A "C4'" 1 
ATOM   61   O  "O4'" . C   A 1 3  ? 2.928   -11.858 -3.864  1.00 58.92  ? 3  C   A "O4'" 1 
ATOM   62   C  "C3'" . C   A 1 3  ? 3.054   -9.756  -4.860  1.00 56.28  ? 3  C   A "C3'" 1 
ATOM   63   O  "O3'" . C   A 1 3  ? 2.678   -9.083  -6.029  1.00 56.96  ? 3  C   A "O3'" 1 
ATOM   64   C  "C2'" . C   A 1 3  ? 1.946   -9.713  -3.824  1.00 59.01  ? 3  C   A "C2'" 1 
ATOM   65   O  "O2'" . C   A 1 3  ? 0.668   -9.896  -4.389  1.00 66.24  ? 3  C   A "O2'" 1 
ATOM   66   C  "C1'" . C   A 1 3  ? 2.267   -10.953 -3.008  1.00 57.55  ? 3  C   A "C1'" 1 
ATOM   67   N  N1    . C   A 1 3  ? 3.156   -10.657 -1.885  1.00 55.62  ? 3  C   A N1    1 
ATOM   68   C  C2    . C   A 1 3  ? 2.597   -10.171 -0.718  1.00 55.35  ? 3  C   A C2    1 
ATOM   69   O  O2    . C   A 1 3  ? 1.386   -9.946  -0.700  1.00 57.71  ? 3  C   A O2    1 
ATOM   70   N  N3    . C   A 1 3  ? 3.377   -9.951  0.356   1.00 53.48  ? 3  C   A N3    1 
ATOM   71   C  C4    . C   A 1 3  ? 4.682   -10.183 0.278   1.00 54.26  ? 3  C   A C4    1 
ATOM   72   N  N4    . C   A 1 3  ? 5.413   -9.971  1.365   1.00 55.09  ? 3  C   A N4    1 
ATOM   73   C  C5    . C   A 1 3  ? 5.295   -10.648 -0.921  1.00 54.00  ? 3  C   A C5    1 
ATOM   74   C  C6    . C   A 1 3  ? 4.499   -10.868 -1.970  1.00 51.91  ? 3  C   A C6    1 
ATOM   75   P  P     . C   A 1 4  ? 3.204   -7.603  -6.291  1.00 62.59  ? 4  C   A P     1 
ATOM   76   O  OP1   . C   A 1 4  ? 2.572   -7.217  -7.570  1.00 65.68  ? 4  C   A OP1   1 
ATOM   77   O  OP2   . C   A 1 4  ? 4.679   -7.566  -6.147  1.00 58.70  ? 4  C   A OP2   1 
ATOM   78   O  "O5'" . C   A 1 4  ? 2.555   -6.751  -5.119  1.00 61.50  ? 4  C   A "O5'" 1 
ATOM   79   C  "C5'" . C   A 1 4  ? 1.149   -6.644  -5.027  1.00 57.74  ? 4  C   A "C5'" 1 
ATOM   80   C  "C4'" . C   A 1 4  ? 0.754   -5.861  -3.806  1.00 62.10  ? 4  C   A "C4'" 1 
ATOM   81   O  "O4'" . C   A 1 4  ? 1.152   -6.584  -2.620  1.00 64.63  ? 4  C   A "O4'" 1 
ATOM   82   C  "C3'" . C   A 1 4  ? 1.468   -4.533  -3.662  1.00 65.90  ? 4  C   A "C3'" 1 
ATOM   83   O  "O3'" . C   A 1 4  ? 0.777   -3.552  -4.419  1.00 63.75  ? 4  C   A "O3'" 1 
ATOM   84   C  "C2'" . C   A 1 4  ? 1.359   -4.263  -2.168  1.00 63.26  ? 4  C   A "C2'" 1 
ATOM   85   O  "O2'" . C   A 1 4  ? 0.106   -3.741  -1.787  1.00 69.25  ? 4  C   A "O2'" 1 
ATOM   86   C  "C1'" . C   A 1 4  ? 1.476   -5.671  -1.600  1.00 60.14  ? 4  C   A "C1'" 1 
ATOM   87   N  N1    . C   A 1 4  ? 2.747   -6.039  -0.964  1.00 60.54  ? 4  C   A N1    1 
ATOM   88   C  C2    . C   A 1 4  ? 2.889   -5.737  0.373   1.00 60.78  ? 4  C   A C2    1 
ATOM   89   O  O2    . C   A 1 4  ? 1.944   -5.197  0.943   1.00 63.73  ? 4  C   A O2    1 
ATOM   90   N  N3    . C   A 1 4  ? 4.039   -6.039  1.019   1.00 59.85  ? 4  C   A N3    1 
ATOM   91   C  C4    . C   A 1 4  ? 5.030   -6.633  0.361   1.00 61.03  ? 4  C   A C4    1 
ATOM   92   N  N4    . C   A 1 4  ? 6.148   -6.918  1.038   1.00 58.32  ? 4  C   A N4    1 
ATOM   93   C  C5    . C   A 1 4  ? 4.917   -6.964  -1.023  1.00 57.67  ? 4  C   A C5    1 
ATOM   94   C  C6    . C   A 1 4  ? 3.762   -6.653  -1.643  1.00 58.12  ? 4  C   A C6    1 
ATOM   95   P  P     . A   A 1 5  ? 1.610   -2.449  -5.249  1.00 67.34  ? 5  A   A P     1 
ATOM   96   O  OP1   . A   A 1 5  ? 0.664   -1.579  -5.990  1.00 70.83  ? 5  A   A OP1   1 
ATOM   97   O  OP2   . A   A 1 5  ? 2.682   -3.124  -6.006  1.00 63.25  ? 5  A   A OP2   1 
ATOM   98   O  "O5'" . A   A 1 5  ? 2.299   -1.584  -4.115  1.00 69.27  ? 5  A   A "O5'" 1 
ATOM   99   C  "C5'" . A   A 1 5  ? 1.521   -0.728  -3.312  1.00 67.25  ? 5  A   A "C5'" 1 
ATOM   100  C  "C4'" . A   A 1 5  ? 2.395   -0.082  -2.294  1.00 69.48  ? 5  A   A "C4'" 1 
ATOM   101  O  "O4'" . A   A 1 5  ? 2.846   -1.102  -1.370  1.00 70.82  ? 5  A   A "O4'" 1 
ATOM   102  C  "C3'" . A   A 1 5  ? 3.675   0.520   -2.845  1.00 65.62  ? 5  A   A "C3'" 1 
ATOM   103  C  "C2'" . A   A 1 5  ? 4.573   0.518   -1.608  1.00 70.13  ? 5  A   A "C2'" 1 
ATOM   104  O  "O2'" . A   A 1 5  ? 4.143   1.547   -0.735  1.00 75.84  ? 5  A   A "O2'" 1 
ATOM   105  C  "C1'" . A   A 1 5  ? 4.172   -0.819  -0.965  1.00 67.40  ? 5  A   A "C1'" 1 
ATOM   106  N  N9    . A   A 1 5  ? 5.023   -1.927  -1.391  1.00 71.81  ? 5  A   A N9    1 
ATOM   107  C  C8    . A   A 1 5  ? 4.981   -2.637  -2.567  1.00 71.99  ? 5  A   A C8    1 
ATOM   108  N  N7    . A   A 1 5  ? 5.919   -3.549  -2.670  1.00 71.63  ? 5  A   A N7    1 
ATOM   109  C  C5    . A   A 1 5  ? 6.623   -3.433  -1.481  1.00 70.90  ? 5  A   A C5    1 
ATOM   110  C  C6    . A   A 1 5  ? 7.750   -4.104  -0.979  1.00 72.45  ? 5  A   A C6    1 
ATOM   111  N  N6    . A   A 1 5  ? 8.409   -5.045  -1.657  1.00 74.50  ? 5  A   A N6    1 
ATOM   112  N  N1    . A   A 1 5  ? 8.190   -3.765  0.249   1.00 73.25  ? 5  A   A N1    1 
ATOM   113  C  C2    . A   A 1 5  ? 7.540   -2.809  0.911   1.00 73.77  ? 5  A   A C2    1 
ATOM   114  N  N3    . A   A 1 5  ? 6.482   -2.096  0.542   1.00 71.14  ? 5  A   A N3    1 
ATOM   115  C  C4    . A   A 1 5  ? 6.071   -2.459  -0.677  1.00 70.80  ? 5  A   A C4    1 
ATOM   116  P  P     . G   A 1 6  ? 5.166   2.491   0.002   1.00 74.25  ? 6  G   A P     1 
ATOM   117  O  OP1   . G   A 1 6  ? 5.282   1.920   1.346   1.00 81.88  ? 6  G   A OP1   1 
ATOM   118  O  OP2   . G   A 1 6  ? 6.369   2.657   -0.808  1.00 75.51  ? 6  G   A OP2   1 
ATOM   119  O  "O5'" . G   A 1 6  ? 4.348   3.853   0.150   1.00 80.40  ? 6  G   A "O5'" 1 
ATOM   120  C  "C5'" . G   A 1 6  ? 3.976   4.606   -0.994  1.00 79.28  ? 6  G   A "C5'" 1 
ATOM   121  C  "C4'" . G   A 1 6  ? 3.597   6.021   -0.604  1.00 78.46  ? 6  G   A "C4'" 1 
ATOM   122  O  "O4'" . G   A 1 6  ? 2.229   6.112   -0.106  1.00 72.18  ? 6  G   A "O4'" 1 
ATOM   123  C  "C3'" . G   A 1 6  ? 4.507   6.481   0.545   1.00 75.03  ? 6  G   A "C3'" 1 
ATOM   124  O  "O3'" . G   A 1 6  ? 4.971   7.811   0.353   1.00 85.72  ? 6  G   A "O3'" 1 
ATOM   125  C  "C2'" . G   A 1 6  ? 3.679   6.304   1.820   1.00 72.23  ? 6  G   A "C2'" 1 
ATOM   126  O  "O2'" . G   A 1 6  ? 3.849   7.317   2.802   1.00 79.64  ? 6  G   A "O2'" 1 
ATOM   127  C  "C1'" . G   A 1 6  ? 2.276   6.477   1.251   1.00 68.80  ? 6  G   A "C1'" 1 
ATOM   128  N  N9    . G   A 1 6  ? 1.064   6.109   1.975   1.00 63.27  ? 6  G   A N9    1 
ATOM   129  C  C8    . G   A 1 6  ? -0.177  6.691   1.840   1.00 62.60  ? 6  G   A C8    1 
ATOM   130  N  N7    . G   A 1 6  ? -1.068  6.196   2.657   1.00 61.91  ? 6  G   A N7    1 
ATOM   131  C  C5    . G   A 1 6  ? -0.373  5.225   3.361   1.00 60.35  ? 6  G   A C5    1 
ATOM   132  C  C6    . G   A 1 6  ? -0.809  4.352   4.379   1.00 59.51  ? 6  G   A C6    1 
ATOM   133  O  O6    . G   A 1 6  ? -1.935  4.277   4.890   1.00 59.25  ? 6  G   A O6    1 
ATOM   134  N  N1    . G   A 1 6  ? 0.218   3.510   4.806   1.00 57.84  ? 6  G   A N1    1 
ATOM   135  C  C2    . G   A 1 6  ? 1.509   3.526   4.321   1.00 57.33  ? 6  G   A C2    1 
ATOM   136  N  N2    . G   A 1 6  ? 2.362   2.641   4.845   1.00 58.29  ? 6  G   A N2    1 
ATOM   137  N  N3    . G   A 1 6  ? 1.931   4.350   3.383   1.00 57.89  ? 6  G   A N3    1 
ATOM   138  C  C4    . G   A 1 6  ? 0.946   5.158   2.948   1.00 61.13  ? 6  G   A C4    1 
ATOM   139  P  P     . U   A 1 7  ? 6.516   8.115   0.057   1.00 90.73  ? 7  U   A P     1 
ATOM   140  O  OP1   . U   A 1 7  ? 6.552   9.541   -0.334  1.00 90.70  ? 7  U   A OP1   1 
ATOM   141  O  OP2   . U   A 1 7  ? 7.054   7.096   -0.867  1.00 92.27  ? 7  U   A OP2   1 
ATOM   142  O  "O5'" . U   A 1 7  ? 7.203   8.009   1.480   1.00 84.22  ? 7  U   A "O5'" 1 
ATOM   143  C  "C5'" . U   A 1 7  ? 6.910   8.988   2.444   1.00 79.51  ? 7  U   A "C5'" 1 
ATOM   144  C  "C4'" . U   A 1 7  ? 7.772   8.815   3.652   1.00 82.30  ? 7  U   A "C4'" 1 
ATOM   145  O  "O4'" . U   A 1 7  ? 7.536   7.503   4.215   1.00 82.38  ? 7  U   A "O4'" 1 
ATOM   146  C  "C3'" . U   A 1 7  ? 9.254   8.793   3.351   1.00 83.85  ? 7  U   A "C3'" 1 
ATOM   147  O  "O3'" . U   A 1 7  ? 9.763   10.105  3.247   1.00 86.85  ? 7  U   A "O3'" 1 
ATOM   148  C  "C2'" . U   A 1 7  ? 9.814   8.065   4.559   1.00 83.82  ? 7  U   A "C2'" 1 
ATOM   149  O  "O2'" . U   A 1 7  ? 9.929   8.910   5.683   1.00 83.57  ? 7  U   A "O2'" 1 
ATOM   150  C  "C1'" . U   A 1 7  ? 8.723   7.030   4.815   1.00 83.36  ? 7  U   A "C1'" 1 
ATOM   151  N  N1    . U   A 1 7  ? 9.031   5.691   4.307   1.00 85.15  ? 7  U   A N1    1 
ATOM   152  C  C2    . U   A 1 7  ? 10.010  4.982   4.976   1.00 87.13  ? 7  U   A C2    1 
ATOM   153  O  O2    . U   A 1 7  ? 10.604  5.429   5.949   1.00 88.69  ? 7  U   A O2    1 
ATOM   154  N  N3    . U   A 1 7  ? 10.269  3.734   4.473   1.00 88.10  ? 7  U   A N3    1 
ATOM   155  C  C4    . U   A 1 7  ? 9.661   3.137   3.395   1.00 88.61  ? 7  U   A C4    1 
ATOM   156  O  O4    . U   A 1 7  ? 9.967   1.983   3.096   1.00 91.03  ? 7  U   A O4    1 
ATOM   157  C  C5    . U   A 1 7  ? 8.663   3.935   2.751   1.00 86.12  ? 7  U   A C5    1 
ATOM   158  C  C6    . U   A 1 7  ? 8.387   5.157   3.220   1.00 85.00  ? 7  U   A C6    1 
ATOM   159  P  P     . C   A 1 8  ? 10.928  10.409  2.194   1.00 88.03  ? 8  C   A P     1 
ATOM   160  O  OP1   . C   A 1 8  ? 11.398  11.796  2.415   1.00 91.49  ? 8  C   A OP1   1 
ATOM   161  O  OP2   . C   A 1 8  ? 10.437  10.004  0.854   1.00 85.59  ? 8  C   A OP2   1 
ATOM   162  O  "O5'" . C   A 1 8  ? 12.088  9.439   2.675   1.00 86.06  ? 8  C   A "O5'" 1 
ATOM   163  C  "C5'" . C   A 1 8  ? 12.669  9.616   3.959   1.00 85.42  ? 8  C   A "C5'" 1 
ATOM   164  C  "C4'" . C   A 1 8  ? 13.660  8.516   4.245   1.00 92.41  ? 8  C   A "C4'" 1 
ATOM   165  O  "O4'" . C   A 1 8  ? 12.952  7.261   4.425   1.00 92.31  ? 8  C   A "O4'" 1 
ATOM   166  C  "C3'" . C   A 1 8  ? 14.652  8.221   3.129   1.00 95.55  ? 8  C   A "C3'" 1 
ATOM   167  O  "O3'" . C   A 1 8  ? 15.736  9.144   3.090   1.00 101.11 ? 8  C   A "O3'" 1 
ATOM   168  C  "C2'" . C   A 1 8  ? 15.058  6.781   3.431   1.00 93.40  ? 8  C   A "C2'" 1 
ATOM   169  O  "O2'" . C   A 1 8  ? 16.021  6.642   4.457   1.00 90.51  ? 8  C   A "O2'" 1 
ATOM   170  C  "C1'" . C   A 1 8  ? 13.726  6.192   3.894   1.00 89.93  ? 8  C   A "C1'" 1 
ATOM   171  N  N1    . C   A 1 8  ? 12.983  5.599   2.774   1.00 85.81  ? 8  C   A N1    1 
ATOM   172  C  C2    . C   A 1 8  ? 13.217  4.253   2.438   1.00 85.26  ? 8  C   A C2    1 
ATOM   173  O  O2    . C   A 1 8  ? 14.059  3.602   3.086   1.00 89.02  ? 8  C   A O2    1 
ATOM   174  N  N3    . C   A 1 8  ? 12.522  3.701   1.419   1.00 82.67  ? 8  C   A N3    1 
ATOM   175  C  C4    . C   A 1 8  ? 11.627  4.432   0.748   1.00 81.15  ? 8  C   A C4    1 
ATOM   176  N  N4    . C   A 1 8  ? 10.938  3.838   -0.232  1.00 77.50  ? 8  C   A N4    1 
ATOM   177  C  C5    . C   A 1 8  ? 11.389  5.804   1.058   1.00 81.51  ? 8  C   A C5    1 
ATOM   178  C  C6    . C   A 1 8  ? 12.079  6.340   2.068   1.00 81.61  ? 8  C   A C6    1 
ATOM   179  P  P     . C   A 1 9  ? 16.287  9.655   1.670   1.00 103.33 ? 9  C   A P     1 
ATOM   180  O  OP1   . C   A 1 9  ? 17.250  10.740  1.940   1.00 101.81 ? 9  C   A OP1   1 
ATOM   181  O  OP2   . C   A 1 9  ? 15.139  9.908   0.760   1.00 102.98 ? 9  C   A OP2   1 
ATOM   182  O  "O5'" . C   A 1 9  ? 17.092  8.395   1.130   1.00 105.60 ? 9  C   A "O5'" 1 
ATOM   183  C  "C5'" . C   A 1 9  ? 18.049  7.737   1.955   1.00 105.28 ? 9  C   A "C5'" 1 
ATOM   184  C  "C4'" . C   A 1 9  ? 18.568  6.495   1.267   1.00 109.39 ? 9  C   A "C4'" 1 
ATOM   185  O  "O4'" . C   A 1 9  ? 17.519  5.488   1.233   1.00 107.61 ? 9  C   A "O4'" 1 
ATOM   186  C  "C3'" . C   A 1 9  ? 18.960  6.666   -0.196  1.00 111.97 ? 9  C   A "C3'" 1 
ATOM   187  O  "O3'" . C   A 1 9  ? 20.273  7.192   -0.360  1.00 113.64 ? 9  C   A "O3'" 1 
ATOM   188  C  "C2'" . C   A 1 9  ? 18.846  5.243   -0.725  1.00 110.51 ? 9  C   A "C2'" 1 
ATOM   189  O  "O2'" . C   A 1 9  ? 19.964  4.445   -0.385  1.00 113.99 ? 9  C   A "O2'" 1 
ATOM   190  C  "C1'" . C   A 1 9  ? 17.609  4.744   0.025   1.00 107.93 ? 9  C   A "C1'" 1 
ATOM   191  N  N1    . C   A 1 9  ? 16.375  4.945   -0.754  1.00 106.47 ? 9  C   A N1    1 
ATOM   192  C  C2    . C   A 1 9  ? 16.150  4.137   -1.867  1.00 105.95 ? 9  C   A C2    1 
ATOM   193  O  O2    . C   A 1 9  ? 16.999  3.291   -2.165  1.00 106.70 ? 9  C   A O2    1 
ATOM   194  N  N3    . C   A 1 9  ? 15.021  4.302   -2.593  1.00 104.64 ? 9  C   A N3    1 
ATOM   195  C  C4    . C   A 1 9  ? 14.136  5.235   -2.243  1.00 104.04 ? 9  C   A C4    1 
ATOM   196  N  N4    . C   A 1 9  ? 13.037  5.366   -2.985  1.00 102.64 ? 9  C   A N4    1 
ATOM   197  C  C5    . C   A 1 9  ? 14.339  6.078   -1.115  1.00 105.14 ? 9  C   A C5    1 
ATOM   198  C  C6    . C   A 1 9  ? 15.462  5.900   -0.403  1.00 106.57 ? 9  C   A C6    1 
ATOM   199  P  P     . A   A 1 10 ? 20.659  7.973   -1.715  1.00 114.18 ? 10 A   A P     1 
ATOM   200  O  OP1   . A   A 1 10 ? 21.999  8.543   -1.470  1.00 114.86 ? 10 A   A OP1   1 
ATOM   201  O  OP2   . A   A 1 10 ? 19.542  8.864   -2.135  1.00 111.07 ? 10 A   A OP2   1 
ATOM   202  O  "O5'" . A   A 1 10 ? 20.784  6.826   -2.810  1.00 113.76 ? 10 A   A "O5'" 1 
ATOM   203  C  "C5'" . A   A 1 10 ? 21.874  5.912   -2.805  1.00 115.24 ? 10 A   A "C5'" 1 
ATOM   204  C  "C4'" . A   A 1 10 ? 21.823  5.050   -4.046  1.00 118.46 ? 10 A   A "C4'" 1 
ATOM   205  O  "O4'" . A   A 1 10 ? 20.638  4.204   -3.996  1.00 116.82 ? 10 A   A "O4'" 1 
ATOM   206  C  "C3'" . A   A 1 10 ? 21.680  5.811   -5.356  1.00 121.54 ? 10 A   A "C3'" 1 
ATOM   207  O  "O3'" . A   A 1 10 ? 22.931  6.267   -5.860  1.00 125.76 ? 10 A   A "O3'" 1 
ATOM   208  C  "C2'" . A   A 1 10 ? 21.046  4.767   -6.268  1.00 119.75 ? 10 A   A "C2'" 1 
ATOM   209  O  "O2'" . A   A 1 10 ? 21.985  3.853   -6.805  1.00 123.23 ? 10 A   A "O2'" 1 
ATOM   210  C  "C1'" . A   A 1 10 ? 20.094  4.060   -5.301  1.00 114.77 ? 10 A   A "C1'" 1 
ATOM   211  N  N9    . A   A 1 10 ? 18.772  4.682   -5.306  1.00 109.01 ? 10 A   A N9    1 
ATOM   212  C  C8    . A   A 1 10 ? 18.321  5.671   -4.471  1.00 108.24 ? 10 A   A C8    1 
ATOM   213  N  N7    . A   A 1 10 ? 17.094  6.056   -4.720  1.00 106.89 ? 10 A   A N7    1 
ATOM   214  C  C5    . A   A 1 10 ? 16.707  5.263   -5.789  1.00 105.81 ? 10 A   A C5    1 
ATOM   215  C  C6    . A   A 1 10 ? 15.507  5.182   -6.525  1.00 104.60 ? 10 A   A C6    1 
ATOM   216  N  N6    . A   A 1 10 ? 14.434  5.943   -6.281  1.00 103.33 ? 10 A   A N6    1 
ATOM   217  N  N1    . A   A 1 10 ? 15.447  4.283   -7.531  1.00 103.17 ? 10 A   A N1    1 
ATOM   218  C  C2    . A   A 1 10 ? 16.522  3.520   -7.771  1.00 105.20 ? 10 A   A C2    1 
ATOM   219  N  N3    . A   A 1 10 ? 17.704  3.502   -7.149  1.00 106.87 ? 10 A   A N3    1 
ATOM   220  C  C4    . A   A 1 10 ? 17.731  4.407   -6.158  1.00 106.94 ? 10 A   A C4    1 
ATOM   221  P  P     . C   A 1 11 ? 22.972  7.521   -6.867  1.00 129.43 ? 11 C   A P     1 
ATOM   222  O  OP1   . C   A 1 11 ? 24.395  7.890   -7.052  1.00 129.84 ? 11 C   A OP1   1 
ATOM   223  O  OP2   . C   A 1 11 ? 22.011  8.533   -6.362  1.00 129.60 ? 11 C   A OP2   1 
ATOM   224  O  "O5'" . C   A 1 11 ? 22.404  6.952   -8.246  1.00 129.22 ? 11 C   A "O5'" 1 
ATOM   225  C  "C5'" . C   A 1 11 ? 23.163  6.027   -9.018  1.00 130.27 ? 11 C   A "C5'" 1 
ATOM   226  C  "C4'" . C   A 1 11 ? 22.336  5.481   -10.159 1.00 130.56 ? 11 C   A "C4'" 1 
ATOM   227  O  "O4'" . C   A 1 11 ? 21.166  4.803   -9.620  1.00 129.76 ? 11 C   A "O4'" 1 
ATOM   228  C  "C3'" . C   A 1 11 ? 21.749  6.518   -11.101 1.00 132.26 ? 11 C   A "C3'" 1 
ATOM   229  O  "O3'" . C   A 1 11 ? 22.687  6.948   -12.081 1.00 133.67 ? 11 C   A "O3'" 1 
ATOM   230  C  "C2'" . C   A 1 11 ? 20.559  5.774   -11.700 1.00 131.24 ? 11 C   A "C2'" 1 
ATOM   231  O  "O2'" . C   A 1 11 ? 20.892  4.879   -12.743 1.00 133.26 ? 11 C   A "O2'" 1 
ATOM   232  C  "C1'" . C   A 1 11 ? 20.058  4.989   -10.490 1.00 128.65 ? 11 C   A "C1'" 1 
ATOM   233  N  N1    . C   A 1 11 ? 19.016  5.751   -9.786  1.00 125.83 ? 11 C   A N1    1 
ATOM   234  C  C2    . C   A 1 11 ? 17.728  5.772   -10.332 1.00 124.29 ? 11 C   A C2    1 
ATOM   235  O  O2    . C   A 1 11 ? 17.494  5.087   -11.343 1.00 122.42 ? 11 C   A O2    1 
ATOM   236  N  N3    . C   A 1 11 ? 16.775  6.532   -9.745  1.00 123.34 ? 11 C   A N3    1 
ATOM   237  C  C4    . C   A 1 11 ? 17.068  7.241   -8.652  1.00 123.12 ? 11 C   A C4    1 
ATOM   238  N  N4    . C   A 1 11 ? 16.111  8.005   -8.133  1.00 122.27 ? 11 C   A N4    1 
ATOM   239  C  C5    . C   A 1 11 ? 18.360  7.203   -8.050  1.00 123.14 ? 11 C   A C5    1 
ATOM   240  C  C6    . C   A 1 11 ? 19.294  6.451   -8.644  1.00 124.92 ? 11 C   A C6    1 
ATOM   241  P  P     . C   A 1 12 ? 22.487  8.375   -12.800 1.00 136.22 ? 12 C   A P     1 
ATOM   242  O  OP1   . C   A 1 12 ? 23.589  8.554   -13.778 1.00 137.38 ? 12 C   A OP1   1 
ATOM   243  O  OP2   . C   A 1 12 ? 22.271  9.397   -11.744 1.00 134.76 ? 12 C   A OP2   1 
ATOM   244  O  "O5'" . C   A 1 12 ? 21.138  8.205   -13.629 1.00 130.43 ? 12 C   A "O5'" 1 
ATOM   245  C  "C5'" . C   A 1 12 ? 21.085  7.303   -14.720 1.00 125.00 ? 12 C   A "C5'" 1 
ATOM   246  C  "C4'" . C   A 1 12 ? 19.749  7.379   -15.410 1.00 125.34 ? 12 C   A "C4'" 1 
ATOM   247  O  "O4'" . C   A 1 12 ? 18.705  6.929   -14.500 1.00 125.26 ? 12 C   A "O4'" 1 
ATOM   248  C  "C3'" . C   A 1 12 ? 19.300  8.782   -15.775 1.00 126.54 ? 12 C   A "C3'" 1 
ATOM   249  O  "O3'" . C   A 1 12 ? 19.885  9.285   -16.959 1.00 128.75 ? 12 C   A "O3'" 1 
ATOM   250  C  "C2'" . C   A 1 12 ? 17.790  8.623   -15.896 1.00 125.66 ? 12 C   A "C2'" 1 
ATOM   251  O  "O2'" . C   A 1 12 ? 17.366  8.055   -17.123 1.00 124.89 ? 12 C   A "O2'" 1 
ATOM   252  C  "C1'" . C   A 1 12 ? 17.506  7.661   -14.746 1.00 122.98 ? 12 C   A "C1'" 1 
ATOM   253  N  N1    . C   A 1 12 ? 17.117  8.402   -13.533 1.00 117.23 ? 12 C   A N1    1 
ATOM   254  C  C2    . C   A 1 12 ? 15.789  8.849   -13.421 1.00 115.03 ? 12 C   A C2    1 
ATOM   255  O  O2    . C   A 1 12 ? 14.984  8.590   -14.338 1.00 112.15 ? 12 C   A O2    1 
ATOM   256  N  N3    . C   A 1 12 ? 15.421  9.545   -12.318 1.00 113.38 ? 12 C   A N3    1 
ATOM   257  C  C4    . C   A 1 12 ? 16.313  9.789   -11.353 1.00 114.19 ? 12 C   A C4    1 
ATOM   258  N  N4    . C   A 1 12 ? 15.903  10.461  -10.279 1.00 113.84 ? 12 C   A N4    1 
ATOM   259  C  C5    . C   A 1 12 ? 17.667  9.348   -11.445 1.00 114.29 ? 12 C   A C5    1 
ATOM   260  C  C6    . C   A 1 12 ? 18.022  8.663   -12.541 1.00 115.46 ? 12 C   A C6    1 
ATOM   261  P  P     . G   A 1 13 ? 19.886  10.869  -17.214 1.00 130.05 ? 13 G   A P     1 
ATOM   262  O  OP1   . G   A 1 13 ? 20.522  11.114  -18.530 1.00 132.78 ? 13 G   A OP1   1 
ATOM   263  O  OP2   . G   A 1 13 ? 20.448  11.505  -15.987 1.00 128.42 ? 13 G   A OP2   1 
ATOM   264  O  "O5'" . G   A 1 13 ? 18.341  11.243  -17.364 1.00 125.65 ? 13 G   A "O5'" 1 
ATOM   265  C  "C5'" . G   A 1 13 ? 17.630  10.925  -18.562 1.00 121.69 ? 13 G   A "C5'" 1 
ATOM   266  C  "C4'" . G   A 1 13 ? 16.255  11.548  -18.539 1.00 121.37 ? 13 G   A "C4'" 1 
ATOM   267  O  "O4'" . G   A 1 13 ? 15.524  11.027  -17.397 1.00 119.07 ? 13 G   A "O4'" 1 
ATOM   268  C  "C3'" . G   A 1 13 ? 16.219  13.055  -18.338 1.00 121.75 ? 13 G   A "C3'" 1 
ATOM   269  O  "O3'" . G   A 1 13 ? 16.605  13.841  -19.471 1.00 124.86 ? 13 G   A "O3'" 1 
ATOM   270  C  "C2'" . G   A 1 13 ? 14.825  13.272  -17.758 1.00 119.91 ? 13 G   A "C2'" 1 
ATOM   271  O  "O2'" . G   A 1 13 ? 13.781  13.252  -18.715 1.00 118.50 ? 13 G   A "O2'" 1 
ATOM   272  C  "C1'" . G   A 1 13 ? 14.691  12.044  -16.856 1.00 115.57 ? 13 G   A "C1'" 1 
ATOM   273  N  N9    . G   A 1 13 ? 15.099  12.307  -15.476 1.00 110.25 ? 13 G   A N9    1 
ATOM   274  C  C8    . G   A 1 13 ? 16.331  12.091  -14.893 1.00 107.68 ? 13 G   A C8    1 
ATOM   275  N  N7    . G   A 1 13 ? 16.369  12.431  -13.631 1.00 105.85 ? 13 G   A N7    1 
ATOM   276  C  C5    . G   A 1 13 ? 15.087  12.900  -13.366 1.00 104.58 ? 13 G   A C5    1 
ATOM   277  C  C6    . G   A 1 13 ? 14.524  13.411  -12.168 1.00 103.71 ? 13 G   A C6    1 
ATOM   278  O  O6    . G   A 1 13 ? 15.068  13.558  -11.056 1.00 100.52 ? 13 G   A O6    1 
ATOM   279  N  N1    . G   A 1 13 ? 13.186  13.778  -12.351 1.00 103.15 ? 13 G   A N1    1 
ATOM   280  C  C2    . G   A 1 13 ? 12.483  13.669  -13.540 1.00 103.95 ? 13 G   A C2    1 
ATOM   281  N  N2    . G   A 1 13 ? 11.197  14.070  -13.531 1.00 102.06 ? 13 G   A N2    1 
ATOM   282  N  N3    . G   A 1 13 ? 13.003  13.198  -14.656 1.00 104.19 ? 13 G   A N3    1 
ATOM   283  C  C4    . G   A 1 13 ? 14.295  12.833  -14.498 1.00 106.10 ? 13 G   A C4    1 
ATOM   284  O  "O5'" . C   B 2 1  ? 7.120   16.015  -6.429  1.00 118.32 ? 2  C   B "O5'" 1 
ATOM   285  C  "C5'" . C   B 2 1  ? 5.946   16.387  -7.159  1.00 119.47 ? 2  C   B "C5'" 1 
ATOM   286  C  "C4'" . C   B 2 1  ? 6.096   16.139  -8.641  1.00 120.53 ? 2  C   B "C4'" 1 
ATOM   287  O  "O4'" . C   B 2 1  ? 7.311   16.790  -9.104  1.00 120.26 ? 2  C   B "O4'" 1 
ATOM   288  C  "C3'" . C   B 2 1  ? 6.300   14.684  -9.038  1.00 121.56 ? 2  C   B "C3'" 1 
ATOM   289  O  "O3'" . C   B 2 1  ? 5.077   13.966  -9.147  1.00 124.69 ? 2  C   B "O3'" 1 
ATOM   290  C  "C2'" . C   B 2 1  ? 7.012   14.806  -10.380 1.00 120.59 ? 2  C   B "C2'" 1 
ATOM   291  O  "O2'" . C   B 2 1  ? 6.148   15.063  -11.472 1.00 119.79 ? 2  C   B "O2'" 1 
ATOM   292  C  "C1'" . C   B 2 1  ? 7.919   16.011  -10.128 1.00 117.36 ? 2  C   B "C1'" 1 
ATOM   293  N  N1    . C   B 2 1  ? 9.263   15.593  -9.687  1.00 113.61 ? 2  C   B N1    1 
ATOM   294  C  C2    . C   B 2 1  ? 10.142  15.094  -10.647 1.00 111.76 ? 2  C   B C2    1 
ATOM   295  O  O2    . C   B 2 1  ? 9.774   15.073  -11.831 1.00 109.43 ? 2  C   B O2    1 
ATOM   296  N  N3    . C   B 2 1  ? 11.367  14.654  -10.261 1.00 110.49 ? 2  C   B N3    1 
ATOM   297  C  C4    . C   B 2 1  ? 11.722  14.711  -8.971  1.00 111.62 ? 2  C   B C4    1 
ATOM   298  N  N4    . C   B 2 1  ? 12.928  14.249  -8.628  1.00 110.34 ? 2  C   B N4    1 
ATOM   299  C  C5    . C   B 2 1  ? 10.854  15.243  -7.974  1.00 112.10 ? 2  C   B C5    1 
ATOM   300  C  C6    . C   B 2 1  ? 9.642   15.667  -8.372  1.00 113.08 ? 2  C   B C6    1 
ATOM   301  P  P     . G   B 2 2  ? 5.095   12.357  -9.092  1.00 126.32 ? 3  G   B P     1 
ATOM   302  O  OP1   . G   B 2 2  ? 3.684   11.887  -9.082  1.00 128.69 ? 3  G   B OP1   1 
ATOM   303  O  OP2   . G   B 2 2  ? 6.018   11.955  -7.990  1.00 124.77 ? 3  G   B OP2   1 
ATOM   304  O  "O5'" . G   B 2 2  ? 5.727   11.930  -10.489 1.00 121.78 ? 3  G   B "O5'" 1 
ATOM   305  C  "C5'" . G   B 2 2  ? 4.998   12.127  -11.691 1.00 118.06 ? 3  G   B "C5'" 1 
ATOM   306  C  "C4'" . G   B 2 2  ? 5.808   11.669  -12.878 1.00 117.90 ? 3  G   B "C4'" 1 
ATOM   307  O  "O4'" . G   B 2 2  ? 7.030   12.456  -12.953 1.00 113.78 ? 3  G   B "O4'" 1 
ATOM   308  C  "C3'" . G   B 2 2  ? 6.324   10.240  -12.803 1.00 119.93 ? 3  G   B "C3'" 1 
ATOM   309  O  "O3'" . G   B 2 2  ? 5.340   9.261   -13.138 1.00 126.89 ? 3  G   B "O3'" 1 
ATOM   310  C  "C2'" . G   B 2 2  ? 7.516   10.279  -13.756 1.00 114.26 ? 3  G   B "C2'" 1 
ATOM   311  O  "O2'" . G   B 2 2  ? 7.186   10.230  -15.129 1.00 114.58 ? 3  G   B "O2'" 1 
ATOM   312  C  "C1'" . G   B 2 2  ? 8.090   11.654  -13.447 1.00 107.36 ? 3  G   B "C1'" 1 
ATOM   313  N  N9    . G   B 2 2  ? 9.126   11.531  -12.433 1.00 99.89  ? 3  G   B N9    1 
ATOM   314  C  C8    . G   B 2 2  ? 9.074   11.873  -11.101 1.00 97.09  ? 3  G   B C8    1 
ATOM   315  N  N7    . G   B 2 2  ? 10.188  11.624  -10.465 1.00 95.77  ? 3  G   B N7    1 
ATOM   316  C  C5    . G   B 2 2  ? 11.022  11.087  -11.440 1.00 95.58  ? 3  G   B C5    1 
ATOM   317  C  C6    . G   B 2 2  ? 12.371  10.626  -11.355 1.00 94.18  ? 3  G   B C6    1 
ATOM   318  O  O6    . G   B 2 2  ? 13.123  10.608  -10.366 1.00 93.10  ? 3  G   B O6    1 
ATOM   319  N  N1    . G   B 2 2  ? 12.824  10.144  -12.588 1.00 93.10  ? 3  G   B N1    1 
ATOM   320  C  C2    . G   B 2 2  ? 12.077  10.107  -13.751 1.00 96.17  ? 3  G   B C2    1 
ATOM   321  N  N2    . G   B 2 2  ? 12.676  9.570   -14.842 1.00 96.39  ? 3  G   B N2    1 
ATOM   322  N  N3    . G   B 2 2  ? 10.829  10.551  -13.839 1.00 95.53  ? 3  G   B N3    1 
ATOM   323  C  C4    . G   B 2 2  ? 10.372  11.021  -12.655 1.00 96.51  ? 3  G   B C4    1 
ATOM   324  P  P     . G   B 2 3  ? 5.481   7.764   -12.554 1.00 131.30 ? 4  G   B P     1 
ATOM   325  O  OP1   . G   B 2 3  ? 4.351   6.951   -13.075 1.00 131.09 ? 4  G   B OP1   1 
ATOM   326  O  OP2   . G   B 2 3  ? 5.701   7.861   -11.087 1.00 131.83 ? 4  G   B OP2   1 
ATOM   327  O  "O5'" . G   B 2 3  ? 6.828   7.239   -13.217 1.00 127.25 ? 4  G   B "O5'" 1 
ATOM   328  C  "C5'" . G   B 2 3  ? 7.001   7.305   -14.626 1.00 121.53 ? 4  G   B "C5'" 1 
ATOM   329  C  "C4'" . G   B 2 3  ? 8.258   6.589   -15.026 1.00 119.12 ? 4  G   B "C4'" 1 
ATOM   330  O  "O4'" . G   B 2 3  ? 9.416   7.445   -14.844 1.00 115.97 ? 4  G   B "O4'" 1 
ATOM   331  C  "C3'" . G   B 2 3  ? 8.564   5.388   -14.161 1.00 119.18 ? 4  G   B "C3'" 1 
ATOM   332  O  "O3'" . G   B 2 3  ? 7.784   4.275   -14.534 1.00 125.43 ? 4  G   B "O3'" 1 
ATOM   333  C  "C2'" . G   B 2 3  ? 10.061  5.207   -14.373 1.00 114.57 ? 4  G   B "C2'" 1 
ATOM   334  O  "O2'" . G   B 2 3  ? 10.386  4.538   -15.573 1.00 113.53 ? 4  G   B "O2'" 1 
ATOM   335  C  "C1'" . G   B 2 3  ? 10.525  6.661   -14.421 1.00 110.15 ? 4  G   B "C1'" 1 
ATOM   336  N  N9    . G   B 2 3  ? 10.876  7.071   -13.073 1.00 103.13 ? 4  G   B N9    1 
ATOM   337  C  C8    . G   B 2 3  ? 10.059  7.694   -12.159 1.00 100.31 ? 4  G   B C8    1 
ATOM   338  N  N7    . G   B 2 3  ? 10.638  7.885   -11.006 1.00 100.05 ? 4  G   B N7    1 
ATOM   339  C  C5    . G   B 2 3  ? 11.916  7.366   -11.173 1.00 96.75  ? 4  G   B C5    1 
ATOM   340  C  C6    . G   B 2 3  ? 12.995  7.287   -10.263 1.00 96.19  ? 4  G   B C6    1 
ATOM   341  O  O6    . G   B 2 3  ? 13.037  7.671   -9.085  1.00 95.31  ? 4  G   B O6    1 
ATOM   342  N  N1    . G   B 2 3  ? 14.109  6.687   -10.846 1.00 93.80  ? 4  G   B N1    1 
ATOM   343  C  C2    . G   B 2 3  ? 14.173  6.229   -12.143 1.00 94.23  ? 4  G   B C2    1 
ATOM   344  N  N2    . G   B 2 3  ? 15.340  5.688   -12.524 1.00 93.90  ? 4  G   B N2    1 
ATOM   345  N  N3    . G   B 2 3  ? 13.169  6.297   -13.001 1.00 93.71  ? 4  G   B N3    1 
ATOM   346  C  C4    . G   B 2 3  ? 12.080  6.872   -12.450 1.00 97.91  ? 4  G   B C4    1 
ATOM   347  P  P     . U   B 2 4  ? 7.695   3.021   -13.549 1.00 127.87 ? 5  U   B P     1 
ATOM   348  O  OP1   . U   B 2 4  ? 6.327   2.458   -13.678 1.00 126.67 ? 5  U   B OP1   1 
ATOM   349  O  OP2   . U   B 2 4  ? 8.203   3.437   -12.209 1.00 126.15 ? 5  U   B OP2   1 
ATOM   350  O  "O5'" . U   B 2 4  ? 8.743   2.007   -14.187 1.00 124.10 ? 5  U   B "O5'" 1 
ATOM   351  C  "C5'" . U   B 2 4  ? 9.409   1.072   -13.375 1.00 119.54 ? 5  U   B "C5'" 1 
ATOM   352  C  "C4'" . U   B 2 4  ? 10.888  1.138   -13.616 1.00 117.18 ? 5  U   B "C4'" 1 
ATOM   353  O  "O4'" . U   B 2 4  ? 11.359  2.498   -13.441 1.00 113.64 ? 5  U   B "O4'" 1 
ATOM   354  C  "C3'" . U   B 2 4  ? 11.679  0.352   -12.599 1.00 119.11 ? 5  U   B "C3'" 1 
ATOM   355  O  "O3'" . U   B 2 4  ? 11.664  -1.021  -12.892 1.00 122.33 ? 5  U   B "O3'" 1 
ATOM   356  C  "C2'" . U   B 2 4  ? 13.039  1.012   -12.657 1.00 115.86 ? 5  U   B "C2'" 1 
ATOM   357  O  "O2'" . U   B 2 4  ? 13.788  0.569   -13.766 1.00 117.27 ? 5  U   B "O2'" 1 
ATOM   358  C  "C1'" . U   B 2 4  ? 12.633  2.477   -12.815 1.00 111.96 ? 5  U   B "C1'" 1 
ATOM   359  N  N1    . U   B 2 4  ? 12.500  3.141   -11.511 1.00 107.77 ? 5  U   B N1    1 
ATOM   360  C  C2    . U   B 2 4  ? 13.608  3.163   -10.680 1.00 105.66 ? 5  U   B C2    1 
ATOM   361  O  O2    . U   B 2 4  ? 14.668  2.619   -10.967 1.00 104.16 ? 5  U   B O2    1 
ATOM   362  N  N3    . U   B 2 4  ? 13.428  3.837   -9.497  1.00 104.07 ? 5  U   B N3    1 
ATOM   363  C  C4    . U   B 2 4  ? 12.276  4.464   -9.062  1.00 102.92 ? 5  U   B C4    1 
ATOM   364  O  O4    . U   B 2 4  ? 12.293  5.094   -8.002  1.00 101.49 ? 5  U   B O4    1 
ATOM   365  C  C5    . U   B 2 4  ? 11.169  4.370   -9.963  1.00 103.36 ? 5  U   B C5    1 
ATOM   366  C  C6    . U   B 2 4  ? 11.315  3.730   -11.127 1.00 105.83 ? 5  U   B C6    1 
ATOM   367  P  P     . G   B 2 5  ? 10.981  -2.011  -11.844 1.00 125.80 ? 6  G   B P     1 
ATOM   368  O  OP1   . G   B 2 5  ? 10.697  -3.291  -12.540 1.00 125.21 ? 6  G   B OP1   1 
ATOM   369  O  OP2   . G   B 2 5  ? 9.875   -1.248  -11.207 1.00 124.28 ? 6  G   B OP2   1 
ATOM   370  O  "O5'" . G   B 2 5  ? 12.128  -2.234  -10.772 1.00 117.70 ? 6  G   B "O5'" 1 
ATOM   371  C  "C5'" . G   B 2 5  ? 13.336  -2.803  -11.194 1.00 111.76 ? 6  G   B "C5'" 1 
ATOM   372  C  "C4'" . G   B 2 5  ? 14.430  -2.502  -10.222 1.00 109.55 ? 6  G   B "C4'" 1 
ATOM   373  O  "O4'" . G   B 2 5  ? 14.615  -1.063  -10.119 1.00 107.28 ? 6  G   B "O4'" 1 
ATOM   374  C  "C3'" . G   B 2 5  ? 14.085  -2.883  -8.799  1.00 108.11 ? 6  G   B "C3'" 1 
ATOM   375  O  "O3'" . G   B 2 5  ? 14.234  -4.263  -8.559  1.00 109.15 ? 6  G   B "O3'" 1 
ATOM   376  C  "C2'" . G   B 2 5  ? 15.050  -2.030  -7.992  1.00 107.88 ? 6  G   B "C2'" 1 
ATOM   377  O  "O2'" . G   B 2 5  ? 16.363  -2.556  -7.930  1.00 105.63 ? 6  G   B "O2'" 1 
ATOM   378  C  "C1'" . G   B 2 5  ? 15.052  -0.741  -8.806  1.00 104.09 ? 6  G   B "C1'" 1 
ATOM   379  N  N9    . G   B 2 5  ? 14.167  0.243   -8.204  1.00 99.31  ? 6  G   B N9    1 
ATOM   380  C  C8    . G   B 2 5  ? 12.932  0.659   -8.632  1.00 98.04  ? 6  G   B C8    1 
ATOM   381  N  N7    . G   B 2 5  ? 12.387  1.537   -7.833  1.00 97.26  ? 6  G   B N7    1 
ATOM   382  C  C5    . G   B 2 5  ? 13.326  1.713   -6.823  1.00 96.00  ? 6  G   B C5    1 
ATOM   383  C  C6    . G   B 2 5  ? 13.299  2.542   -5.660  1.00 96.47  ? 6  G   B C6    1 
ATOM   384  O  O6    . G   B 2 5  ? 12.402  3.320   -5.282  1.00 96.30  ? 6  G   B O6    1 
ATOM   385  N  N1    . G   B 2 5  ? 14.466  2.401   -4.904  1.00 94.75  ? 6  G   B N1    1 
ATOM   386  C  C2    . G   B 2 5  ? 15.519  1.574   -5.223  1.00 94.55  ? 6  G   B C2    1 
ATOM   387  N  N2    . G   B 2 5  ? 16.557  1.571   -4.373  1.00 93.68  ? 6  G   B N2    1 
ATOM   388  N  N3    . G   B 2 5  ? 15.552  0.805   -6.297  1.00 94.59  ? 6  G   B N3    1 
ATOM   389  C  C4    . G   B 2 5  ? 14.431  0.924   -7.044  1.00 96.54  ? 6  G   B C4    1 
ATOM   390  P  P     . A   B 2 6  ? 13.330  -4.955  -7.434  1.00 108.46 ? 7  A   B P     1 
ATOM   391  O  OP1   . A   B 2 6  ? 13.437  -6.426  -7.583  1.00 109.98 ? 7  A   B OP1   1 
ATOM   392  O  OP2   . A   B 2 6  ? 11.998  -4.300  -7.505  1.00 108.01 ? 7  A   B OP2   1 
ATOM   393  O  "O5'" . A   B 2 6  ? 14.045  -4.550  -6.071  1.00 106.62 ? 7  A   B "O5'" 1 
ATOM   394  C  "C5'" . A   B 2 6  ? 15.417  -4.861  -5.846  1.00 100.85 ? 7  A   B "C5'" 1 
ATOM   395  C  "C4'" . A   B 2 6  ? 15.950  -4.017  -4.723  1.00 98.06  ? 7  A   B "C4'" 1 
ATOM   396  O  "O4'" . A   B 2 6  ? 15.773  -2.622  -5.073  1.00 96.58  ? 7  A   B "O4'" 1 
ATOM   397  C  "C3'" . A   B 2 6  ? 15.197  -4.164  -3.416  1.00 96.70  ? 7  A   B "C3'" 1 
ATOM   398  O  "O3'" . A   B 2 6  ? 15.693  -5.264  -2.673  1.00 97.06  ? 7  A   B "O3'" 1 
ATOM   399  C  "C2'" . A   B 2 6  ? 15.480  -2.836  -2.728  1.00 94.84  ? 7  A   B "C2'" 1 
ATOM   400  O  "O2'" . A   B 2 6  ? 16.751  -2.781  -2.114  1.00 92.97  ? 7  A   B "O2'" 1 
ATOM   401  C  "C1'" . A   B 2 6  ? 15.439  -1.878  -3.915  1.00 91.23  ? 7  A   B "C1'" 1 
ATOM   402  N  N9    . A   B 2 6  ? 14.114  -1.291  -4.113  1.00 87.87  ? 7  A   B N9    1 
ATOM   403  C  C8    . A   B 2 6  ? 13.194  -1.543  -5.105  1.00 86.58  ? 7  A   B C8    1 
ATOM   404  N  N7    . A   B 2 6  ? 12.111  -0.807  -5.019  1.00 85.98  ? 7  A   B N7    1 
ATOM   405  C  C5    . A   B 2 6  ? 12.330  -0.023  -3.893  1.00 86.01  ? 7  A   B C5    1 
ATOM   406  C  C6    . A   B 2 6  ? 11.567  0.982   -3.275  1.00 84.99  ? 7  A   B C6    1 
ATOM   407  N  N6    . A   B 2 6  ? 10.387  1.412   -3.740  1.00 84.70  ? 7  A   B N6    1 
ATOM   408  N  N1    . A   B 2 6  ? 12.070  1.549   -2.154  1.00 83.28  ? 7  A   B N1    1 
ATOM   409  C  C2    . A   B 2 6  ? 13.264  1.141   -1.705  1.00 83.16  ? 7  A   B C2    1 
ATOM   410  N  N3    . A   B 2 6  ? 14.082  0.225   -2.208  1.00 84.74  ? 7  A   B N3    1 
ATOM   411  C  C4    . A   B 2 6  ? 13.551  -0.327  -3.314  1.00 86.19  ? 7  A   B C4    1 
ATOM   412  P  P     . G   B 2 7  ? 14.669  -6.178  -1.851  1.00 99.66  ? 8  G   B P     1 
ATOM   413  O  OP1   . G   B 2 7  ? 15.426  -7.301  -1.236  1.00 94.61  ? 8  G   B OP1   1 
ATOM   414  O  OP2   . G   B 2 7  ? 13.536  -6.463  -2.777  1.00 89.15  ? 8  G   B OP2   1 
ATOM   415  O  "O5'" . G   B 2 7  ? 14.155  -5.210  -0.691  1.00 95.18  ? 8  G   B "O5'" 1 
ATOM   416  C  "C5'" . G   B 2 7  ? 15.069  -4.403  0.064   1.00 92.29  ? 8  G   B "C5'" 1 
ATOM   417  C  "C4'" . G   B 2 7  ? 14.316  -3.562  1.075   1.00 90.65  ? 8  G   B "C4'" 1 
ATOM   418  O  "O4'" . G   B 2 7  ? 13.503  -2.563  0.398   1.00 88.38  ? 8  G   B "O4'" 1 
ATOM   419  C  "C3'" . G   B 2 7  ? 13.345  -4.452  1.832   1.00 87.68  ? 8  G   B "C3'" 1 
ATOM   420  O  "O3'" . G   B 2 7  ? 13.202  -4.141  3.197   1.00 88.33  ? 8  G   B "O3'" 1 
ATOM   421  C  "C2'" . G   B 2 7  ? 12.000  -4.271  1.136   1.00 86.62  ? 8  G   B "C2'" 1 
ATOM   422  O  "O2'" . G   B 2 7  ? 10.860  -4.340  1.956   1.00 85.95  ? 8  G   B "O2'" 1 
ATOM   423  C  "C1'" . G   B 2 7  ? 12.141  -2.860  0.576   1.00 84.86  ? 8  G   B "C1'" 1 
ATOM   424  N  N9    . G   B 2 7  ? 11.383  -2.590  -0.656  1.00 81.99  ? 8  G   B N9    1 
ATOM   425  C  C8    . G   B 2 7  ? 11.312  -3.280  -1.826  1.00 81.02  ? 8  G   B C8    1 
ATOM   426  N  N7    . G   B 2 7  ? 10.466  -2.792  -2.672  1.00 80.79  ? 8  G   B N7    1 
ATOM   427  C  C5    . G   B 2 7  ? 9.929   -1.692  -2.010  1.00 80.37  ? 8  G   B C5    1 
ATOM   428  C  C6    . G   B 2 7  ? 8.926   -0.778  -2.454  1.00 80.67  ? 8  G   B C6    1 
ATOM   429  O  O6    . G   B 2 7  ? 8.318   -0.784  -3.521  1.00 84.67  ? 8  G   B O6    1 
ATOM   430  N  N1    . G   B 2 7  ? 8.663   0.199   -1.513  1.00 77.84  ? 8  G   B N1    1 
ATOM   431  C  C2    . G   B 2 7  ? 9.313   0.272   -0.287  1.00 79.40  ? 8  G   B C2    1 
ATOM   432  N  N2    . G   B 2 7  ? 8.912   1.274   0.497   1.00 80.63  ? 8  G   B N2    1 
ATOM   433  N  N3    . G   B 2 7  ? 10.263  -0.555  0.119   1.00 81.12  ? 8  G   B N3    1 
ATOM   434  C  C4    . G   B 2 7  ? 10.510  -1.526  -0.785  1.00 82.00  ? 8  G   B C4    1 
ATOM   435  P  P     . A   B 2 8  ? 12.722  -5.244  4.260   1.00 87.73  ? 9  A   B P     1 
ATOM   436  O  OP1   . A   B 2 8  ? 13.941  -6.047  4.498   1.00 88.09  ? 9  A   B OP1   1 
ATOM   437  O  OP2   . A   B 2 8  ? 11.447  -5.923  3.924   1.00 88.03  ? 9  A   B OP2   1 
ATOM   438  O  "O5'" . A   B 2 8  ? 12.515  -4.325  5.537   1.00 87.40  ? 9  A   B "O5'" 1 
ATOM   439  C  "C5'" . A   B 2 8  ? 13.604  -3.563  6.041   1.00 87.70  ? 9  A   B "C5'" 1 
ATOM   440  C  "C4'" . A   B 2 8  ? 13.103  -2.351  6.778   1.00 85.54  ? 9  A   B "C4'" 1 
ATOM   441  O  "O4'" . A   B 2 8  ? 12.668  -1.337  5.839   1.00 87.18  ? 9  A   B "O4'" 1 
ATOM   442  C  "C3'" . A   B 2 8  ? 11.887  -2.612  7.637   1.00 87.92  ? 9  A   B "C3'" 1 
ATOM   443  O  "O3'" . A   B 2 8  ? 12.296  -3.155  8.881   1.00 91.50  ? 9  A   B "O3'" 1 
ATOM   444  C  "C2'" . A   B 2 8  ? 11.278  -1.221  7.757   1.00 84.65  ? 9  A   B "C2'" 1 
ATOM   445  O  "O2'" . A   B 2 8  ? 11.986  -0.426  8.686   1.00 85.83  ? 9  A   B "O2'" 1 
ATOM   446  C  "C1'" . A   B 2 8  ? 11.546  -0.654  6.365   1.00 82.80  ? 9  A   B "C1'" 1 
ATOM   447  N  N9    . A   B 2 8  ? 10.454  -0.786  5.387   1.00 79.36  ? 9  A   B N9    1 
ATOM   448  C  C8    . A   B 2 8  ? 10.396  -1.648  4.346   1.00 78.01  ? 9  A   B C8    1 
ATOM   449  N  N7    . A   B 2 8  ? 9.365   -1.481  3.575   1.00 75.85  ? 9  A   B N7    1 
ATOM   450  C  C5    . A   B 2 8  ? 8.700   -0.444  4.160   1.00 75.48  ? 9  A   B C5    1 
ATOM   451  C  C6    . A   B 2 8  ? 7.515   0.188   3.795   1.00 73.43  ? 9  A   B C6    1 
ATOM   452  N  N6    . A   B 2 8  ? 6.809   -0.159  2.694   1.00 69.63  ? 9  A   B N6    1 
ATOM   453  N  N1    . A   B 2 8  ? 7.105   1.181   4.603   1.00 74.69  ? 9  A   B N1    1 
ATOM   454  C  C2    . A   B 2 8  ? 7.841   1.497   5.671   1.00 74.42  ? 9  A   B C2    1 
ATOM   455  N  N3    . A   B 2 8  ? 8.958   0.981   6.123   1.00 76.93  ? 9  A   B N3    1 
ATOM   456  C  C4    . A   B 2 8  ? 9.337   -0.006  5.302   1.00 76.60  ? 9  A   B C4    1 
ATOM   457  P  P     . A   B 2 9  ? 11.497  -4.402  9.502   1.00 95.34  ? 10 A   B P     1 
ATOM   458  O  OP1   . A   B 2 9  ? 12.201  -4.770  10.756  1.00 96.51  ? 10 A   B OP1   1 
ATOM   459  O  OP2   . A   B 2 9  ? 11.278  -5.427  8.447   1.00 95.30  ? 10 A   B OP2   1 
ATOM   460  O  "O5'" . A   B 2 9  ? 10.071  -3.799  9.867   1.00 88.62  ? 10 A   B "O5'" 1 
ATOM   461  C  "C5'" . A   B 2 9  ? 9.907   -2.951  10.993  1.00 77.18  ? 10 A   B "C5'" 1 
ATOM   462  C  "C4'" . A   B 2 9  ? 8.530   -2.334  10.989  1.00 73.03  ? 10 A   B "C4'" 1 
ATOM   463  O  "O4'" . A   B 2 9  ? 8.405   -1.459  9.838   1.00 72.52  ? 10 A   B "O4'" 1 
ATOM   464  C  "C3'" . A   B 2 9  ? 7.384   -3.313  10.827  1.00 72.34  ? 10 A   B "C3'" 1 
ATOM   465  O  "O3'" . A   B 2 9  ? 7.018   -3.896  12.065  1.00 74.61  ? 10 A   B "O3'" 1 
ATOM   466  C  "C2'" . A   B 2 9  ? 6.288   -2.420  10.274  1.00 74.02  ? 10 A   B "C2'" 1 
ATOM   467  O  "O2'" . A   B 2 9  ? 5.696   -1.641  11.283  1.00 75.43  ? 10 A   B "O2'" 1 
ATOM   468  C  "C1'" . A   B 2 9  ? 7.084   -1.509  9.341   1.00 71.90  ? 10 A   B "C1'" 1 
ATOM   469  N  N9    . A   B 2 9  ? 7.127   -2.001  7.965   1.00 73.20  ? 10 A   B N9    1 
ATOM   470  C  C8    . A   B 2 9  ? 8.074   -2.795  7.370   1.00 73.57  ? 10 A   B C8    1 
ATOM   471  N  N7    . A   B 2 9  ? 7.808   -3.091  6.122   1.00 71.22  ? 10 A   B N7    1 
ATOM   472  C  C5    . A   B 2 9  ? 6.611   -2.442  5.878   1.00 72.31  ? 10 A   B C5    1 
ATOM   473  C  C6    . A   B 2 9  ? 5.806   -2.363  4.744   1.00 72.48  ? 10 A   B C6    1 
ATOM   474  N  N6    . A   B 2 9  ? 6.087   -2.981  3.602   1.00 72.64  ? 10 A   B N6    1 
ATOM   475  N  N1    . A   B 2 9  ? 4.682   -1.623  4.821   1.00 73.06  ? 10 A   B N1    1 
ATOM   476  C  C2    . A   B 2 9  ? 4.398   -1.014  5.975   1.00 72.64  ? 10 A   B C2    1 
ATOM   477  N  N3    . A   B 2 9  ? 5.074   -1.020  7.115   1.00 72.84  ? 10 A   B N3    1 
ATOM   478  C  C4    . A   B 2 9  ? 6.185   -1.761  6.999   1.00 72.67  ? 10 A   B C4    1 
ATOM   479  P  P     . G   B 2 10 ? 6.387   -5.373  12.095  1.00 78.74  ? 11 G   B P     1 
ATOM   480  O  OP1   . G   B 2 10 ? 6.045   -5.688  13.499  1.00 83.79  ? 11 G   B OP1   1 
ATOM   481  O  OP2   . G   B 2 10 ? 7.310   -6.267  11.356  1.00 78.49  ? 11 G   B OP2   1 
ATOM   482  O  "O5'" . G   B 2 10 ? 5.010   -5.203  11.319  1.00 70.95  ? 11 G   B "O5'" 1 
ATOM   483  C  "C5'" . G   B 2 10 ? 3.952   -4.504  11.940  1.00 65.50  ? 11 G   B "C5'" 1 
ATOM   484  C  "C4'" . G   B 2 10 ? 2.847   -4.228  10.965  1.00 66.82  ? 11 G   B "C4'" 1 
ATOM   485  O  "O4'" . G   B 2 10 ? 3.387   -3.511  9.832   1.00 69.63  ? 11 G   B "O4'" 1 
ATOM   486  C  "C3'" . G   B 2 10 ? 2.224   -5.447  10.341  1.00 66.84  ? 11 G   B "C3'" 1 
ATOM   487  O  "O3'" . G   B 2 10 ? 1.253   -6.022  11.175  1.00 70.13  ? 11 G   B "O3'" 1 
ATOM   488  C  "C2'" . G   B 2 10 ? 1.627   -4.883  9.069   1.00 69.13  ? 11 G   B "C2'" 1 
ATOM   489  O  "O2'" . G   B 2 10 ? 0.434   -4.171  9.315   1.00 72.52  ? 11 G   B "O2'" 1 
ATOM   490  C  "C1'" . G   B 2 10 ? 2.718   -3.910  8.649   1.00 67.14  ? 11 G   B "C1'" 1 
ATOM   491  N  N9    . G   B 2 10 ? 3.685   -4.527  7.750   1.00 65.70  ? 11 G   B N9    1 
ATOM   492  C  C8    . G   B 2 10 ? 4.959   -4.941  8.048   1.00 64.44  ? 11 G   B C8    1 
ATOM   493  N  N7    . G   B 2 10 ? 5.594   -5.438  7.021   1.00 65.09  ? 11 G   B N7    1 
ATOM   494  C  C5    . G   B 2 10 ? 4.682   -5.356  5.980   1.00 65.21  ? 11 G   B C5    1 
ATOM   495  C  C6    . G   B 2 10 ? 4.805   -5.741  4.612   1.00 64.96  ? 11 G   B C6    1 
ATOM   496  O  O6    . G   B 2 10 ? 5.779   -6.260  4.032   1.00 63.27  ? 11 G   B O6    1 
ATOM   497  N  N1    . G   B 2 10 ? 3.639   -5.464  3.905   1.00 61.76  ? 11 G   B N1    1 
ATOM   498  C  C2    . G   B 2 10 ? 2.504   -4.900  4.441   1.00 65.65  ? 11 G   B C2    1 
ATOM   499  N  N2    . G   B 2 10 ? 1.475   -4.696  3.594   1.00 64.76  ? 11 G   B N2    1 
ATOM   500  N  N3    . G   B 2 10 ? 2.379   -4.552  5.710   1.00 64.58  ? 11 G   B N3    1 
ATOM   501  C  C4    . G   B 2 10 ? 3.498   -4.802  6.415   1.00 63.75  ? 11 G   B C4    1 
ATOM   502  P  P     . G   B 2 11 ? 1.007   -7.597  11.091  1.00 74.22  ? 12 G   B P     1 
ATOM   503  O  OP1   . G   B 2 11 ? 0.192   -8.005  12.258  1.00 75.10  ? 12 G   B OP1   1 
ATOM   504  O  OP2   . G   B 2 11 ? 2.348   -8.200  10.880  1.00 63.88  ? 12 G   B OP2   1 
ATOM   505  O  "O5'" . G   B 2 11 ? 0.096   -7.760  9.798   1.00 67.55  ? 12 G   B "O5'" 1 
ATOM   506  C  "C5'" . G   B 2 11 ? -1.217  -7.239  9.818   1.00 65.08  ? 12 G   B "C5'" 1 
ATOM   507  C  "C4'" . G   B 2 11 ? -1.846  -7.297  8.456   1.00 68.40  ? 12 G   B "C4'" 1 
ATOM   508  O  "O4'" . G   B 2 11 ? -1.021  -6.557  7.530   1.00 69.65  ? 12 G   B "O4'" 1 
ATOM   509  C  "C3'" . G   B 2 11 ? -1.937  -8.671  7.824   1.00 69.92  ? 12 G   B "C3'" 1 
ATOM   510  O  "O3'" . G   B 2 11 ? -3.056  -9.402  8.262   1.00 73.72  ? 12 G   B "O3'" 1 
ATOM   511  C  "C2'" . G   B 2 11 ? -2.055  -8.329  6.356   1.00 63.91  ? 12 G   B "C2'" 1 
ATOM   512  O  "O2'" . G   B 2 11 ? -3.357  -7.857  6.070   1.00 65.73  ? 12 G   B "O2'" 1 
ATOM   513  C  "C1'" . G   B 2 11 ? -1.066  -7.177  6.257   1.00 64.76  ? 12 G   B "C1'" 1 
ATOM   514  N  N9    . G   B 2 11 ? 0.271   -7.656  5.920   1.00 61.65  ? 12 G   B N9    1 
ATOM   515  C  C8    . G   B 2 11 ? 1.343   -7.801  6.762   1.00 59.45  ? 12 G   B C8    1 
ATOM   516  N  N7    . G   B 2 11 ? 2.414   -8.233  6.153   1.00 60.92  ? 12 G   B N7    1 
ATOM   517  C  C5    . G   B 2 11 ? 2.025   -8.386  4.828   1.00 57.20  ? 12 G   B C5    1 
ATOM   518  C  C6    . G   B 2 11 ? 2.763   -8.815  3.695   1.00 57.88  ? 12 G   B C6    1 
ATOM   519  O  O6    . G   B 2 11 ? 3.951   -9.136  3.626   1.00 57.41  ? 12 G   B O6    1 
ATOM   520  N  N1    . G   B 2 11 ? 1.977   -8.840  2.550   1.00 56.04  ? 12 G   B N1    1 
ATOM   521  C  C2    . G   B 2 11 ? 0.658   -8.486  2.493   1.00 58.72  ? 12 G   B C2    1 
ATOM   522  N  N2    . G   B 2 11 ? 0.075   -8.574  1.286   1.00 59.77  ? 12 G   B N2    1 
ATOM   523  N  N3    . G   B 2 11 ? -0.040  -8.074  3.538   1.00 60.20  ? 12 G   B N3    1 
ATOM   524  C  C4    . G   B 2 11 ? 0.703   -8.049  4.668   1.00 60.60  ? 12 G   B C4    1 
ATOM   525  P  P     . G   B 2 12 ? -2.974  -10.995 8.285   1.00 74.46  ? 13 G   B P     1 
ATOM   526  O  OP1   . G   B 2 12 ? -4.279  -11.486 8.775   1.00 75.48  ? 13 G   B OP1   1 
ATOM   527  O  OP2   . G   B 2 12 ? -1.725  -11.367 9.006   1.00 68.75  ? 13 G   B OP2   1 
ATOM   528  O  "O5'" . G   B 2 12 ? -2.869  -11.369 6.745   1.00 74.32  ? 13 G   B "O5'" 1 
ATOM   529  C  "C5'" . G   B 2 12 ? -3.957  -11.091 5.876   1.00 71.42  ? 13 G   B "C5'" 1 
ATOM   530  C  "C4'" . G   B 2 12 ? -3.608  -11.456 4.460   1.00 75.11  ? 13 G   B "C4'" 1 
ATOM   531  O  "O4'" . G   B 2 12 ? -2.443  -10.695 4.068   1.00 76.03  ? 13 G   B "O4'" 1 
ATOM   532  C  "C3'" . G   B 2 12 ? -3.155  -12.893 4.276   1.00 76.94  ? 13 G   B "C3'" 1 
ATOM   533  O  "O3'" . G   B 2 12 ? -4.257  -13.773 4.134   1.00 84.52  ? 13 G   B "O3'" 1 
ATOM   534  C  "C2'" . G   B 2 12 ? -2.344  -12.802 2.995   1.00 73.00  ? 13 G   B "C2'" 1 
ATOM   535  O  "O2'" . G   B 2 12 ? -3.147  -12.742 1.834   1.00 79.12  ? 13 G   B "O2'" 1 
ATOM   536  C  "C1'" . G   B 2 12 ? -1.659  -11.457 3.181   1.00 68.12  ? 13 G   B "C1'" 1 
ATOM   537  N  N9    . G   B 2 12 ? -0.318  -11.618 3.724   1.00 62.14  ? 13 G   B N9    1 
ATOM   538  C  C8    . G   B 2 12 ? 0.131   -11.400 4.997   1.00 59.31  ? 13 G   B C8    1 
ATOM   539  N  N7    . G   B 2 12 ? 1.404   -11.655 5.134   1.00 56.99  ? 13 G   B N7    1 
ATOM   540  C  C5    . G   B 2 12 ? 1.802   -12.062 3.871   1.00 56.84  ? 13 G   B C5    1 
ATOM   541  C  C6    . G   B 2 12 ? 3.063   -12.469 3.392   1.00 59.04  ? 13 G   B C6    1 
ATOM   542  O  O6    . G   B 2 12 ? 4.124   -12.557 4.011   1.00 62.03  ? 13 G   B O6    1 
ATOM   543  N  N1    . G   B 2 12 ? 3.022   -12.798 2.044   1.00 58.44  ? 13 G   B N1    1 
ATOM   544  C  C2    . G   B 2 12 ? 1.913   -12.742 1.258   1.00 57.97  ? 13 G   B C2    1 
ATOM   545  N  N2    . G   B 2 12 ? 2.080   -13.093 -0.017  1.00 54.68  ? 13 G   B N2    1 
ATOM   546  N  N3    . G   B 2 12 ? 0.729   -12.366 1.690   1.00 56.93  ? 13 G   B N3    1 
ATOM   547  C  C4    . G   B 2 12 ? 0.748   -12.043 2.996   1.00 58.79  ? 13 G   B C4    1 
HETATM 548  P  P     . S9L B 2 13 ? -4.168  -15.266 4.723   1.00 82.84  ? 14 S9L B P     1 
HETATM 549  O  O1P   . S9L B 2 13 ? -2.887  -15.895 4.250   1.00 88.57  ? 14 S9L B O1P   1 
HETATM 550  O  O2P   . S9L B 2 13 ? -4.386  -15.183 6.199   1.00 78.47  ? 14 S9L B O2P   1 
HETATM 551  O  "O5'" . S9L B 2 13 ? -5.409  -15.998 4.042   1.00 89.49  ? 14 S9L B "O5'" 1 
HETATM 552  C  C12   . S9L B 2 13 ? -5.939  -15.591 2.758   1.00 100.17 ? 14 S9L B C12   1 
HETATM 553  C  C22   . S9L B 2 13 ? -4.815  -15.558 1.676   1.00 103.57 ? 14 S9L B C22   1 
HETATM 554  O  OH3   . S9L B 2 13 ? -4.615  -16.849 1.065   1.00 112.00 ? 14 S9L B OH3   1 
HETATM 555  C  C13   . S9L B 2 13 ? -3.057  -18.778 0.998   1.00 112.57 ? 14 S9L B C13   1 
HETATM 556  C  C23   . S9L B 2 13 ? -3.799  -17.745 1.870   1.00 113.53 ? 14 S9L B C23   1 
HETATM 557  O  OH4   . S9L B 2 13 ? -3.947  -19.841 0.625   1.00 112.12 ? 14 S9L B OH4   1 
HETATM 558  C  C14   . S9L B 2 13 ? -5.319  -20.622 -1.211  1.00 102.92 ? 14 S9L B C14   1 
HETATM 559  C  C24   . S9L B 2 13 ? -3.949  -20.056 -0.795  1.00 105.92 ? 14 S9L B C24   1 
HETATM 560  O  "O3'" . S9L B 2 13 ? -5.760  -19.960 -2.393  1.00 89.85  ? 14 S9L B "O3'" 1 
ATOM   561  P  P     . G   B 2 14 ? -6.171  -18.742 -3.355  1.00 88.06  ? 15 G   B P     1 
ATOM   562  O  OP1   . G   B 2 14 ? -5.247  -17.599 -3.132  1.00 90.15  ? 15 G   B OP1   1 
ATOM   563  O  OP2   . G   B 2 14 ? -7.632  -18.523 -3.258  1.00 84.28  ? 15 G   B OP2   1 
ATOM   564  O  "O5'" . G   B 2 14 ? -5.904  -19.330 -4.803  1.00 85.88  ? 15 G   B "O5'" 1 
ATOM   565  C  "C5'" . G   B 2 14 ? -4.658  -19.903 -5.134  1.00 76.03  ? 15 G   B "C5'" 1 
ATOM   566  C  "C4'" . G   B 2 14 ? -4.534  -19.979 -6.624  1.00 69.98  ? 15 G   B "C4'" 1 
ATOM   567  O  "O4'" . G   B 2 14 ? -5.525  -20.908 -7.109  1.00 71.03  ? 15 G   B "O4'" 1 
ATOM   568  C  "C3'" . G   B 2 14 ? -4.854  -18.687 -7.355  1.00 66.23  ? 15 G   B "C3'" 1 
ATOM   569  O  "O3'" . G   B 2 14 ? -3.675  -17.908 -7.447  1.00 61.35  ? 15 G   B "O3'" 1 
ATOM   570  C  "C2'" . G   B 2 14 ? -5.253  -19.203 -8.725  1.00 65.79  ? 15 G   B "C2'" 1 
ATOM   571  O  "O2'" . G   B 2 14 ? -4.113  -19.580 -9.461  1.00 68.65  ? 15 G   B "O2'" 1 
ATOM   572  C  "C1'" . G   B 2 14 ? -6.012  -20.471 -8.358  1.00 68.11  ? 15 G   B "C1'" 1 
ATOM   573  N  N9    . G   B 2 14 ? -7.452  -20.282 -8.247  1.00 68.27  ? 15 G   B N9    1 
ATOM   574  C  C8    . G   B 2 14 ? -8.200  -20.278 -7.104  1.00 67.25  ? 15 G   B C8    1 
ATOM   575  N  N7    . G   B 2 14 ? -9.471  -20.091 -7.327  1.00 65.46  ? 15 G   B N7    1 
ATOM   576  C  C5    . G   B 2 14 ? -9.557  -19.966 -8.703  1.00 67.10  ? 15 G   B C5    1 
ATOM   577  C  C6    . G   B 2 14 ? -10.682 -19.757 -9.535  1.00 65.76  ? 15 G   B C6    1 
ATOM   578  O  O6    . G   B 2 14 ? -11.861 -19.637 -9.208  1.00 65.01  ? 15 G   B O6    1 
ATOM   579  N  N1    . G   B 2 14 ? -10.326 -19.696 -10.876 1.00 63.92  ? 15 G   B N1    1 
ATOM   580  C  C2    . G   B 2 14 ? -9.050  -19.822 -11.356 1.00 69.28  ? 15 G   B C2    1 
ATOM   581  N  N2    . G   B 2 14 ? -8.901  -19.739 -12.689 1.00 71.12  ? 15 G   B N2    1 
ATOM   582  N  N3    . G   B 2 14 ? -7.991  -20.017 -10.587 1.00 70.55  ? 15 G   B N3    1 
ATOM   583  C  C4    . G   B 2 14 ? -8.318  -20.078 -9.284  1.00 67.22  ? 15 G   B C4    1 
ATOM   584  P  P     . G   B 2 15 ? -3.765  -16.316 -7.652  1.00 61.09  ? 16 G   B P     1 
ATOM   585  O  OP1   . G   B 2 15 ? -2.400  -15.812 -7.384  1.00 67.44  ? 16 G   B OP1   1 
ATOM   586  O  OP2   . G   B 2 15 ? -4.929  -15.723 -6.945  1.00 64.64  ? 16 G   B OP2   1 
ATOM   587  O  "O5'" . G   B 2 15 ? -4.052  -16.121 -9.193  1.00 64.67  ? 16 G   B "O5'" 1 
ATOM   588  C  "C5'" . G   B 2 15 ? -3.083  -16.423 -10.178 1.00 63.02  ? 16 G   B "C5'" 1 
ATOM   589  C  "C4'" . G   B 2 15 ? -3.682  -16.152 -11.520 1.00 71.02  ? 16 G   B "C4'" 1 
ATOM   590  O  "O4'" . G   B 2 15 ? -4.747  -17.109 -11.751 1.00 72.80  ? 16 G   B "O4'" 1 
ATOM   591  C  "C3'" . G   B 2 15 ? -4.378  -14.807 -11.590 1.00 68.25  ? 16 G   B "C3'" 1 
ATOM   592  O  "O3'" . G   B 2 15 ? -3.463  -13.777 -11.908 1.00 71.07  ? 16 G   B "O3'" 1 
ATOM   593  C  "C2'" . G   B 2 15 ? -5.382  -15.033 -12.704 1.00 67.41  ? 16 G   B "C2'" 1 
ATOM   594  O  "O2'" . G   B 2 15 ? -4.734  -14.982 -13.955 1.00 71.20  ? 16 G   B "O2'" 1 
ATOM   595  C  "C1'" . G   B 2 15 ? -5.823  -16.466 -12.412 1.00 72.49  ? 16 G   B "C1'" 1 
ATOM   596  N  N9    . G   B 2 15 ? -6.991  -16.515 -11.536 1.00 73.41  ? 16 G   B N9    1 
ATOM   597  C  C8    . G   B 2 15 ? -7.015  -16.650 -10.167 1.00 72.84  ? 16 G   B C8    1 
ATOM   598  N  N7    . G   B 2 15 ? -8.223  -16.687 -9.673  1.00 74.40  ? 16 G   B N7    1 
ATOM   599  C  C5    . G   B 2 15 ? -9.047  -16.564 -10.783 1.00 74.63  ? 16 G   B C5    1 
ATOM   600  C  C6    . G   B 2 15 ? -10.457 -16.553 -10.879 1.00 74.41  ? 16 G   B C6    1 
ATOM   601  O  O6    . G   B 2 15 ? -11.288 -16.647 -9.973  1.00 75.87  ? 16 G   B O6    1 
ATOM   602  N  N1    . G   B 2 15 ? -10.876 -16.418 -12.198 1.00 76.58  ? 16 G   B N1    1 
ATOM   603  C  C2    . G   B 2 15 ? -10.043 -16.309 -13.288 1.00 78.11  ? 16 G   B C2    1 
ATOM   604  N  N2    . G   B 2 15 ? -10.633 -16.202 -14.488 1.00 79.88  ? 16 G   B N2    1 
ATOM   605  N  N3    . G   B 2 15 ? -8.726  -16.312 -13.208 1.00 76.08  ? 16 G   B N3    1 
ATOM   606  C  C4    . G   B 2 15 ? -8.299  -16.445 -11.938 1.00 74.63  ? 16 G   B C4    1 
ATOM   607  P  P     . C   B 2 16 ? -3.807  -12.260 -11.511 1.00 66.93  ? 17 C   B P     1 
ATOM   608  O  OP1   . C   B 2 16 ? -2.606  -11.479 -11.890 1.00 70.23  ? 17 C   B OP1   1 
ATOM   609  O  OP2   . C   B 2 16 ? -4.348  -12.187 -10.126 1.00 71.58  ? 17 C   B OP2   1 
ATOM   610  O  "O5'" . C   B 2 16 ? -5.007  -11.857 -12.461 1.00 71.78  ? 17 C   B "O5'" 1 
ATOM   611  C  "C5'" . C   B 2 16 ? -4.799  -11.696 -13.843 1.00 70.43  ? 17 C   B "C5'" 1 
ATOM   612  C  "C4'" . C   B 2 16 ? -6.117  -11.497 -14.527 1.00 72.86  ? 17 C   B "C4'" 1 
ATOM   613  O  "O4'" . C   B 2 16 ? -6.932  -12.671 -14.283 1.00 73.31  ? 17 C   B "O4'" 1 
ATOM   614  C  "C3'" . C   B 2 16 ? -6.965  -10.394 -13.921 1.00 72.89  ? 17 C   B "C3'" 1 
ATOM   615  O  "O3'" . C   B 2 16 ? -6.602  -9.099  -14.345 1.00 77.17  ? 17 C   B "O3'" 1 
ATOM   616  C  "C2'" . C   B 2 16 ? -8.355  -10.785 -14.374 1.00 70.98  ? 17 C   B "C2'" 1 
ATOM   617  O  "O2'" . C   B 2 16 ? -8.546  -10.499 -15.745 1.00 70.17  ? 17 C   B "O2'" 1 
ATOM   618  C  "C1'" . C   B 2 16 ? -8.293  -12.293 -14.196 1.00 70.43  ? 17 C   B "C1'" 1 
ATOM   619  N  N1    . C   B 2 16 ? -8.828  -12.666 -12.888 1.00 67.32  ? 17 C   B N1    1 
ATOM   620  C  C2    . C   B 2 16 ? -10.205 -12.773 -12.766 1.00 68.81  ? 17 C   B C2    1 
ATOM   621  O  O2    . C   B 2 16 ? -10.901 -12.593 -13.779 1.00 71.54  ? 17 C   B O2    1 
ATOM   622  N  N3    . C   B 2 16 ? -10.748 -13.065 -11.562 1.00 67.83  ? 17 C   B N3    1 
ATOM   623  C  C4    . C   B 2 16 ? -9.956  -13.256 -10.509 1.00 67.23  ? 17 C   B C4    1 
ATOM   624  N  N4    . C   B 2 16 ? -10.531 -13.523 -9.331  1.00 65.41  ? 17 C   B N4    1 
ATOM   625  C  C5    . C   B 2 16 ? -8.535  -13.176 -10.614 1.00 65.45  ? 17 C   B C5    1 
ATOM   626  C  C6    . C   B 2 16 ? -8.018  -12.882 -11.814 1.00 63.88  ? 17 C   B C6    1 
ATOM   627  P  P     . A   B 2 17 ? -6.940  -7.842  -13.404 1.00 80.57  ? 18 A   B P     1 
ATOM   628  O  OP1   . A   B 2 17 ? -6.423  -6.656  -14.126 1.00 81.23  ? 18 A   B OP1   1 
ATOM   629  O  OP2   . A   B 2 17 ? -6.512  -8.106  -12.003 1.00 75.89  ? 18 A   B OP2   1 
ATOM   630  O  "O5'" . A   B 2 17 ? -8.525  -7.783  -13.419 1.00 79.28  ? 18 A   B "O5'" 1 
ATOM   631  C  "C5'" . A   B 2 17 ? -9.185  -7.433  -14.614 1.00 76.35  ? 18 A   B "C5'" 1 
ATOM   632  C  "C4'" . A   B 2 17 ? -10.669 -7.439  -14.419 1.00 79.22  ? 18 A   B "C4'" 1 
ATOM   633  O  "O4'" . A   B 2 17 ? -11.098 -8.775  -14.050 1.00 80.96  ? 18 A   B "O4'" 1 
ATOM   634  C  "C3'" . A   B 2 17 ? -11.157 -6.588  -13.265 1.00 83.11  ? 18 A   B "C3'" 1 
ATOM   635  O  "O3'" . A   B 2 17 ? -11.253 -5.226  -13.632 1.00 90.41  ? 18 A   B "O3'" 1 
ATOM   636  C  "C2'" . A   B 2 17 ? -12.513 -7.212  -12.976 1.00 82.47  ? 18 A   B "C2'" 1 
ATOM   637  O  "O2'" . A   B 2 17 ? -13.471 -6.858  -13.952 1.00 85.53  ? 18 A   B "O2'" 1 
ATOM   638  C  "C1'" . A   B 2 17 ? -12.199 -8.689  -13.163 1.00 78.09  ? 18 A   B "C1'" 1 
ATOM   639  N  N9    . A   B 2 17 ? -11.832 -9.286  -11.888 1.00 75.07  ? 18 A   B N9    1 
ATOM   640  C  C8    . A   B 2 17 ? -10.600 -9.662  -11.430 1.00 73.83  ? 18 A   B C8    1 
ATOM   641  N  N7    . A   B 2 17 ? -10.623 -10.173 -10.225 1.00 72.03  ? 18 A   B N7    1 
ATOM   642  C  C5    . A   B 2 17 ? -11.959 -10.122 -9.869  1.00 68.57  ? 18 A   B C5    1 
ATOM   643  C  C6    . A   B 2 17 ? -12.633 -10.509 -8.715  1.00 68.68  ? 18 A   B C6    1 
ATOM   644  N  N6    . A   B 2 17 ? -12.021 -11.037 -7.658  1.00 67.04  ? 18 A   B N6    1 
ATOM   645  N  N1    . A   B 2 17 ? -13.973 -10.331 -8.676  1.00 70.27  ? 18 A   B N1    1 
ATOM   646  C  C2    . A   B 2 17 ? -14.576 -9.788  -9.738  1.00 71.04  ? 18 A   B C2    1 
ATOM   647  N  N3    . A   B 2 17 ? -14.043 -9.378  -10.883 1.00 71.06  ? 18 A   B N3    1 
ATOM   648  C  C4    . A   B 2 17 ? -12.715 -9.578  -10.882 1.00 70.29  ? 18 A   B C4    1 
ATOM   649  P  P     . G   B 2 18 ? -11.114 -4.091  -12.503 1.00 93.28  ? 19 G   B P     1 
ATOM   650  O  OP1   . G   B 2 18 ? -11.092 -2.800  -13.242 1.00 91.28  ? 19 G   B OP1   1 
ATOM   651  O  OP2   . G   B 2 18 ? -9.975  -4.454  -11.617 1.00 93.75  ? 19 G   B OP2   1 
ATOM   652  O  "O5'" . G   B 2 18 ? -12.469 -4.198  -11.667 1.00 86.70  ? 19 G   B "O5'" 1 
ATOM   653  C  "C5'" . G   B 2 18 ? -13.701 -3.843  -12.270 1.00 77.95  ? 19 G   B "C5'" 1 
ATOM   654  C  "C4'" . G   B 2 18 ? -14.861 -4.088  -11.338 1.00 79.08  ? 19 G   B "C4'" 1 
ATOM   655  O  "O4'" . G   B 2 18 ? -14.919 -5.498  -10.988 1.00 79.79  ? 19 G   B "O4'" 1 
ATOM   656  C  "C3'" . G   B 2 18 ? -14.762 -3.407  -9.988  1.00 84.05  ? 19 G   B "C3'" 1 
ATOM   657  O  "O3'" . G   B 2 18 ? -15.110 -2.034  -10.047 1.00 91.83  ? 19 G   B "O3'" 1 
ATOM   658  C  "C2'" . G   B 2 18 ? -15.699 -4.248  -9.128  1.00 83.39  ? 19 G   B "C2'" 1 
ATOM   659  O  "O2'" . G   B 2 18 ? -17.072 -3.966  -9.315  1.00 84.86  ? 19 G   B "O2'" 1 
ATOM   660  C  "C1'" . G   B 2 18 ? -15.410 -5.644  -9.666  1.00 80.16  ? 19 G   B "C1'" 1 
ATOM   661  N  N9    . G   B 2 18 ? -14.408 -6.326  -8.862  1.00 77.32  ? 19 G   B N9    1 
ATOM   662  C  C8    . G   B 2 18 ? -13.074 -6.495  -9.145  1.00 77.05  ? 19 G   B C8    1 
ATOM   663  N  N7    . G   B 2 18 ? -12.431 -7.139  -8.206  1.00 77.20  ? 19 G   B N7    1 
ATOM   664  C  C5    . G   B 2 18 ? -13.403 -7.416  -7.256  1.00 74.19  ? 19 G   B C5    1 
ATOM   665  C  C6    . G   B 2 18 ? -13.304 -8.091  -6.019  1.00 73.95  ? 19 G   B C6    1 
ATOM   666  O  O6    . G   B 2 18 ? -12.304 -8.599  -5.503  1.00 73.96  ? 19 G   B O6    1 
ATOM   667  N  N1    . G   B 2 18 ? -14.533 -8.143  -5.365  1.00 74.52  ? 19 G   B N1    1 
ATOM   668  C  C2    . G   B 2 18 ? -15.705 -7.609  -5.846  1.00 76.19  ? 19 G   B C2    1 
ATOM   669  N  N2    . G   B 2 18 ? -16.788 -7.760  -5.071  1.00 74.87  ? 19 G   B N2    1 
ATOM   670  N  N3    . G   B 2 18 ? -15.808 -6.974  -7.001  1.00 75.25  ? 19 G   B N3    1 
ATOM   671  C  C4    . G   B 2 18 ? -14.628 -6.918  -7.648  1.00 75.60  ? 19 G   B C4    1 
ATOM   672  P  P     . A   B 2 19 ? -14.307 -0.977  -9.138  1.00 94.65  ? 20 A   B P     1 
ATOM   673  O  OP1   . A   B 2 19 ? -14.892 0.361   -9.413  1.00 93.44  ? 20 A   B OP1   1 
ATOM   674  O  OP2   . A   B 2 19 ? -12.856 -1.196  -9.369  1.00 90.61  ? 20 A   B OP2   1 
ATOM   675  O  "O5'" . A   B 2 19 ? -14.683 -1.418  -7.648  1.00 87.74  ? 20 A   B "O5'" 1 
ATOM   676  C  "C5'" . A   B 2 19 ? -16.003 -1.210  -7.176  1.00 84.91  ? 20 A   B "C5'" 1 
ATOM   677  C  "C4'" . A   B 2 19 ? -16.287 -2.016  -5.931  1.00 87.37  ? 20 A   B "C4'" 1 
ATOM   678  O  "O4'" . A   B 2 19 ? -15.953 -3.404  -6.177  1.00 90.62  ? 20 A   B "O4'" 1 
ATOM   679  C  "C3'" . A   B 2 19 ? -15.480 -1.668  -4.691  1.00 89.03  ? 20 A   B "C3'" 1 
ATOM   680  O  "O3'" . A   B 2 19 ? -15.985 -0.531  -4.004  1.00 88.83  ? 20 A   B "O3'" 1 
ATOM   681  C  "C2'" . A   B 2 19 ? -15.569 -2.953  -3.879  1.00 89.75  ? 20 A   B "C2'" 1 
ATOM   682  O  "O2'" . A   B 2 19 ? -16.774 -3.135  -3.161  1.00 92.14  ? 20 A   B "O2'" 1 
ATOM   683  C  "C1'" . A   B 2 19 ? -15.469 -3.998  -4.984  1.00 88.85  ? 20 A   B "C1'" 1 
ATOM   684  N  N9    . A   B 2 19 ? -14.076 -4.382  -5.171  1.00 83.38  ? 20 A   B N9    1 
ATOM   685  C  C8    . A   B 2 19 ? -13.197 -4.097  -6.191  1.00 81.70  ? 20 A   B C8    1 
ATOM   686  N  N7    . A   B 2 19 ? -11.999 -4.604  -6.012  1.00 79.08  ? 20 A   B N7    1 
ATOM   687  C  C5    . A   B 2 19 ? -12.102 -5.267  -4.794  1.00 78.23  ? 20 A   B C5    1 
ATOM   688  C  C6    . A   B 2 19 ? -11.181 -6.009  -4.041  1.00 75.87  ? 20 A   B C6    1 
ATOM   689  N  N6    . A   B 2 19 ? -9.924  -6.227  -4.430  1.00 73.76  ? 20 A   B N6    1 
ATOM   690  N  N1    . A   B 2 19 ? -11.603 -6.529  -2.860  1.00 75.18  ? 20 A   B N1    1 
ATOM   691  C  C2    . A   B 2 19 ? -12.870 -6.313  -2.480  1.00 76.75  ? 20 A   B C2    1 
ATOM   692  N  N3    . A   B 2 19 ? -13.830 -5.638  -3.108  1.00 80.00  ? 20 A   B N3    1 
ATOM   693  C  C4    . A   B 2 19 ? -13.374 -5.136  -4.269  1.00 79.48  ? 20 A   B C4    1 
ATOM   694  P  P     . G   B 2 20 ? -14.956 0.561   -3.417  1.00 92.47  ? 21 G   B P     1 
ATOM   695  O  OP1   . G   B 2 20 ? -15.730 1.645   -2.748  1.00 93.67  ? 21 G   B OP1   1 
ATOM   696  O  OP2   . G   B 2 20 ? -13.986 0.904   -4.498  1.00 84.10  ? 21 G   B OP2   1 
ATOM   697  O  "O5'" . G   B 2 20 ? -14.215 -0.239  -2.260  1.00 90.79  ? 21 G   B "O5'" 1 
ATOM   698  C  "C5'" . G   B 2 20 ? -14.986 -0.813  -1.215  1.00 86.41  ? 21 G   B "C5'" 1 
ATOM   699  C  "C4'" . G   B 2 20 ? -14.133 -1.680  -0.324  1.00 84.90  ? 21 G   B "C4'" 1 
ATOM   700  O  "O4'" . G   B 2 20 ? -13.648 -2.826  -1.074  1.00 85.04  ? 21 G   B "O4'" 1 
ATOM   701  C  "C3'" . G   B 2 20 ? -12.866 -1.032  0.199   1.00 86.44  ? 21 G   B "C3'" 1 
ATOM   702  O  "O3'" . G   B 2 20 ? -13.120 -0.222  1.331   1.00 88.82  ? 21 G   B "O3'" 1 
ATOM   703  C  "C2'" . G   B 2 20 ? -12.017 -2.248  0.540   1.00 86.77  ? 21 G   B "C2'" 1 
ATOM   704  O  "O2'" . G   B 2 20 ? -12.432 -2.875  1.740   1.00 86.25  ? 21 G   B "O2'" 1 
ATOM   705  C  "C1'" . G   B 2 20 ? -12.350 -3.176  -0.623  1.00 80.45  ? 21 G   B "C1'" 1 
ATOM   706  N  N9    . G   B 2 20 ? -11.393 -3.041  -1.721  1.00 74.73  ? 21 G   B N9    1 
ATOM   707  C  C8    . G   B 2 20 ? -11.476 -2.230  -2.831  1.00 72.90  ? 21 G   B C8    1 
ATOM   708  N  N7    . G   B 2 20 ? -10.451 -2.353  -3.633  1.00 70.64  ? 21 G   B N7    1 
ATOM   709  C  C5    . G   B 2 20 ? -9.644  -3.303  -3.016  1.00 70.15  ? 21 G   B C5    1 
ATOM   710  C  C6    . G   B 2 20 ? -8.400  -3.863  -3.420  1.00 68.96  ? 21 G   B C6    1 
ATOM   711  O  O6    . G   B 2 20 ? -7.746  -3.641  -4.451  1.00 70.24  ? 21 G   B O6    1 
ATOM   712  N  N1    . G   B 2 20 ? -7.925  -4.776  -2.481  1.00 66.78  ? 21 G   B N1    1 
ATOM   713  C  C2    . G   B 2 20 ? -8.564  -5.114  -1.311  1.00 69.84  ? 21 G   B C2    1 
ATOM   714  N  N2    . G   B 2 20 ? -7.936  -5.997  -0.524  1.00 67.33  ? 21 G   B N2    1 
ATOM   715  N  N3    . G   B 2 20 ? -9.729  -4.620  -0.939  1.00 69.93  ? 21 G   B N3    1 
ATOM   716  C  C4    . G   B 2 20 ? -10.207 -3.726  -1.829  1.00 70.59  ? 21 G   B C4    1 
ATOM   717  P  P     . A   B 2 21 ? -12.582 1.291   1.366   1.00 88.92  ? 22 A   B P     1 
ATOM   718  O  OP1   . A   B 2 21 ? -13.619 2.132   0.699   1.00 87.28  ? 22 A   B OP1   1 
ATOM   719  O  OP2   . A   B 2 21 ? -11.184 1.323   0.863   1.00 94.26  ? 22 A   B OP2   1 
ATOM   720  O  "O5'" . A   B 2 21 ? -12.506 1.598   2.929   1.00 80.83  ? 22 A   B "O5'" 1 
ATOM   721  C  "C5'" . A   B 2 21 ? -11.343 1.266   3.695   1.00 76.11  ? 22 A   B "C5'" 1 
ATOM   722  C  "C4'" . A   B 2 21 ? -11.644 0.129   4.658   1.00 79.05  ? 22 A   B "C4'" 1 
ATOM   723  O  "O4'" . A   B 2 21 ? -11.652 -1.143  3.939   1.00 80.31  ? 22 A   B "O4'" 1 
ATOM   724  C  "C3'" . A   B 2 21 ? -10.598 -0.081  5.742   1.00 79.42  ? 22 A   B "C3'" 1 
ATOM   725  O  "O3'" . A   B 2 21 ? -10.814 0.821   6.824   1.00 79.75  ? 22 A   B "O3'" 1 
ATOM   726  C  "C2'" . A   B 2 21 ? -10.806 -1.547  6.122   1.00 78.79  ? 22 A   B "C2'" 1 
ATOM   727  O  "O2'" . A   B 2 21 ? -11.876 -1.772  7.018   1.00 81.46  ? 22 A   B "O2'" 1 
ATOM   728  C  "C1'" . A   B 2 21 ? -11.116 -2.179  4.761   1.00 75.88  ? 22 A   B "C1'" 1 
ATOM   729  N  N9    . A   B 2 21 ? -9.914  -2.725  4.113   1.00 72.71  ? 22 A   B N9    1 
ATOM   730  C  C8    . A   B 2 21 ? -9.298  -2.276  2.968   1.00 71.17  ? 22 A   B C8    1 
ATOM   731  N  N7    . A   B 2 21 ? -8.185  -2.905  2.684   1.00 70.08  ? 22 A   B N7    1 
ATOM   732  C  C5    . A   B 2 21 ? -8.065  -3.848  3.696   1.00 69.94  ? 22 A   B C5    1 
ATOM   733  C  C6    . A   B 2 21 ? -7.080  -4.820  3.980   1.00 69.48  ? 22 A   B C6    1 
ATOM   734  N  N6    . A   B 2 21 ? -5.976  -4.987  3.247   1.00 69.69  ? 22 A   B N6    1 
ATOM   735  N  N1    . A   B 2 21 ? -7.264  -5.613  5.060   1.00 68.99  ? 22 A   B N1    1 
ATOM   736  C  C2    . A   B 2 21 ? -8.357  -5.428  5.802   1.00 68.22  ? 22 A   B C2    1 
ATOM   737  N  N3    . A   B 2 21 ? -9.346  -4.542  5.648   1.00 69.86  ? 22 A   B N3    1 
ATOM   738  C  C4    . A   B 2 21 ? -9.136  -3.771  4.566   1.00 70.09  ? 22 A   B C4    1 
ATOM   739  P  P     . A   B 2 22 ? -9.562  1.556   7.533   1.00 83.71  ? 23 A   B P     1 
ATOM   740  O  OP1   . A   B 2 22 ? -10.101 2.499   8.541   1.00 86.17  ? 23 A   B OP1   1 
ATOM   741  O  OP2   . A   B 2 22 ? -8.603  2.053   6.508   1.00 78.84  ? 23 A   B OP2   1 
ATOM   742  O  "O5'" . A   B 2 22 ? -8.905  0.391   8.377   1.00 76.94  ? 23 A   B "O5'" 1 
ATOM   743  C  "C5'" . A   B 2 22 ? -9.708  -0.378  9.249   1.00 74.22  ? 23 A   B "C5'" 1 
ATOM   744  C  "C4'" . A   B 2 22 ? -8.973  -1.616  9.640   1.00 75.88  ? 23 A   B "C4'" 1 
ATOM   745  O  "O4'" . A   B 2 22 ? -8.842  -2.475  8.477   1.00 80.63  ? 23 A   B "O4'" 1 
ATOM   746  C  "C3'" . A   B 2 22 ? -7.547  -1.354  10.077  1.00 79.07  ? 23 A   B "C3'" 1 
ATOM   747  O  "O3'" . A   B 2 22 ? -7.497  -0.977  11.446  1.00 77.80  ? 23 A   B "O3'" 1 
ATOM   748  C  "C2'" . A   B 2 22 ? -6.882  -2.698  9.803   1.00 77.06  ? 23 A   B "C2'" 1 
ATOM   749  O  "O2'" . A   B 2 22 ? -7.135  -3.643  10.819  1.00 79.50  ? 23 A   B "O2'" 1 
ATOM   750  C  "C1'" . A   B 2 22 ? -7.577  -3.123  8.504   1.00 77.16  ? 23 A   B "C1'" 1 
ATOM   751  N  N9    . A   B 2 22 ? -6.818  -2.725  7.313   1.00 71.81  ? 23 A   B N9    1 
ATOM   752  C  C8    . A   B 2 22 ? -7.103  -1.715  6.433   1.00 67.29  ? 23 A   B C8    1 
ATOM   753  N  N7    . A   B 2 22 ? -6.211  -1.571  5.486   1.00 67.77  ? 23 A   B N7    1 
ATOM   754  C  C5    . A   B 2 22 ? -5.281  -2.560  5.754   1.00 64.83  ? 23 A   B C5    1 
ATOM   755  C  C6    . A   B 2 22 ? -4.090  -2.923  5.121   1.00 63.05  ? 23 A   B C6    1 
ATOM   756  N  N6    . A   B 2 22 ? -3.612  -2.304  4.044   1.00 60.23  ? 23 A   B N6    1 
ATOM   757  N  N1    . A   B 2 22 ? -3.394  -3.955  5.638   1.00 66.35  ? 23 A   B N1    1 
ATOM   758  C  C2    . A   B 2 22 ? -3.872  -4.573  6.720   1.00 66.76  ? 23 A   B C2    1 
ATOM   759  N  N3    . A   B 2 22 ? -4.979  -4.322  7.406   1.00 69.28  ? 23 A   B N3    1 
ATOM   760  C  C4    . A   B 2 22 ? -5.645  -3.288  6.866   1.00 67.21  ? 23 A   B C4    1 
ATOM   761  P  P     . A   B 2 23 ? -6.264  -0.103  11.985  1.00 83.63  ? 24 A   B P     1 
ATOM   762  O  OP1   . A   B 2 23 ? -6.380  0.038   13.454  1.00 88.42  ? 24 A   B OP1   1 
ATOM   763  O  OP2   . A   B 2 23 ? -6.189  1.109   11.134  1.00 80.83  ? 24 A   B OP2   1 
ATOM   764  O  "O5'" . A   B 2 23 ? -4.997  -1.028  11.715  1.00 79.79  ? 24 A   B "O5'" 1 
ATOM   765  C  "C5'" . A   B 2 23 ? -4.747  -2.176  12.519  1.00 78.93  ? 24 A   B "C5'" 1 
ATOM   766  C  "C4'" . A   B 2 23 ? -3.422  -2.773  12.144  1.00 77.30  ? 24 A   B "C4'" 1 
ATOM   767  O  "O4'" . A   B 2 23 ? -3.511  -3.299  10.800  1.00 76.80  ? 24 A   B "O4'" 1 
ATOM   768  C  "C3'" . A   B 2 23 ? -2.282  -1.784  12.085  1.00 77.82  ? 24 A   B "C3'" 1 
ATOM   769  O  "O3'" . A   B 2 23 ? -1.715  -1.579  13.363  1.00 75.35  ? 24 A   B "O3'" 1 
ATOM   770  C  "C2'" . A   B 2 23 ? -1.327  -2.475  11.131  1.00 77.60  ? 24 A   B "C2'" 1 
ATOM   771  O  "O2'" . A   B 2 23 ? -0.650  -3.539  11.761  1.00 80.90  ? 24 A   B "O2'" 1 
ATOM   772  C  "C1'" . A   B 2 23 ? -2.305  -3.051  10.111  1.00 75.55  ? 24 A   B "C1'" 1 
ATOM   773  N  N9    . A   B 2 23 ? -2.601  -2.085  9.055   1.00 73.88  ? 24 A   B N9    1 
ATOM   774  C  C8    . A   B 2 23 ? -3.693  -1.260  8.953   1.00 72.89  ? 24 A   B C8    1 
ATOM   775  N  N7    . A   B 2 23 ? -3.683  -0.495  7.887   1.00 70.89  ? 24 A   B N7    1 
ATOM   776  C  C5    . A   B 2 23 ? -2.505  -0.838  7.247   1.00 69.26  ? 24 A   B C5    1 
ATOM   777  C  C6    . A   B 2 23 ? -1.912  -0.383  6.060   1.00 68.40  ? 24 A   B C6    1 
ATOM   778  N  N6    . A   B 2 23 ? -2.438  0.567   5.279   1.00 70.37  ? 24 A   B N6    1 
ATOM   779  N  N1    . A   B 2 23 ? -0.740  -0.937  5.699   1.00 68.37  ? 24 A   B N1    1 
ATOM   780  C  C2    . A   B 2 23 ? -0.205  -1.882  6.487   1.00 69.66  ? 24 A   B C2    1 
ATOM   781  N  N3    . A   B 2 23 ? -0.663  -2.389  7.625   1.00 69.84  ? 24 A   B N3    1 
ATOM   782  C  C4    . A   B 2 23 ? -1.830  -1.820  7.954   1.00 71.48  ? 24 A   B C4    1 
ATOM   783  P  P     . C   B 2 24 ? -0.946  -0.206  13.673  1.00 79.68  ? 25 C   B P     1 
ATOM   784  O  OP1   . C   B 2 24 ? -0.257  -0.347  14.982  1.00 73.78  ? 25 C   B OP1   1 
ATOM   785  O  OP2   . C   B 2 24 ? -1.876  0.930   13.435  1.00 67.68  ? 25 C   B OP2   1 
ATOM   786  O  "O5'" . C   B 2 24 ? 0.190   -0.150  12.563  1.00 75.98  ? 25 C   B "O5'" 1 
ATOM   787  C  "C5'" . C   B 2 24 ? 1.360   -0.951  12.688  1.00 72.45  ? 25 C   B "C5'" 1 
ATOM   788  C  "C4'" . C   B 2 24 ? 2.265   -0.756  11.497  1.00 70.24  ? 25 C   B "C4'" 1 
ATOM   789  O  "O4'" . C   B 2 24 ? 1.492   -0.971  10.290  1.00 70.54  ? 25 C   B "O4'" 1 
ATOM   790  C  "C3'" . C   B 2 24 ? 2.806   0.645   11.317  1.00 69.98  ? 25 C   B "C3'" 1 
ATOM   791  O  "O3'" . C   B 2 24 ? 3.968   0.833   12.096  1.00 73.03  ? 25 C   B "O3'" 1 
ATOM   792  C  "C2'" . C   B 2 24 ? 3.124   0.667   9.835   1.00 65.76  ? 25 C   B "C2'" 1 
ATOM   793  O  "O2'" . C   B 2 24 ? 4.275   -0.094  9.575   1.00 66.64  ? 25 C   B "O2'" 1 
ATOM   794  C  "C1'" . C   B 2 24 ? 1.947   -0.110  9.275   1.00 63.76  ? 25 C   B "C1'" 1 
ATOM   795  N  N1    . C   B 2 24 ? 0.842   0.747   8.845   1.00 60.44  ? 25 C   B N1    1 
ATOM   796  C  C2    . C   B 2 24 ? 0.937   1.350   7.603   1.00 60.02  ? 25 C   B C2    1 
ATOM   797  O  O2    . C   B 2 24 ? 1.961   1.170   6.938   1.00 63.37  ? 25 C   B O2    1 
ATOM   798  N  N3    . C   B 2 24 ? -0.074  2.116   7.153   1.00 57.16  ? 25 C   B N3    1 
ATOM   799  C  C4    . C   B 2 24 ? -1.149  2.303   7.910   1.00 57.29  ? 25 C   B C4    1 
ATOM   800  N  N4    . C   B 2 24 ? -2.130  3.063   7.420   1.00 56.21  ? 25 C   B N4    1 
ATOM   801  C  C5    . C   B 2 24 ? -1.268  1.717   9.202   1.00 55.48  ? 25 C   B C5    1 
ATOM   802  C  C6    . C   B 2 24 ? -0.256  0.949   9.627   1.00 58.88  ? 25 C   B C6    1 
ATOM   803  P  P     . A   B 2 25 ? 4.407   2.317   12.512  1.00 71.36  ? 26 A   B P     1 
ATOM   804  O  OP1   . A   B 2 25 ? 5.624   2.207   13.351  1.00 72.88  ? 26 A   B OP1   1 
ATOM   805  O  OP2   . A   B 2 25 ? 3.208   3.030   13.020  1.00 75.35  ? 26 A   B OP2   1 
ATOM   806  O  "O5'" . A   B 2 25 ? 4.815   2.998   11.139  1.00 67.84  ? 26 A   B "O5'" 1 
ATOM   807  C  "C5'" . A   B 2 25 ? 5.950   2.559   10.419  1.00 66.76  ? 26 A   B "C5'" 1 
ATOM   808  C  "C4'" . A   B 2 25 ? 6.007   3.272   9.104   1.00 69.30  ? 26 A   B "C4'" 1 
ATOM   809  O  "O4'" . A   B 2 25 ? 4.782   2.991   8.392   1.00 72.33  ? 26 A   B "O4'" 1 
ATOM   810  C  "C3'" . A   B 2 25 ? 5.986   4.779   9.235   1.00 72.13  ? 26 A   B "C3'" 1 
ATOM   811  O  "O3'" . A   B 2 25 ? 7.270   5.302   9.516   1.00 79.35  ? 26 A   B "O3'" 1 
ATOM   812  C  "C2'" . A   B 2 25 ? 5.424   5.217   7.892   1.00 67.93  ? 26 A   B "C2'" 1 
ATOM   813  O  "O2'" . A   B 2 25 ? 6.351   5.208   6.833   1.00 70.22  ? 26 A   B "O2'" 1 
ATOM   814  C  "C1'" . A   B 2 25 ? 4.392   4.126   7.651   1.00 66.43  ? 26 A   B "C1'" 1 
ATOM   815  N  N9    . A   B 2 25 ? 3.060   4.518   8.082   1.00 64.68  ? 26 A   B N9    1 
ATOM   816  C  C8    . A   B 2 25 ? 2.348   4.176   9.208   1.00 64.66  ? 26 A   B C8    1 
ATOM   817  N  N7    . A   B 2 25 ? 1.143   4.687   9.243   1.00 63.50  ? 26 A   B N7    1 
ATOM   818  C  C5    . A   B 2 25 ? 1.065   5.413   8.064   1.00 61.40  ? 26 A   B C5    1 
ATOM   819  C  C6    . A   B 2 25 ? 0.044   6.168   7.498   1.00 63.19  ? 26 A   B C6    1 
ATOM   820  N  N6    . A   B 2 25 ? -1.161  6.303   8.060   1.00 62.23  ? 26 A   B N6    1 
ATOM   821  N  N1    . A   B 2 25 ? 0.296   6.780   6.315   1.00 62.03  ? 26 A   B N1    1 
ATOM   822  C  C2    . A   B 2 25 ? 1.502   6.620   5.754   1.00 63.94  ? 26 A   B C2    1 
ATOM   823  N  N3    . A   B 2 25 ? 2.538   5.919   6.186   1.00 62.68  ? 26 A   B N3    1 
ATOM   824  C  C4    . A   B 2 25 ? 2.246   5.334   7.357   1.00 61.50  ? 26 A   B C4    1 
ATOM   825  P  P     . C   B 2 26 ? 7.402   6.627   10.418  1.00 82.46  ? 27 C   B P     1 
ATOM   826  O  OP1   . C   B 2 26 ? 8.858   6.897   10.507  1.00 75.95  ? 27 C   B OP1   1 
ATOM   827  O  OP2   . C   B 2 26 ? 6.605   6.466   11.666  1.00 75.60  ? 27 C   B OP2   1 
ATOM   828  O  "O5'" . C   B 2 26 ? 6.752   7.764   9.511   1.00 70.97  ? 27 C   B "O5'" 1 
ATOM   829  C  "C5'" . C   B 2 26 ? 7.447   8.191   8.355   1.00 67.92  ? 27 C   B "C5'" 1 
ATOM   830  C  "C4'" . C   B 2 26 ? 6.576   9.027   7.456   1.00 68.51  ? 27 C   B "C4'" 1 
ATOM   831  O  "O4'" . C   B 2 26 ? 5.347   8.320   7.176   1.00 70.73  ? 27 C   B "O4'" 1 
ATOM   832  C  "C3'" . C   B 2 26 ? 6.092   10.325  8.054   1.00 70.20  ? 27 C   B "C3'" 1 
ATOM   833  O  "O3'" . C   B 2 26 ? 7.101   11.302  7.943   1.00 77.11  ? 27 C   B "O3'" 1 
ATOM   834  C  "C2'" . C   B 2 26 ? 4.867   10.634  7.205   1.00 72.86  ? 27 C   B "C2'" 1 
ATOM   835  O  "O2'" . C   B 2 26 ? 5.157   11.153  5.925   1.00 71.82  ? 27 C   B "O2'" 1 
ATOM   836  C  "C1'" . C   B 2 26 ? 4.291   9.242   7.013   1.00 66.74  ? 27 C   B "C1'" 1 
ATOM   837  N  N1    . C   B 2 26 ? 3.249   8.947   7.987   1.00 64.29  ? 27 C   B N1    1 
ATOM   838  C  C2    . C   B 2 26 ? 1.967   9.385   7.709   1.00 65.54  ? 27 C   B C2    1 
ATOM   839  O  O2    . C   B 2 26 ? 1.770   10.002  6.645   1.00 66.61  ? 27 C   B O2    1 
ATOM   840  N  N3    . C   B 2 26 ? 0.974   9.131   8.598   1.00 61.97  ? 27 C   B N3    1 
ATOM   841  C  C4    . C   B 2 26 ? 1.243   8.455   9.723   1.00 62.96  ? 27 C   B C4    1 
ATOM   842  N  N4    . C   B 2 26 ? 0.243   8.201   10.559  1.00 64.64  ? 27 C   B N4    1 
ATOM   843  C  C5    . C   B 2 26 ? 2.556   8.003   10.031  1.00 62.20  ? 27 C   B C5    1 
ATOM   844  C  C6    . C   B 2 26 ? 3.523   8.268   9.141   1.00 64.28  ? 27 C   B C6    1 
ATOM   845  P  P     . A   B 2 27 ? 7.241   12.422  9.078   1.00 80.62  ? 28 A   B P     1 
ATOM   846  O  OP1   . A   B 2 27 ? 8.454   13.215  8.754   1.00 79.29  ? 28 A   B OP1   1 
ATOM   847  O  OP2   . A   B 2 27 ? 7.134   11.758  10.401  1.00 75.40  ? 28 A   B OP2   1 
ATOM   848  O  "O5'" . A   B 2 27 ? 5.980   13.340  8.790   1.00 72.61  ? 28 A   B "O5'" 1 
ATOM   849  C  "C5'" . A   B 2 27 ? 5.927   14.043  7.569   1.00 68.02  ? 28 A   B "C5'" 1 
ATOM   850  C  "C4'" . A   B 2 27 ? 4.625   14.765  7.423   1.00 69.30  ? 28 A   B "C4'" 1 
ATOM   851  O  "O4'" . A   B 2 27 ? 3.566   13.790  7.305   1.00 67.58  ? 28 A   B "O4'" 1 
ATOM   852  C  "C3'" . A   B 2 27 ? 4.204   15.622  8.598   1.00 70.44  ? 28 A   B "C3'" 1 
ATOM   853  O  "O3'" . A   B 2 27 ? 4.843   16.888  8.591   1.00 68.48  ? 28 A   B "O3'" 1 
ATOM   854  C  "C2'" . A   B 2 27 ? 2.702   15.706  8.386   1.00 71.05  ? 28 A   B "C2'" 1 
ATOM   855  O  "O2'" . A   B 2 27 ? 2.360   16.604  7.345   1.00 67.23  ? 28 A   B "O2'" 1 
ATOM   856  C  "C1'" . A   B 2 27 ? 2.397   14.282  7.929   1.00 68.90  ? 28 A   B "C1'" 1 
ATOM   857  N  N9    . A   B 2 27 ? 2.062   13.387  9.041   1.00 65.18  ? 28 A   B N9    1 
ATOM   858  C  C8    . A   B 2 27 ? 2.901   12.557  9.752   1.00 63.10  ? 28 A   B C8    1 
ATOM   859  N  N7    . A   B 2 27 ? 2.290   11.869  10.691  1.00 59.42  ? 28 A   B N7    1 
ATOM   860  C  C5    . A   B 2 27 ? 0.967   12.273  10.588  1.00 57.79  ? 28 A   B C5    1 
ATOM   861  C  C6    . A   B 2 27 ? -0.175  11.917  11.292  1.00 57.14  ? 28 A   B C6    1 
ATOM   862  N  N6    . A   B 2 27 ? -0.177  11.023  12.279  1.00 55.59  ? 28 A   B N6    1 
ATOM   863  N  N1    . A   B 2 27 ? -1.334  12.511  10.949  1.00 59.12  ? 28 A   B N1    1 
ATOM   864  C  C2    . A   B 2 27 ? -1.331  13.409  9.959   1.00 57.09  ? 28 A   B C2    1 
ATOM   865  N  N3    . A   B 2 27 ? -0.325  13.826  9.217   1.00 59.51  ? 28 A   B N3    1 
ATOM   866  C  C4    . A   B 2 27 ? 0.811   13.213  9.584   1.00 59.78  ? 28 A   B C4    1 
ATOM   867  P  P     . C   B 2 28 ? 5.231   17.600  9.988   1.00 76.51  ? 29 C   B P     1 
ATOM   868  O  OP1   . C   B 2 28 ? 6.027   18.807  9.633   1.00 74.28  ? 29 C   B OP1   1 
ATOM   869  O  OP2   . C   B 2 28 ? 5.805   16.612  10.936  1.00 69.02  ? 29 C   B OP2   1 
ATOM   870  O  "O5'" . C   B 2 28 ? 3.822   18.090  10.546  1.00 70.09  ? 29 C   B "O5'" 1 
ATOM   871  C  "C5'" . C   B 2 28 ? 3.096   19.079  9.834   1.00 60.24  ? 29 C   B "C5'" 1 
ATOM   872  C  "C4'" . C   B 2 28 ? 1.663   19.124  10.282  1.00 63.20  ? 29 C   B "C4'" 1 
ATOM   873  O  "O4'" . C   B 2 28 ? 1.048   17.837  10.027  1.00 66.72  ? 29 C   B "O4'" 1 
ATOM   874  C  "C3'" . C   B 2 28 ? 1.437   19.343  11.766  1.00 64.53  ? 29 C   B "C3'" 1 
ATOM   875  O  "O3'" . C   B 2 28 ? 1.510   20.718  12.061  1.00 67.53  ? 29 C   B "O3'" 1 
ATOM   876  C  "C2'" . C   B 2 28 ? 0.035   18.783  11.945  1.00 62.19  ? 29 C   B "C2'" 1 
ATOM   877  O  "O2'" . C   B 2 28 ? -0.967  19.658  11.467  1.00 58.44  ? 29 C   B "O2'" 1 
ATOM   878  C  "C1'" . C   B 2 28 ? 0.092   17.560  11.035  1.00 61.17  ? 29 C   B "C1'" 1 
ATOM   879  N  N1    . C   B 2 28 ? 0.521   16.381  11.801  1.00 59.57  ? 29 C   B N1    1 
ATOM   880  C  C2    . C   B 2 28 ? -0.445  15.695  12.528  1.00 56.96  ? 29 C   B C2    1 
ATOM   881  O  O2    . C   B 2 28 ? -1.631  16.071  12.441  1.00 60.35  ? 29 C   B O2    1 
ATOM   882  N  N3    . C   B 2 28 ? -0.075  14.645  13.295  1.00 55.54  ? 29 C   B N3    1 
ATOM   883  C  C4    . C   B 2 28 ? 1.207   14.278  13.340  1.00 55.21  ? 29 C   B C4    1 
ATOM   884  N  N4    . C   B 2 28 ? 1.534   13.253  14.119  1.00 55.35  ? 29 C   B N4    1 
ATOM   885  C  C5    . C   B 2 28 ? 2.210   14.948  12.585  1.00 52.50  ? 29 C   B C5    1 
ATOM   886  C  C6    . C   B 2 28 ? 1.826   15.983  11.834  1.00 53.63  ? 29 C   B C6    1 
ATOM   887  P  P     . G   B 2 29 ? 1.813   21.202  13.558  1.00 69.09  ? 30 G   B P     1 
ATOM   888  O  OP1   . G   B 2 29 ? 1.739   22.669  13.434  1.00 68.87  ? 30 G   B OP1   1 
ATOM   889  O  OP2   . G   B 2 29 ? 3.012   20.576  14.158  1.00 58.09  ? 30 G   B OP2   1 
ATOM   890  O  "O5'" . G   B 2 29 ? 0.535   20.724  14.360  1.00 66.18  ? 30 G   B "O5'" 1 
ATOM   891  C  "C5'" . G   B 2 29 ? -0.713  21.335  14.092  1.00 60.41  ? 30 G   B "C5'" 1 
ATOM   892  C  "C4'" . G   B 2 29 ? -1.794  20.811  15.008  1.00 65.05  ? 30 G   B "C4'" 1 
ATOM   893  O  "O4'" . G   B 2 29 ? -2.127  19.451  14.623  1.00 64.76  ? 30 G   B "O4'" 1 
ATOM   894  C  "C3'" . G   B 2 29 ? -1.503  20.712  16.501  1.00 63.41  ? 30 G   B "C3'" 1 
ATOM   895  O  "O3'" . G   B 2 29 ? -1.633  21.949  17.184  1.00 61.51  ? 30 G   B "O3'" 1 
ATOM   896  C  "C2'" . G   B 2 29 ? -2.551  19.694  16.919  1.00 65.87  ? 30 G   B "C2'" 1 
ATOM   897  O  "O2'" . G   B 2 29 ? -3.836  20.267  16.799  1.00 65.32  ? 30 G   B "O2'" 1 
ATOM   898  C  "C1'" . G   B 2 29 ? -2.455  18.699  15.773  1.00 64.48  ? 30 G   B "C1'" 1 
ATOM   899  N  N9    . G   B 2 29 ? -1.403  17.716  16.012  1.00 63.45  ? 30 G   B N9    1 
ATOM   900  C  C8    . G   B 2 29 ? -0.140  17.695  15.484  1.00 64.65  ? 30 G   B C8    1 
ATOM   901  N  N7    . G   B 2 29 ? 0.562   16.674  15.883  1.00 64.92  ? 30 G   B N7    1 
ATOM   902  C  C5    . G   B 2 29 ? -0.294  15.978  16.723  1.00 63.46  ? 30 G   B C5    1 
ATOM   903  C  C6    . G   B 2 29 ? -0.099  14.778  17.444  1.00 61.80  ? 30 G   B C6    1 
ATOM   904  O  O6    . G   B 2 29 ? 0.886   14.050  17.464  1.00 63.62  ? 30 G   B O6    1 
ATOM   905  N  N1    . G   B 2 29 ? -1.211  14.445  18.199  1.00 61.66  ? 30 G   B N1    1 
ATOM   906  C  C2    . G   B 2 29 ? -2.367  15.168  18.248  1.00 65.36  ? 30 G   B C2    1 
ATOM   907  N  N2    . G   B 2 29 ? -3.329  14.705  19.069  1.00 69.40  ? 30 G   B N2    1 
ATOM   908  N  N3    . G   B 2 29 ? -2.572  16.270  17.556  1.00 66.81  ? 30 G   B N3    1 
ATOM   909  C  C4    . G   B 2 29 ? -1.499  16.616  16.825  1.00 63.11  ? 30 G   B C4    1 
ATOM   910  P  P     . A   B 2 30 ? -0.647  22.303  18.409  1.00 64.49  ? 31 A   B P     1 
ATOM   911  O  OP1   . A   B 2 30 ? -1.055  23.686  18.744  1.00 62.72  ? 31 A   B OP1   1 
ATOM   912  O  OP2   . A   B 2 30 ? 0.775   22.010  18.127  1.00 67.25  ? 31 A   B OP2   1 
ATOM   913  O  "O5'" . A   B 2 30 ? -1.061  21.289  19.560  1.00 63.47  ? 31 A   B "O5'" 1 
ATOM   914  C  "C5'" . A   B 2 30 ? -2.377  21.289  20.067  1.00 57.87  ? 31 A   B "C5'" 1 
ATOM   915  C  "C4'" . A   B 2 30 ? -2.577  20.160  21.046  1.00 68.12  ? 31 A   B "C4'" 1 
ATOM   916  O  "O4'" . A   B 2 30 ? -2.530  18.898  20.329  1.00 67.81  ? 31 A   B "O4'" 1 
ATOM   917  C  "C3'" . A   B 2 30 ? -1.496  19.990  22.106  1.00 69.30  ? 31 A   B "C3'" 1 
ATOM   918  O  "O3'" . A   B 2 30 ? -1.417  20.872  23.230  1.00 75.27  ? 31 A   B "O3'" 1 
ATOM   919  C  "C2'" . A   B 2 30 ? -1.700  18.548  22.524  1.00 67.03  ? 31 A   B "C2'" 1 
ATOM   920  O  "O2'" . A   B 2 30 ? -2.842  18.421  23.345  1.00 72.87  ? 31 A   B "O2'" 1 
ATOM   921  C  "C1'" . A   B 2 30 ? -2.004  17.892  21.181  1.00 68.59  ? 31 A   B "C1'" 1 
ATOM   922  N  N9    . A   B 2 30 ? -0.786  17.334  20.612  1.00 65.24  ? 31 A   B N9    1 
ATOM   923  C  C8    . A   B 2 30 ? 0.107   17.891  19.744  1.00 66.06  ? 31 A   B C8    1 
ATOM   924  N  N7    . A   B 2 30 ? 1.152   17.138  19.513  1.00 63.53  ? 31 A   B N7    1 
ATOM   925  C  C5    . A   B 2 30 ? 0.915   15.997  20.267  1.00 62.78  ? 31 A   B C5    1 
ATOM   926  C  C6    . A   B 2 30 ? 1.656   14.824  20.466  1.00 62.37  ? 31 A   B C6    1 
ATOM   927  N  N6    . A   B 2 30 ? 2.841   14.599  19.905  1.00 57.46  ? 31 A   B N6    1 
ATOM   928  N  N1    . A   B 2 30 ? 1.137   13.881  21.277  1.00 61.98  ? 31 A   B N1    1 
ATOM   929  C  C2    . A   B 2 30 ? -0.047  14.115  21.844  1.00 61.12  ? 31 A   B C2    1 
ATOM   930  N  N3    . A   B 2 30 ? -0.836  15.183  21.736  1.00 61.07  ? 31 A   B N3    1 
ATOM   931  C  C4    . A   B 2 30 ? -0.286  16.096  20.926  1.00 63.02  ? 31 A   B C4    1 
ATOM   932  O  "O5'" . U   C 3 1  ? 3.143   5.659   21.396  1.00 68.96  ? 31 U   C "O5'" 1 
ATOM   933  C  "C5'" . U   C 3 1  ? 3.150   5.243   22.761  1.00 61.83  ? 31 U   C "C5'" 1 
ATOM   934  C  "C4'" . U   C 3 1  ? 2.052   5.996   23.458  1.00 67.54  ? 31 U   C "C4'" 1 
ATOM   935  O  "O4'" . U   C 3 1  ? 2.597   7.197   24.044  1.00 66.75  ? 31 U   C "O4'" 1 
ATOM   936  C  "C3'" . U   C 3 1  ? 0.904   6.457   22.572  1.00 65.52  ? 31 U   C "C3'" 1 
ATOM   937  O  "O3'" . U   C 3 1  ? -0.063  5.416   22.489  1.00 59.56  ? 31 U   C "O3'" 1 
ATOM   938  C  "C2'" . U   C 3 1  ? 0.370   7.646   23.361  1.00 63.49  ? 31 U   C "C2'" 1 
ATOM   939  O  "O2'" . U   C 3 1  ? -0.460  7.258   24.435  1.00 68.21  ? 31 U   C "O2'" 1 
ATOM   940  C  "C1'" . U   C 3 1  ? 1.666   8.248   23.908  1.00 64.44  ? 31 U   C "C1'" 1 
ATOM   941  N  N1    . U   C 3 1  ? 2.259   9.199   22.970  1.00 65.94  ? 31 U   C N1    1 
ATOM   942  C  C2    . U   C 3 1  ? 1.630   10.405  22.766  1.00 64.39  ? 31 U   C C2    1 
ATOM   943  O  O2    . U   C 3 1  ? 0.613   10.735  23.357  1.00 65.61  ? 31 U   C O2    1 
ATOM   944  N  N3    . U   C 3 1  ? 2.239   11.214  21.847  1.00 61.53  ? 31 U   C N3    1 
ATOM   945  C  C4    . U   C 3 1  ? 3.393   10.940  21.146  1.00 63.77  ? 31 U   C C4    1 
ATOM   946  O  O4    . U   C 3 1  ? 3.825   11.759  20.345  1.00 63.58  ? 31 U   C O4    1 
ATOM   947  C  C5    . U   C 3 1  ? 3.982   9.679   21.436  1.00 63.97  ? 31 U   C C5    1 
ATOM   948  C  C6    . U   C 3 1  ? 3.408   8.872   22.315  1.00 63.39  ? 31 U   C C6    1 
ATOM   949  P  P     . C   C 3 2  ? -0.858  5.146   21.116  1.00 66.82  ? 32 C   C P     1 
ATOM   950  O  OP1   . C   C 3 2  ? -1.390  3.766   21.247  1.00 71.74  ? 32 C   C OP1   1 
ATOM   951  O  OP2   . C   C 3 2  ? -0.039  5.515   19.926  1.00 65.64  ? 32 C   C OP2   1 
ATOM   952  O  "O5'" . C   C 3 2  ? -2.083  6.159   21.166  1.00 58.94  ? 32 C   C "O5'" 1 
ATOM   953  C  "C5'" . C   C 3 2  ? -2.893  6.256   22.325  1.00 58.83  ? 32 C   C "C5'" 1 
ATOM   954  C  "C4'" . C   C 3 2  ? -3.599  7.590   22.361  1.00 63.03  ? 32 C   C "C4'" 1 
ATOM   955  O  "O4'" . C   C 3 2  ? -2.635  8.648   22.630  1.00 66.90  ? 32 C   C "O4'" 1 
ATOM   956  C  "C3'" . C   C 3 2  ? -4.238  8.015   21.053  1.00 62.78  ? 32 C   C "C3'" 1 
ATOM   957  O  "O3'" . C   C 3 2  ? -5.502  7.406   20.851  1.00 57.84  ? 32 C   C "O3'" 1 
ATOM   958  C  "C2'" . C   C 3 2  ? -4.325  9.524   21.226  1.00 59.64  ? 32 C   C "C2'" 1 
ATOM   959  O  "O2'" . C   C 3 2  ? -5.347  9.893   22.112  1.00 57.61  ? 32 C   C "O2'" 1 
ATOM   960  C  "C1'" . C   C 3 2  ? -3.008  9.823   21.932  1.00 60.70  ? 32 C   C "C1'" 1 
ATOM   961  N  N1    . C   C 3 2  ? -1.938  10.203  20.995  1.00 64.08  ? 32 C   C N1    1 
ATOM   962  C  C2    . C   C 3 2  ? -2.067  11.404  20.310  1.00 64.13  ? 32 C   C C2    1 
ATOM   963  O  O2    . C   C 3 2  ? -3.059  12.102  20.525  1.00 66.26  ? 32 C   C O2    1 
ATOM   964  N  N3    . C   C 3 2  ? -1.118  11.777  19.435  1.00 64.28  ? 32 C   C N3    1 
ATOM   965  C  C4    . C   C 3 2  ? -0.063  10.996  19.233  1.00 65.84  ? 32 C   C C4    1 
ATOM   966  N  N4    . C   C 3 2  ? 0.842   11.397  18.357  1.00 64.59  ? 32 C   C N4    1 
ATOM   967  C  C5    . C   C 3 2  ? 0.107   9.765   19.922  1.00 65.70  ? 32 C   C C5    1 
ATOM   968  C  C6    . C   C 3 2  ? -0.848  9.408   20.786  1.00 63.29  ? 32 C   C C6    1 
ATOM   969  P  P     . G   C 3 3  ? -6.144  7.382   19.380  1.00 63.37  ? 33 G   C P     1 
ATOM   970  O  OP1   . G   C 3 3  ? -7.456  6.728   19.515  1.00 66.77  ? 33 G   C OP1   1 
ATOM   971  O  OP2   . G   C 3 3  ? -5.160  6.881   18.391  1.00 63.02  ? 33 G   C OP2   1 
ATOM   972  O  "O5'" . G   C 3 3  ? -6.395  8.906   19.015  1.00 68.60  ? 33 G   C "O5'" 1 
ATOM   973  C  "C5'" . G   C 3 3  ? -7.590  9.567   19.395  1.00 66.97  ? 33 G   C "C5'" 1 
ATOM   974  C  "C4'" . G   C 3 3  ? -7.658  10.905  18.717  1.00 66.21  ? 33 G   C "C4'" 1 
ATOM   975  O  "O4'" . G   C 3 3  ? -6.376  11.556  18.884  1.00 63.13  ? 33 G   C "O4'" 1 
ATOM   976  C  "C3'" . G   C 3 3  ? -7.833  10.845  17.213  1.00 64.29  ? 33 G   C "C3'" 1 
ATOM   977  O  "O3'" . G   C 3 3  ? -9.215  10.794  16.890  1.00 67.58  ? 33 G   C "O3'" 1 
ATOM   978  C  "C2'" . G   C 3 3  ? -7.230  12.164  16.763  1.00 61.92  ? 33 G   C "C2'" 1 
ATOM   979  O  "O2'" . G   C 3 3  ? -8.083  13.257  17.002  1.00 59.96  ? 33 G   C "O2'" 1 
ATOM   980  C  "C1'" . G   C 3 3  ? -6.064  12.300  17.728  1.00 59.38  ? 33 G   C "C1'" 1 
ATOM   981  N  N9    . G   C 3 3  ? -4.759  11.878  17.237  1.00 57.95  ? 33 G   C N9    1 
ATOM   982  C  C8    . G   C 3 3  ? -4.026  10.788  17.637  1.00 57.94  ? 33 G   C C8    1 
ATOM   983  N  N7    . G   C 3 3  ? -2.836  10.744  17.102  1.00 57.06  ? 33 G   C N7    1 
ATOM   984  C  C5    . G   C 3 3  ? -2.792  11.857  16.278  1.00 57.05  ? 33 G   C C5    1 
ATOM   985  C  C6    . G   C 3 3  ? -1.750  12.346  15.470  1.00 57.33  ? 33 G   C C6    1 
ATOM   986  O  O6    . G   C 3 3  ? -0.622  11.882  15.318  1.00 61.20  ? 33 G   C O6    1 
ATOM   987  N  N1    . G   C 3 3  ? -2.122  13.510  14.807  1.00 58.39  ? 33 G   C N1    1 
ATOM   988  C  C2    . G   C 3 3  ? -3.348  14.125  14.920  1.00 58.24  ? 33 G   C C2    1 
ATOM   989  N  N2    . G   C 3 3  ? -3.521  15.256  14.216  1.00 59.75  ? 33 G   C N2    1 
ATOM   990  N  N3    . G   C 3 3  ? -4.333  13.671  15.675  1.00 54.49  ? 33 G   C N3    1 
ATOM   991  C  C4    . G   C 3 3  ? -3.986  12.546  16.326  1.00 56.90  ? 33 G   C C4    1 
ATOM   992  P  P     . U   C 3 4  ? -9.682  10.310  15.423  1.00 72.76  ? 34 U   C P     1 
ATOM   993  O  OP1   . U   C 3 4  ? -11.157 10.375  15.350  1.00 70.92  ? 34 U   C OP1   1 
ATOM   994  O  OP2   . U   C 3 4  ? -9.018  9.029   15.137  1.00 73.56  ? 34 U   C OP2   1 
ATOM   995  O  "O5'" . U   C 3 4  ? -9.091  11.397  14.424  1.00 71.33  ? 34 U   C "O5'" 1 
ATOM   996  C  "C5'" . U   C 3 4  ? -9.784  12.598  14.226  1.00 74.23  ? 34 U   C "C5'" 1 
ATOM   997  C  "C4'" . U   C 3 4  ? -8.995  13.538  13.346  1.00 75.26  ? 34 U   C "C4'" 1 
ATOM   998  O  "O4'" . U   C 3 4  ? -7.620  13.557  13.804  1.00 77.08  ? 34 U   C "O4'" 1 
ATOM   999  C  "C3'" . U   C 3 4  ? -8.814  13.096  11.918  1.00 76.93  ? 34 U   C "C3'" 1 
ATOM   1000 O  "O3'" . U   C 3 4  ? -9.933  13.320  11.096  1.00 83.41  ? 34 U   C "O3'" 1 
ATOM   1001 C  "C2'" . U   C 3 4  ? -7.565  13.826  11.460  1.00 77.67  ? 34 U   C "C2'" 1 
ATOM   1002 O  "O2'" . U   C 3 4  ? -7.781  15.172  11.211  1.00 86.72  ? 34 U   C "O2'" 1 
ATOM   1003 C  "C1'" . U   C 3 4  ? -6.735  13.809  12.724  1.00 71.45  ? 34 U   C "C1'" 1 
ATOM   1004 N  N1    . U   C 3 4  ? -5.713  12.786  12.707  1.00 69.94  ? 34 U   C N1    1 
ATOM   1005 C  C2    . U   C 3 4  ? -4.545  13.031  12.015  1.00 68.94  ? 34 U   C C2    1 
ATOM   1006 O  O2    . U   C 3 4  ? -4.374  14.052  11.362  1.00 70.88  ? 34 U   C O2    1 
ATOM   1007 N  N3    . U   C 3 4  ? -3.589  12.056  12.124  1.00 67.43  ? 34 U   C N3    1 
ATOM   1008 C  C4    . U   C 3 4  ? -3.699  10.873  12.829  1.00 67.11  ? 34 U   C C4    1 
ATOM   1009 O  O4    . U   C 3 4  ? -2.751  10.101  12.879  1.00 68.21  ? 34 U   C O4    1 
ATOM   1010 C  C5    . U   C 3 4  ? -4.951  10.678  13.465  1.00 66.91  ? 34 U   C C5    1 
ATOM   1011 C  C6    . U   C 3 4  ? -5.891  11.612  13.377  1.00 66.72  ? 34 U   C C6    1 
ATOM   1012 P  P     . G   C 3 5  ? -10.026 12.493  9.719   1.00 86.90  ? 35 G   C P     1 
ATOM   1013 O  OP1   . G   C 3 5  ? -11.219 12.906  8.956   1.00 87.77  ? 35 G   C OP1   1 
ATOM   1014 O  OP2   . G   C 3 5  ? -9.896  11.070  10.103  1.00 83.39  ? 35 G   C OP2   1 
ATOM   1015 O  "O5'" . G   C 3 5  ? -8.730  12.941  8.895   1.00 82.48  ? 35 G   C "O5'" 1 
ATOM   1016 C  "C5'" . G   C 3 5  ? -8.683  14.234  8.332   1.00 78.99  ? 35 G   C "C5'" 1 
ATOM   1017 C  "C4'" . G   C 3 5  ? -7.399  14.445  7.580   1.00 77.69  ? 35 G   C "C4'" 1 
ATOM   1018 O  "O4'" . G   C 3 5  ? -6.283  14.095  8.426   1.00 74.15  ? 35 G   C "O4'" 1 
ATOM   1019 C  "C3'" . G   C 3 5  ? -7.217  13.515  6.403   1.00 80.40  ? 35 G   C "C3'" 1 
ATOM   1020 O  "O3'" . G   C 3 5  ? -7.901  14.161  5.335   1.00 90.29  ? 35 G   C "O3'" 1 
ATOM   1021 C  "C2'" . G   C 3 5  ? -5.711  13.466  6.200   1.00 76.70  ? 35 G   C "C2'" 1 
ATOM   1022 O  "O2'" . G   C 3 5  ? -5.188  14.530  5.438   1.00 76.07  ? 35 G   C "O2'" 1 
ATOM   1023 C  "C1'" . G   C 3 5  ? -5.232  13.557  7.634   1.00 73.05  ? 35 G   C "C1'" 1 
ATOM   1024 N  N9    . G   C 3 5  ? -4.804  12.298  8.207   1.00 70.98  ? 35 G   C N9    1 
ATOM   1025 C  C8    . G   C 3 5  ? -5.468  11.465  9.065   1.00 70.63  ? 35 G   C C8    1 
ATOM   1026 N  N7    . G   C 3 5  ? -4.735  10.469  9.488   1.00 69.50  ? 35 G   C N7    1 
ATOM   1027 C  C5    . G   C 3 5  ? -3.515  10.652  8.865   1.00 65.15  ? 35 G   C C5    1 
ATOM   1028 C  C6    . G   C 3 5  ? -2.313  9.919   8.970   1.00 65.90  ? 35 G   C C6    1 
ATOM   1029 O  O6    . G   C 3 5  ? -2.107  8.972   9.662   1.00 66.37  ? 35 G   C O6    1 
ATOM   1030 N  N1    . G   C 3 5  ? -1.317  10.435  8.156   1.00 65.41  ? 35 G   C N1    1 
ATOM   1031 C  C2    . G   C 3 5  ? -1.458  11.524  7.332   1.00 63.37  ? 35 G   C C2    1 
ATOM   1032 N  N2    . G   C 3 5  ? -0.374  11.820  6.605   1.00 63.25  ? 35 G   C N2    1 
ATOM   1033 N  N3    . G   C 3 5  ? -2.567  12.240  7.247   1.00 63.42  ? 35 G   C N3    1 
ATOM   1034 C  C4    . G   C 3 5  ? -3.566  11.753  8.051   1.00 66.63  ? 35 G   C C4    1 
ATOM   1035 P  P     . G   C 3 6  ? -8.281  13.210  4.111   1.00 99.59  ? 36 G   C P     1 
ATOM   1036 O  OP1   . G   C 3 6  ? -9.189  14.004  3.265   1.00 99.22  ? 36 G   C OP1   1 
ATOM   1037 O  OP2   . G   C 3 6  ? -8.798  11.963  4.718   1.00 99.99  ? 36 G   C OP2   1 
ATOM   1038 O  "O5'" . G   C 3 6  ? -6.927  13.010  3.290   1.00 93.48  ? 36 G   C "O5'" 1 
ATOM   1039 C  "C5'" . G   C 3 6  ? -6.273  14.145  2.723   1.00 96.06  ? 36 G   C "C5'" 1 
ATOM   1040 C  "C4'" . G   C 3 6  ? -5.065  13.643  1.964   1.00 98.86  ? 36 G   C "C4'" 1 
ATOM   1041 O  "O4'" . G   C 3 6  ? -4.305  12.916  2.951   1.00 94.49  ? 36 G   C "O4'" 1 
ATOM   1042 C  "C3'" . G   C 3 6  ? -5.445  12.637  0.891   1.00 105.49 ? 36 G   C "C3'" 1 
ATOM   1043 O  "O3'" . G   C 3 6  ? -4.509  12.501  -0.168  1.00 120.29 ? 36 G   C "O3'" 1 
ATOM   1044 C  "C2'" . G   C 3 6  ? -5.298  11.263  1.533   1.00 100.33 ? 36 G   C "C2'" 1 
ATOM   1045 O  "O2'" . G   C 3 6  ? -4.683  10.323  0.655   1.00 107.28 ? 36 G   C "O2'" 1 
ATOM   1046 C  "C1'" . G   C 3 6  ? -4.232  11.569  2.566   1.00 90.86  ? 36 G   C "C1'" 1 
ATOM   1047 N  N9    . G   C 3 6  ? -4.173  10.700  3.703   1.00 76.48  ? 36 G   C N9    1 
ATOM   1048 C  C8    . G   C 3 6  ? -5.197  10.230  4.501   1.00 73.56  ? 36 G   C C8    1 
ATOM   1049 N  N7    . G   C 3 6  ? -4.793  9.389   5.399   1.00 70.09  ? 36 G   C N7    1 
ATOM   1050 C  C5    . G   C 3 6  ? -3.414  9.304   5.186   1.00 66.59  ? 36 G   C C5    1 
ATOM   1051 C  C6    . G   C 3 6  ? -2.453  8.542   5.839   1.00 66.57  ? 36 G   C C6    1 
ATOM   1052 O  O6    . G   C 3 6  ? -2.620  7.724   6.753   1.00 64.96  ? 36 G   C O6    1 
ATOM   1053 N  N1    . G   C 3 6  ? -1.171  8.789   5.323   1.00 67.29  ? 36 G   C N1    1 
ATOM   1054 C  C2    . G   C 3 6  ? -0.885  9.655   4.292   1.00 67.45  ? 36 G   C C2    1 
ATOM   1055 N  N2    . G   C 3 6  ? 0.412   9.783   3.942   1.00 71.36  ? 36 G   C N2    1 
ATOM   1056 N  N3    . G   C 3 6  ? -1.803  10.350  3.656   1.00 67.71  ? 36 G   C N3    1 
ATOM   1057 C  C4    . G   C 3 6  ? -3.043  10.126  4.164   1.00 68.51  ? 36 G   C C4    1 
ATOM   1058 P  P     A U   C 3 7  ? -3.241  13.498  -0.348  0.50 126.08 ? 37 U   C P     1 
ATOM   1059 P  P     B U   C 3 7  ? -4.387  13.615  -1.325  0.50 120.84 ? 37 U   C P     1 
ATOM   1060 O  OP1   A U   C 3 7  ? -2.010  12.863  0.185   0.50 126.93 ? 37 U   C OP1   1 
ATOM   1061 O  OP1   B U   C 3 7  ? -3.647  14.766  -0.744  0.50 123.71 ? 37 U   C OP1   1 
ATOM   1062 O  OP2   A U   C 3 7  ? -3.553  14.897  0.026   0.50 129.05 ? 37 U   C OP2   1 
ATOM   1063 O  OP2   B U   C 3 7  ? -5.713  13.837  -1.967  0.50 121.71 ? 37 U   C OP2   1 
ATOM   1064 O  "O5'" A U   C 3 7  ? -3.176  13.417  -1.926  0.50 127.31 ? 37 U   C "O5'" 1 
ATOM   1065 O  "O5'" B U   C 3 7  ? -3.423  12.854  -2.350  0.50 119.52 ? 37 U   C "O5'" 1 
ATOM   1066 C  "C5'" A U   C 3 7  ? -4.405  13.445  -2.618  0.50 129.62 ? 37 U   C "C5'" 1 
ATOM   1067 C  "C5'" B U   C 3 7  ? -3.300  11.426  -2.258  0.50 115.45 ? 37 U   C "C5'" 1 
ATOM   1068 C  "C4'" A U   C 3 7  ? -5.024  12.049  -2.765  0.50 129.53 ? 37 U   C "C4'" 1 
ATOM   1069 C  "C4'" B U   C 3 7  ? -2.235  10.887  -3.183  0.50 110.68 ? 37 U   C "C4'" 1 
ATOM   1070 O  "O4'" A U   C 3 7  ? -6.060  12.151  -3.746  0.50 131.88 ? 37 U   C "O4'" 1 
ATOM   1071 O  "O4'" B U   C 3 7  ? -0.931  11.347  -2.710  0.50 109.00 ? 37 U   C "O4'" 1 
ATOM   1072 C  "C3'" A U   C 3 7  ? -4.152  10.883  -3.205  0.50 127.70 ? 37 U   C "C3'" 1 
ATOM   1073 C  "C3'" B U   C 3 7  ? -2.193  9.362   -3.063  0.50 110.13 ? 37 U   C "C3'" 1 
ATOM   1074 O  "O3'" A U   C 3 7  ? -3.976  10.152  -1.984  0.50 121.16 ? 37 U   C "O3'" 1 
ATOM   1075 O  "O3'" B U   C 3 7  ? -2.571  8.551   -4.178  0.50 107.97 ? 37 U   C "O3'" 1 
ATOM   1076 C  "C2'" A U   C 3 7  ? -5.113  9.990   -3.998  0.50 130.90 ? 37 U   C "C2'" 1 
ATOM   1077 C  "C2'" B U   C 3 7  ? -1.044  9.007   -2.121  0.50 109.63 ? 37 U   C "C2'" 1 
ATOM   1078 O  "O2'" A U   C 3 7  ? -5.800  9.036   -3.215  0.50 131.46 ? 37 U   C "O2'" 1 
ATOM   1079 O  "O2'" B U   C 3 7  ? -0.266  7.906   -2.555  0.50 111.45 ? 37 U   C "O2'" 1 
ATOM   1080 C  "C1'" A U   C 3 7  ? -6.122  11.008  -4.551  0.50 132.68 ? 37 U   C "C1'" 1 
ATOM   1081 C  "C1'" B U   C 3 7  ? -0.172  10.260  -2.199  0.50 108.58 ? 37 U   C "C1'" 1 
ATOM   1082 N  N1    A U   C 3 7  ? -5.998  11.370  -5.956  0.50 134.65 ? 37 U   C N1    1 
ATOM   1083 N  N1    B U   C 3 7  ? 0.472   10.642  -0.932  0.50 105.57 ? 37 U   C N1    1 
ATOM   1084 C  C2    A U   C 3 7  ? -6.984  12.213  -6.392  0.50 135.70 ? 37 U   C C2    1 
ATOM   1085 C  C2    B U   C 3 7  ? 1.743   10.153  -0.707  0.50 104.99 ? 37 U   C C2    1 
ATOM   1086 O  O2    A U   C 3 7  ? -7.916  12.521  -5.673  0.50 136.53 ? 37 U   C O2    1 
ATOM   1087 O  O2    B U   C 3 7  ? 2.335   9.455   -1.512  0.50 104.31 ? 37 U   C O2    1 
ATOM   1088 N  N3    A U   C 3 7  ? -6.862  12.667  -7.664  0.50 135.67 ? 37 U   C N3    1 
ATOM   1089 N  N3    B U   C 3 7  ? 2.301   10.514  0.490   0.50 104.69 ? 37 U   C N3    1 
ATOM   1090 C  C4    A U   C 3 7  ? -5.868  12.356  -8.556  0.50 135.23 ? 37 U   C C4    1 
ATOM   1091 C  C4    B U   C 3 7  ? 1.733   11.297  1.464   0.50 105.20 ? 37 U   C C4    1 
ATOM   1092 O  O4    A U   C 3 7  ? -5.885  12.895  -9.661  0.50 135.61 ? 37 U   C O4    1 
ATOM   1093 O  O4    B U   C 3 7  ? 2.362   11.530  2.498   0.50 106.05 ? 37 U   C O4    1 
ATOM   1094 C  C5    A U   C 3 7  ? -4.871  11.433  -8.056  0.50 134.46 ? 37 U   C C5    1 
ATOM   1095 C  C5    B U   C 3 7  ? 0.418   11.769  1.156   0.50 104.27 ? 37 U   C C5    1 
ATOM   1096 C  C6    A U   C 3 7  ? -4.969  10.988  -6.794  0.50 134.28 ? 37 U   C C6    1 
ATOM   1097 C  C6    B U   C 3 7  ? -0.152  11.433  -0.004  0.50 104.48 ? 37 U   C C6    1 
ATOM   1098 P  P     A G   C 3 8  ? -2.598  9.379   -1.645  0.50 116.06 ? 38 G   C P     1 
ATOM   1099 P  P     B G   C 3 8  ? -2.811  6.970   -3.982  0.50 105.11 ? 38 G   C P     1 
ATOM   1100 O  OP1   A G   C 3 8  ? -2.978  8.066   -1.036  0.50 117.21 ? 38 G   C OP1   1 
ATOM   1101 O  OP1   B G   C 3 8  ? -1.501  6.355   -3.653  0.50 104.80 ? 38 G   C OP1   1 
ATOM   1102 O  OP2   A G   C 3 8  ? -1.780  10.300  -0.832  0.50 117.20 ? 38 G   C OP2   1 
ATOM   1103 O  OP2   B G   C 3 8  ? -3.529  6.527   -5.203  0.50 102.80 ? 38 G   C OP2   1 
ATOM   1104 O  "O5'" A G   C 3 8  ? -1.890  9.087   -3.048  0.50 110.09 ? 38 G   C "O5'" 1 
ATOM   1105 O  "O5'" B G   C 3 8  ? -3.794  6.859   -2.718  0.50 104.26 ? 38 G   C "O5'" 1 
ATOM   1106 C  "C5'" A G   C 3 8  ? -2.206  7.891   -3.752  0.50 97.27  ? 38 G   C "C5'" 1 
ATOM   1107 C  "C5'" B G   C 3 8  ? -3.865  5.655   -1.922  0.50 100.44 ? 38 G   C "C5'" 1 
ATOM   1108 C  "C4'" A G   C 3 8  ? -1.105  6.859   -3.607  0.50 89.39  ? 38 G   C "C4'" 1 
ATOM   1109 C  "C4'" B G   C 3 8  ? -4.888  5.797   -0.797  0.50 99.65  ? 38 G   C "C4'" 1 
ATOM   1110 O  "O4'" A G   C 3 8  ? -0.887  6.526   -2.205  0.50 83.78  ? 38 G   C "O4'" 1 
ATOM   1111 O  "O4'" B G   C 3 8  ? -4.879  4.591   0.017   0.50 96.59  ? 38 G   C "O4'" 1 
ATOM   1112 C  "C3'" A G   C 3 8  ? -1.485  5.537   -4.238  0.50 87.91  ? 38 G   C "C3'" 1 
ATOM   1113 C  "C3'" B G   C 3 8  ? -4.569  6.934   0.156   0.50 99.77  ? 38 G   C "C3'" 1 
ATOM   1114 O  "O3'" A G   C 3 8  ? -1.172  5.584   -5.625  0.50 90.33  ? 38 G   C "O3'" 1 
ATOM   1115 O  "O3'" B G   C 3 8  ? -5.529  7.972   0.354   0.50 103.50 ? 38 G   C "O3'" 1 
ATOM   1116 C  "C2'" A G   C 3 8  ? -0.613  4.527   -3.475  0.50 83.28  ? 38 G   C "C2'" 1 
ATOM   1117 C  "C2'" B G   C 3 8  ? -3.866  6.311   1.364   0.50 96.92  ? 38 G   C "C2'" 1 
ATOM   1118 O  "O2'" A G   C 3 8  ? 0.685   4.385   -4.019  0.50 80.54  ? 38 G   C "O2'" 1 
ATOM   1119 O  "O2'" B G   C 3 8  ? -4.339  6.804   2.599   0.50 87.74  ? 38 G   C "O2'" 1 
ATOM   1120 C  "C1'" A G   C 3 8  ? -0.521  5.155   -2.077  0.50 79.52  ? 38 G   C "C1'" 1 
ATOM   1121 C  "C1'" B G   C 3 8  ? -4.283  4.841   1.277   0.50 95.75  ? 38 G   C "C1'" 1 
ATOM   1122 N  N9    A G   C 3 8  ? -1.327  4.548   -1.004  0.50 71.88  ? 38 G   C N9    1 
ATOM   1123 N  N9    B G   C 3 8  ? -3.179  3.900   1.457   0.50 95.53  ? 38 G   C N9    1 
ATOM   1124 C  C8    A G   C 3 8  ? -2.637  4.838   -0.707  0.50 68.89  ? 38 G   C C8    1 
ATOM   1125 C  C8    B G   C 3 8  ? -3.116  2.852   2.346   0.50 94.71  ? 38 G   C C8    1 
ATOM   1126 N  N7    A G   C 3 8  ? -3.085  4.196   0.341   0.50 66.22  ? 38 G   C N7    1 
ATOM   1127 N  N7    B G   C 3 8  ? -1.992  2.187   2.277   0.50 94.11  ? 38 G   C N7    1 
ATOM   1128 C  C5    A G   C 3 8  ? -2.010  3.422   0.766   0.50 64.61  ? 38 G   C C5    1 
ATOM   1129 C  C5    B G   C 3 8  ? -1.270  2.831   1.280   0.50 95.34  ? 38 G   C C5    1 
ATOM   1130 C  C6    A G   C 3 8  ? -1.900  2.523   1.880   0.50 62.88  ? 38 G   C C6    1 
ATOM   1131 C  C6    B G   C 3 8  ? 0.026   2.559   0.755   0.50 96.92  ? 38 G   C C6    1 
ATOM   1132 O  O6    A G   C 3 8  ? -2.749  2.250   2.741   0.50 60.46  ? 38 G   C O6    1 
ATOM   1133 O  O6    B G   C 3 8  ? 0.816   1.660   1.075   0.50 99.46  ? 38 G   C O6    1 
ATOM   1134 N  N1    A G   C 3 8  ? -0.642  1.930   1.935   0.50 60.86  ? 38 G   C N1    1 
ATOM   1135 N  N1    B G   C 3 8  ? 0.376   3.468   -0.241  0.50 97.08  ? 38 G   C N1    1 
ATOM   1136 C  C2    A G   C 3 8  ? 0.382   2.170   1.048   0.50 65.85  ? 38 G   C C2    1 
ATOM   1137 C  C2    B G   C 3 8  ? -0.413  4.505   -0.679  0.50 97.47  ? 38 G   C C2    1 
ATOM   1138 N  N2    A G   C 3 8  ? 1.517   1.488   1.279   0.50 63.96  ? 38 G   C N2    1 
ATOM   1139 N  N2    B G   C 3 8  ? 0.115   5.288   -1.643  0.50 97.89  ? 38 G   C N2    1 
ATOM   1140 N  N3    A G   C 3 8  ? 0.297   3.012   0.013   0.50 65.27  ? 38 G   C N3    1 
ATOM   1141 N  N3    B G   C 3 8  ? -1.625  4.762   -0.204  0.50 96.34  ? 38 G   C N3    1 
ATOM   1142 C  C4    A G   C 3 8  ? -0.919  3.603   -0.065  0.50 66.86  ? 38 G   C C4    1 
ATOM   1143 C  C4    B G   C 3 8  ? -1.986  3.893   0.766   0.50 95.28  ? 38 G   C C4    1 
ATOM   1144 P  P     A C   C 3 9  ? -2.259  6.102   -6.701  0.50 91.99  ? 39 C   C P     1 
ATOM   1145 P  P     B C   C 3 9  ? -7.004  7.871   -0.293  0.50 108.31 ? 39 C   C P     1 
ATOM   1146 O  OP1   A C   C 3 9  ? -2.488  4.982   -7.644  0.50 91.71  ? 39 C   C OP1   1 
ATOM   1147 O  OP1   B C   C 3 9  ? -7.474  9.257   -0.534  0.50 107.82 ? 39 C   C OP1   1 
ATOM   1148 O  OP2   A C   C 3 9  ? -1.757  7.398   -7.212  0.50 91.03  ? 39 C   C OP2   1 
ATOM   1149 O  OP2   B C   C 3 9  ? -7.776  6.980   0.604   0.50 106.80 ? 39 C   C OP2   1 
ATOM   1150 O  "O5'" A C   C 3 9  ? -3.634  6.379   -5.930  0.50 94.10  ? 39 C   C "O5'" 1 
ATOM   1151 O  "O5'" B C   C 3 9  ? -6.859  7.151   -1.711  0.50 110.66 ? 39 C   C "O5'" 1 
ATOM   1152 C  "C5'" A C   C 3 9  ? -4.683  7.141   -6.570  0.50 100.40 ? 39 C   C "C5'" 1 
ATOM   1153 C  "C5'" B C   C 3 9  ? -7.805  6.145   -2.105  0.50 113.31 ? 39 C   C "C5'" 1 
ATOM   1154 C  "C4'" A C   C 3 9  ? -6.006  7.030   -5.811  0.50 104.95 ? 39 C   C "C4'" 1 
ATOM   1155 C  "C4'" B C   C 3 9  ? -8.009  6.117   -3.618  0.50 116.18 ? 39 C   C "C4'" 1 
ATOM   1156 O  "O4'" A C   C 3 9  ? -6.834  8.194   -6.028  0.50 108.82 ? 39 C   C "O4'" 1 
ATOM   1157 O  "O4'" B C   C 3 9  ? -8.424  7.447   -4.050  0.50 118.83 ? 39 C   C "O4'" 1 
ATOM   1158 C  "C3'" A C   C 3 9  ? -6.950  5.869   -6.120  0.50 106.66 ? 39 C   C "C3'" 1 
ATOM   1159 C  "C3'" B C   C 3 9  ? -6.699  5.815   -4.367  0.50 115.91 ? 39 C   C "C3'" 1 
ATOM   1160 O  "O3'" A C   C 3 9  ? -6.538  4.813   -5.281  0.50 106.31 ? 39 C   C "O3'" 1 
ATOM   1161 O  "O3'" B C   C 3 9  ? -6.705  4.889   -5.471  0.50 110.26 ? 39 C   C "O3'" 1 
ATOM   1162 C  "C2'" A C   C 3 9  ? -8.326  6.366   -5.647  0.50 108.48 ? 39 C   C "C2'" 1 
ATOM   1163 C  "C2'" B C   C 3 9  ? -6.162  7.167   -4.826  0.50 118.07 ? 39 C   C "C2'" 1 
ATOM   1164 O  "O2'" A C   C 3 9  ? -8.679  5.898   -4.359  0.50 111.92 ? 39 C   C "O2'" 1 
ATOM   1165 O  "O2'" B C   C 3 9  ? -5.672  7.093   -6.152  0.50 117.91 ? 39 C   C "O2'" 1 
ATOM   1166 C  "C1'" A C   C 3 9  ? -8.140  7.884   -5.586  0.50 109.50 ? 39 C   C "C1'" 1 
ATOM   1167 C  "C1'" B C   C 3 9  ? -7.434  8.007   -4.884  0.50 121.10 ? 39 C   C "C1'" 1 
ATOM   1168 N  N1    A C   C 3 9  ? -9.125  8.739   -6.268  0.50 110.26 ? 39 C   C N1    1 
ATOM   1169 N  N1    B C   C 3 9  ? -7.289  9.452   -4.669  0.50 123.77 ? 39 C   C N1    1 
ATOM   1170 C  C2    A C   C 3 9  ? -10.136 9.323   -5.495  0.50 110.71 ? 39 C   C C2    1 
ATOM   1171 C  C2    B C   C 3 9  ? -7.419  10.290  -5.789  0.50 125.02 ? 39 C   C C2    1 
ATOM   1172 O  O2    A C   C 3 9  ? -10.181 9.072   -4.279  0.50 110.95 ? 39 C   C O2    1 
ATOM   1173 O  O2    B C   C 3 9  ? -7.749  9.790   -6.879  0.50 125.33 ? 39 C   C O2    1 
ATOM   1174 N  N3    A C   C 3 9  ? -11.024 10.154  -6.087  0.50 110.43 ? 39 C   C N3    1 
ATOM   1175 N  N3    B C   C 3 9  ? -7.194  11.612  -5.658  0.50 126.28 ? 39 C   C N3    1 
ATOM   1176 C  C4    A C   C 3 9  ? -10.942 10.390  -7.394  0.50 110.97 ? 39 C   C C4    1 
ATOM   1177 C  C4    B C   C 3 9  ? -6.870  12.116  -4.467  0.50 126.34 ? 39 C   C C4    1 
ATOM   1178 N  N4    A C   C 3 9  ? -11.827 11.233  -7.925  0.50 111.12 ? 39 C   C N4    1 
ATOM   1179 N  N4    B C   C 3 9  ? -6.624  13.427  -4.399  0.50 126.71 ? 39 C   C N4    1 
ATOM   1180 C  C5    A C   C 3 9  ? -9.942  9.782   -8.210  0.50 111.03 ? 39 C   C C5    1 
ATOM   1181 C  C5    B C   C 3 9  ? -6.777  11.296  -3.296  0.50 125.62 ? 39 C   C C5    1 
ATOM   1182 C  C6    A C   C 3 9  ? -9.065  8.966   -7.610  0.50 110.76 ? 39 C   C C6    1 
ATOM   1183 C  C6    B C   C 3 9  ? -6.995  9.981   -3.443  0.50 124.56 ? 39 C   C C6    1 
ATOM   1184 P  P     . A   C 3 10 ? -7.268  3.388   -5.319  1.00 104.93 ? 40 A   C P     1 
ATOM   1185 O  OP1   . A   C 3 10 ? -7.565  2.991   -6.715  1.00 107.29 ? 40 A   C OP1   1 
ATOM   1186 O  OP2   . A   C 3 10 ? -8.351  3.355   -4.292  1.00 104.27 ? 40 A   C OP2   1 
ATOM   1187 O  "O5'" . A   C 3 10 ? -6.039  2.504   -4.856  1.00 99.54  ? 40 A   C "O5'" 1 
ATOM   1188 C  "C5'" . A   C 3 10 ? -4.770  2.788   -5.409  1.00 88.95  ? 40 A   C "C5'" 1 
ATOM   1189 C  "C4'" . A   C 3 10 ? -3.676  2.222   -4.558  1.00 83.64  ? 40 A   C "C4'" 1 
ATOM   1190 O  "O4'" . A   C 3 10 ? -3.748  2.800   -3.233  1.00 83.25  ? 40 A   C "O4'" 1 
ATOM   1191 C  "C3'" . A   C 3 10 ? -3.818  0.744   -4.286  1.00 82.03  ? 40 A   C "C3'" 1 
ATOM   1192 O  "O3'" . A   C 3 10 ? -3.332  -0.014  -5.363  1.00 80.97  ? 40 A   C "O3'" 1 
ATOM   1193 C  "C2'" . A   C 3 10 ? -2.983  0.567   -3.034  1.00 77.68  ? 40 A   C "C2'" 1 
ATOM   1194 O  "O2'" . A   C 3 10 ? -1.603  0.554   -3.333  1.00 82.49  ? 40 A   C "O2'" 1 
ATOM   1195 C  "C1'" . A   C 3 10 ? -3.325  1.845   -2.281  1.00 73.54  ? 40 A   C "C1'" 1 
ATOM   1196 N  N9    . A   C 3 10 ? -4.392  1.627   -1.315  1.00 65.93  ? 40 A   C N9    1 
ATOM   1197 C  C8    . A   C 3 10 ? -5.667  2.126   -1.274  1.00 64.31  ? 40 A   C C8    1 
ATOM   1198 N  N7    . A   C 3 10 ? -6.359  1.719   -0.235  1.00 63.07  ? 40 A   C N7    1 
ATOM   1199 C  C5    . A   C 3 10 ? -5.478  0.891   0.448   1.00 58.87  ? 40 A   C C5    1 
ATOM   1200 C  C6    . A   C 3 10 ? -5.604  0.145   1.629   1.00 58.79  ? 40 A   C C6    1 
ATOM   1201 N  N6    . A   C 3 10 ? -6.720  0.080   2.348   1.00 62.49  ? 40 A   C N6    1 
ATOM   1202 N  N1    . A   C 3 10 ? -4.530  -0.554  2.043   1.00 59.28  ? 40 A   C N1    1 
ATOM   1203 C  C2    . A   C 3 10 ? -3.415  -0.518  1.301   1.00 60.27  ? 40 A   C C2    1 
ATOM   1204 N  N3    . A   C 3 10 ? -3.181  0.130   0.166   1.00 60.86  ? 40 A   C N3    1 
ATOM   1205 C  C4    . A   C 3 10 ? -4.265  0.828   -0.208  1.00 63.05  ? 40 A   C C4    1 
ATOM   1206 P  P     . U   C 3 11 ? -4.201  -1.237  -5.904  1.00 79.51  ? 41 U   C P     1 
ATOM   1207 O  OP1   . U   C 3 11 ? -3.608  -1.574  -7.219  1.00 76.79  ? 41 U   C OP1   1 
ATOM   1208 O  OP2   . U   C 3 11 ? -5.639  -0.896  -5.796  1.00 71.66  ? 41 U   C OP2   1 
ATOM   1209 O  "O5'" . U   C 3 11 ? -3.911  -2.408  -4.871  1.00 67.15  ? 41 U   C "O5'" 1 
ATOM   1210 C  "C5'" . U   C 3 11 ? -2.577  -2.748  -4.571  1.00 66.19  ? 41 U   C "C5'" 1 
ATOM   1211 C  "C4'" . U   C 3 11 ? -2.514  -3.612  -3.351  1.00 68.64  ? 41 U   C "C4'" 1 
ATOM   1212 O  "O4'" . U   C 3 11 ? -3.228  -2.969  -2.271  1.00 69.25  ? 41 U   C "O4'" 1 
ATOM   1213 C  "C3'" . U   C 3 11 ? -3.229  -4.935  -3.596  1.00 68.03  ? 41 U   C "C3'" 1 
ATOM   1214 O  "O3'" . U   C 3 11 ? -2.406  -5.974  -3.088  1.00 66.78  ? 41 U   C "O3'" 1 
ATOM   1215 C  "C2'" . U   C 3 11 ? -4.616  -4.776  -2.990  1.00 66.44  ? 41 U   C "C2'" 1 
ATOM   1216 O  "O2'" . U   C 3 11 ? -5.071  -5.934  -2.335  1.00 71.11  ? 41 U   C "O2'" 1 
ATOM   1217 C  "C1'" . U   C 3 11 ? -4.337  -3.739  -1.915  1.00 65.94  ? 41 U   C "C1'" 1 
ATOM   1218 N  N1    . U   C 3 11 ? -5.436  -2.899  -1.448  1.00 66.41  ? 41 U   C N1    1 
ATOM   1219 C  C2    . U   C 3 11 ? -5.912  -3.182  -0.186  1.00 67.18  ? 41 U   C C2    1 
ATOM   1220 O  O2    . U   C 3 11 ? -5.375  -3.992  0.556   1.00 67.82  ? 41 U   C O2    1 
ATOM   1221 N  N3    . U   C 3 11 ? -7.028  -2.482  0.183   1.00 65.24  ? 41 U   C N3    1 
ATOM   1222 C  C4    . U   C 3 11 ? -7.686  -1.505  -0.562  1.00 68.34  ? 41 U   C C4    1 
ATOM   1223 O  O4    . U   C 3 11 ? -8.681  -0.943  -0.111  1.00 74.81  ? 41 U   C O4    1 
ATOM   1224 C  C5    . U   C 3 11 ? -7.081  -1.245  -1.831  1.00 69.76  ? 41 U   C C5    1 
ATOM   1225 C  C6    . U   C 3 11 ? -5.998  -1.926  -2.218  1.00 70.45  ? 41 U   C C6    1 
ATOM   1226 P  P     . U   C 3 12 ? -2.737  -7.509  -3.377  1.00 67.23  ? 42 U   C P     1 
ATOM   1227 O  OP1   . U   C 3 12 ? -1.789  -7.942  -4.425  1.00 71.90  ? 42 U   C OP1   1 
ATOM   1228 O  OP2   . U   C 3 12 ? -4.187  -7.687  -3.579  1.00 59.22  ? 42 U   C OP2   1 
ATOM   1229 O  "O5'" . U   C 3 12 ? -2.316  -8.191  -2.009  1.00 61.18  ? 42 U   C "O5'" 1 
ATOM   1230 C  "C5'" . U   C 3 12 ? -2.606  -9.543  -1.744  1.00 64.43  ? 42 U   C "C5'" 1 
ATOM   1231 C  "C4'" . U   C 3 12 ? -3.382  -9.662  -0.455  1.00 69.61  ? 42 U   C "C4'" 1 
ATOM   1232 O  "O4'" . U   C 3 12 ? -2.722  -8.893  0.584   1.00 67.83  ? 42 U   C "O4'" 1 
ATOM   1233 C  "C3'" . U   C 3 12 ? -4.771  -9.029  -0.609  1.00 69.40  ? 42 U   C "C3'" 1 
ATOM   1234 O  "O3'" . U   C 3 12 ? -5.691  -9.731  0.206   1.00 73.98  ? 42 U   C "O3'" 1 
ATOM   1235 C  "C2'" . U   C 3 12 ? -4.657  -7.631  -0.029  1.00 68.83  ? 42 U   C "C2'" 1 
ATOM   1236 O  "O2'" . U   C 3 12 ? -5.774  -7.287  0.750   1.00 70.16  ? 42 U   C "O2'" 1 
ATOM   1237 C  "C1'" . U   C 3 12 ? -3.564  -7.854  0.993   1.00 68.66  ? 42 U   C "C1'" 1 
ATOM   1238 N  N1    . U   C 3 12 ? -2.818  -6.706  1.490   1.00 68.87  ? 42 U   C N1    1 
ATOM   1239 C  C2    . U   C 3 12 ? -3.001  -6.410  2.810   1.00 66.77  ? 42 U   C C2    1 
ATOM   1240 O  O2    . U   C 3 12 ? -3.696  -7.079  3.539   1.00 66.98  ? 42 U   C O2    1 
ATOM   1241 N  N3    . U   C 3 12 ? -2.340  -5.307  3.251   1.00 68.94  ? 42 U   C N3    1 
ATOM   1242 C  C4    . U   C 3 12 ? -1.528  -4.494  2.516   1.00 69.44  ? 42 U   C C4    1 
ATOM   1243 O  O4    . U   C 3 12 ? -1.057  -3.491  3.035   1.00 70.16  ? 42 U   C O4    1 
ATOM   1244 C  C5    . U   C 3 12 ? -1.370  -4.885  1.153   1.00 73.24  ? 42 U   C C5    1 
ATOM   1245 C  C6    . U   C 3 12 ? -2.010  -5.958  0.699   1.00 70.59  ? 42 U   C C6    1 
ATOM   1246 P  P     . A   C 3 13 ? -6.787  -10.701 -0.417  1.00 70.69  ? 43 A   C P     1 
ATOM   1247 O  OP1   . A   C 3 13 ? -6.085  -11.827 -1.077  1.00 74.39  ? 43 A   C OP1   1 
ATOM   1248 O  OP2   . A   C 3 13 ? -7.768  -9.895  -1.188  1.00 64.15  ? 43 A   C OP2   1 
ATOM   1249 O  "O5'" . A   C 3 13 ? -7.438  -11.262 0.919   1.00 65.60  ? 43 A   C "O5'" 1 
ATOM   1250 C  "C5'" . A   C 3 13 ? -6.626  -11.949 1.861   1.00 69.43  ? 43 A   C "C5'" 1 
ATOM   1251 C  "C4'" . A   C 3 13 ? -7.093  -11.665 3.266   1.00 76.22  ? 43 A   C "C4'" 1 
ATOM   1252 O  "O4'" . A   C 3 13 ? -6.809  -10.291 3.624   1.00 80.36  ? 43 A   C "O4'" 1 
ATOM   1253 C  "C3'" . A   C 3 13 ? -8.573  -11.843 3.531   1.00 76.34  ? 43 A   C "C3'" 1 
ATOM   1254 O  "O3'" . A   C 3 13 ? -8.792  -13.210 3.838   1.00 83.46  ? 43 A   C "O3'" 1 
ATOM   1255 C  "C2'" . A   C 3 13 ? -8.783  -10.943 4.747   1.00 75.38  ? 43 A   C "C2'" 1 
ATOM   1256 O  "O2'" . A   C 3 13 ? -8.287  -11.541 5.929   1.00 73.16  ? 43 A   C "O2'" 1 
ATOM   1257 C  "C1'" . A   C 3 13 ? -7.863  -9.770  4.415   1.00 72.44  ? 43 A   C "C1'" 1 
ATOM   1258 N  N9    . A   C 3 13 ? -8.483  -8.709  3.631   1.00 69.14  ? 43 A   C N9    1 
ATOM   1259 C  C8    . A   C 3 13 ? -7.965  -8.224  2.470   1.00 67.05  ? 43 A   C C8    1 
ATOM   1260 N  N7    . A   C 3 13 ? -8.660  -7.256  1.941   1.00 68.33  ? 43 A   C N7    1 
ATOM   1261 C  C5    . A   C 3 13 ? -9.718  -7.092  2.811   1.00 68.06  ? 43 A   C C5    1 
ATOM   1262 C  C6    . A   C 3 13 ? -10.807 -6.210  2.804   1.00 71.12  ? 43 A   C C6    1 
ATOM   1263 N  N6    . A   C 3 13 ? -11.004 -5.282  1.859   1.00 67.79  ? 43 A   C N6    1 
ATOM   1264 N  N1    . A   C 3 13 ? -11.696 -6.308  3.811   1.00 72.02  ? 43 A   C N1    1 
ATOM   1265 C  C2    . A   C 3 13 ? -11.484 -7.230  4.759   1.00 71.54  ? 43 A   C C2    1 
ATOM   1266 N  N3    . A   C 3 13 ? -10.489 -8.111  4.877   1.00 70.49  ? 43 A   C N3    1 
ATOM   1267 C  C4    . A   C 3 13 ? -9.629  -7.988  3.857   1.00 68.76  ? 43 A   C C4    1 
ATOM   1268 P  P     . C   C 3 14 ? -9.961  -14.015 3.101   1.00 82.59  ? 44 C   C P     1 
ATOM   1269 O  OP1   . C   C 3 14 ? -10.095 -15.269 3.879   1.00 85.79  ? 44 C   C OP1   1 
ATOM   1270 O  OP2   . C   C 3 14 ? -9.721  -14.075 1.638   1.00 77.69  ? 44 C   C OP2   1 
ATOM   1271 O  "O5'" . C   C 3 14 ? -11.242 -13.095 3.301   1.00 87.29  ? 44 C   C "O5'" 1 
ATOM   1272 C  "C5'" . C   C 3 14 ? -11.960 -13.052 4.535   1.00 86.37  ? 44 C   C "C5'" 1 
ATOM   1273 C  "C4'" . C   C 3 14 ? -13.090 -12.059 4.412   1.00 87.57  ? 44 C   C "C4'" 1 
ATOM   1274 O  "O4'" . C   C 3 14 ? -12.525 -10.734 4.268   1.00 86.90  ? 44 C   C "O4'" 1 
ATOM   1275 C  "C3'" . C   C 3 14 ? -13.924 -12.235 3.156   1.00 89.02  ? 44 C   C "C3'" 1 
ATOM   1276 O  "O3'" . C   C 3 14 ? -14.926 -13.229 3.324   1.00 90.83  ? 44 C   C "O3'" 1 
ATOM   1277 C  "C2'" . C   C 3 14 ? -14.489 -10.840 2.931   1.00 86.78  ? 44 C   C "C2'" 1 
ATOM   1278 O  "O2'" . C   C 3 14 ? -15.635 -10.539 3.696   1.00 88.20  ? 44 C   C "O2'" 1 
ATOM   1279 C  "C1'" . C   C 3 14 ? -13.307 -9.975  3.365   1.00 83.87  ? 44 C   C "C1'" 1 
ATOM   1280 N  N1    . C   C 3 14 ? -12.457 -9.615  2.227   1.00 80.97  ? 44 C   C N1    1 
ATOM   1281 C  C2    . C   C 3 14 ? -12.892 -8.599  1.382   1.00 82.11  ? 44 C   C C2    1 
ATOM   1282 O  O2    . C   C 3 14 ? -13.966 -8.034  1.638   1.00 86.16  ? 44 C   C O2    1 
ATOM   1283 N  N3    . C   C 3 14 ? -12.138 -8.257  0.310   1.00 80.31  ? 44 C   C N3    1 
ATOM   1284 C  C4    . C   C 3 14 ? -10.993 -8.890  0.076   1.00 78.58  ? 44 C   C C4    1 
ATOM   1285 N  N4    . C   C 3 14 ? -10.297 -8.525  -0.996  1.00 78.37  ? 44 C   C N4    1 
ATOM   1286 C  C5    . C   C 3 14 ? -10.515 -9.929  0.931   1.00 78.45  ? 44 C   C C5    1 
ATOM   1287 C  C6    . C   C 3 14 ? -11.275 -10.257 1.987   1.00 79.71  ? 44 C   C C6    1 
ATOM   1288 P  P     . C   C 3 15 ? -15.341 -14.145 2.073   1.00 92.94  ? 45 C   C P     1 
ATOM   1289 O  OP1   . C   C 3 15 ? -16.110 -15.310 2.569   1.00 93.12  ? 45 C   C OP1   1 
ATOM   1290 O  OP2   . C   C 3 15 ? -14.131 -14.372 1.243   1.00 96.79  ? 45 C   C OP2   1 
ATOM   1291 O  "O5'" . C   C 3 15 ? -16.296 -13.193 1.238   1.00 86.93  ? 45 C   C "O5'" 1 
ATOM   1292 C  "C5'" . C   C 3 15 ? -17.445 -12.634 1.837   1.00 86.18  ? 45 C   C "C5'" 1 
ATOM   1293 C  "C4'" . C   C 3 15 ? -18.111 -11.706 0.871   1.00 87.86  ? 45 C   C "C4'" 1 
ATOM   1294 O  "O4'" . C   C 3 15 ? -17.271 -10.541 0.683   1.00 89.70  ? 45 C   C "O4'" 1 
ATOM   1295 C  "C3'" . C   C 3 15 ? -18.247 -12.281 -0.524  1.00 91.19  ? 45 C   C "C3'" 1 
ATOM   1296 O  "O3'" . C   C 3 15 ? -19.368 -13.150 -0.628  1.00 95.80  ? 45 C   C "O3'" 1 
ATOM   1297 C  "C2'" . C   C 3 15 ? -18.337 -11.030 -1.392  1.00 89.45  ? 45 C   C "C2'" 1 
ATOM   1298 O  "O2'" . C   C 3 15 ? -19.618 -10.446 -1.512  1.00 90.67  ? 45 C   C "O2'" 1 
ATOM   1299 C  "C1'" . C   C 3 15 ? -17.375 -10.093 -0.659  1.00 86.88  ? 45 C   C "C1'" 1 
ATOM   1300 N  N1    . C   C 3 15 ? -16.034 -10.098 -1.248  1.00 82.36  ? 45 C   C N1    1 
ATOM   1301 C  C2    . C   C 3 15 ? -15.768 -9.211  -2.287  1.00 82.77  ? 45 C   C C2    1 
ATOM   1302 O  O2    . C   C 3 15 ? -16.677 -8.455  -2.669  1.00 82.60  ? 45 C   C O2    1 
ATOM   1303 N  N3    . C   C 3 15 ? -14.536 -9.194  -2.845  1.00 80.66  ? 45 C   C N3    1 
ATOM   1304 C  C4    . C   C 3 15 ? -13.592 -10.027 -2.396  1.00 80.63  ? 45 C   C C4    1 
ATOM   1305 N  N4    . C   C 3 15 ? -12.387 -9.968  -2.961  1.00 79.23  ? 45 C   C N4    1 
ATOM   1306 C  C5    . C   C 3 15 ? -13.843 -10.952 -1.340  1.00 80.30  ? 45 C   C C5    1 
ATOM   1307 C  C6    . C   C 3 15 ? -15.066 -10.953 -0.799  1.00 80.61  ? 45 C   C C6    1 
ATOM   1308 P  P     . U   C 3 16 ? -19.352 -14.336 -1.716  1.00 99.13  ? 46 U   C P     1 
ATOM   1309 O  OP1   . U   C 3 16 ? -20.547 -15.184 -1.476  1.00 99.37  ? 46 U   C OP1   1 
ATOM   1310 O  OP2   . U   C 3 16 ? -17.998 -14.965 -1.692  1.00 96.06  ? 46 U   C OP2   1 
ATOM   1311 O  "O5'" . U   C 3 16 ? -19.569 -13.544 -3.083  1.00 90.59  ? 46 U   C "O5'" 1 
ATOM   1312 C  "C5'" . U   C 3 16 ? -20.671 -12.661 -3.216  1.00 85.52  ? 46 U   C "C5'" 1 
ATOM   1313 C  "C4'" . U   C 3 16 ? -20.561 -11.843 -4.475  1.00 86.84  ? 46 U   C "C4'" 1 
ATOM   1314 O  "O4'" . U   C 3 16 ? -19.470 -10.894 -4.346  1.00 92.29  ? 46 U   C "O4'" 1 
ATOM   1315 C  "C3'" . U   C 3 16 ? -20.237 -12.605 -5.746  1.00 88.51  ? 46 U   C "C3'" 1 
ATOM   1316 O  "O3'" . U   C 3 16 ? -21.380 -13.204 -6.335  1.00 91.86  ? 46 U   C "O3'" 1 
ATOM   1317 C  "C2'" . U   C 3 16 ? -19.649 -11.512 -6.627  1.00 90.51  ? 46 U   C "C2'" 1 
ATOM   1318 O  "O2'" . U   C 3 16 ? -20.653 -10.680 -7.170  1.00 86.57  ? 46 U   C "O2'" 1 
ATOM   1319 C  "C1'" . U   C 3 16 ? -18.833 -10.716 -5.608  1.00 89.37  ? 46 U   C "C1'" 1 
ATOM   1320 N  N1    . U   C 3 16 ? -17.437 -11.185 -5.513  1.00 87.69  ? 46 U   C N1    1 
ATOM   1321 C  C2    . U   C 3 16 ? -16.552 -10.809 -6.514  1.00 86.42  ? 46 U   C C2    1 
ATOM   1322 O  O2    . U   C 3 16 ? -16.885 -10.130 -7.470  1.00 86.21  ? 46 U   C O2    1 
ATOM   1323 N  N3    . U   C 3 16 ? -15.265 -11.268 -6.353  1.00 84.24  ? 46 U   C N3    1 
ATOM   1324 C  C4    . U   C 3 16 ? -14.783 -12.056 -5.318  1.00 86.34  ? 46 U   C C4    1 
ATOM   1325 O  O4    . U   C 3 16 ? -13.590 -12.371 -5.290  1.00 86.25  ? 46 U   C O4    1 
ATOM   1326 C  C5    . U   C 3 16 ? -15.758 -12.410 -4.337  1.00 85.65  ? 46 U   C C5    1 
ATOM   1327 C  C6    . U   C 3 16 ? -17.017 -11.973 -4.463  1.00 85.96  ? 46 U   C C6    1 
ATOM   1328 P  P     . G   C 3 17 ? -21.214 -14.534 -7.230  1.00 95.25  ? 47 G   C P     1 
ATOM   1329 O  OP1   . G   C 3 17 ? -22.575 -15.057 -7.489  1.00 95.89  ? 47 G   C OP1   1 
ATOM   1330 O  OP2   . G   C 3 17 ? -20.214 -15.416 -6.569  1.00 90.61  ? 47 G   C OP2   1 
ATOM   1331 O  "O5'" . G   C 3 17 ? -20.633 -13.993 -8.616  1.00 86.11  ? 47 G   C "O5'" 1 
ATOM   1332 C  "C5'" . G   C 3 17 ? -21.447 -13.207 -9.478  1.00 80.38  ? 47 G   C "C5'" 1 
ATOM   1333 C  "C4'" . G   C 3 17 ? -20.692 -12.820 -10.728 1.00 83.47  ? 47 G   C "C4'" 1 
ATOM   1334 O  "O4'" . G   C 3 17 ? -19.616 -11.909 -10.384 1.00 84.91  ? 47 G   C "O4'" 1 
ATOM   1335 C  "C3'" . G   C 3 17 ? -20.018 -13.939 -11.500 1.00 86.18  ? 47 G   C "C3'" 1 
ATOM   1336 O  "O3'" . G   C 3 17 ? -20.929 -14.606 -12.363 1.00 89.91  ? 47 G   C "O3'" 1 
ATOM   1337 C  "C2'" . G   C 3 17 ? -18.925 -13.186 -12.254 1.00 87.50  ? 47 G   C "C2'" 1 
ATOM   1338 O  "O2'" . G   C 3 17 ? -19.370 -12.509 -13.418 1.00 82.06  ? 47 G   C "O2'" 1 
ATOM   1339 C  "C1'" . G   C 3 17 ? -18.484 -12.171 -11.198 1.00 85.41  ? 47 G   C "C1'" 1 
ATOM   1340 N  N9    . G   C 3 17 ? -17.434 -12.717 -10.338 1.00 84.13  ? 47 G   C N9    1 
ATOM   1341 C  C8    . G   C 3 17 ? -17.592 -13.247 -9.079  1.00 82.00  ? 47 G   C C8    1 
ATOM   1342 N  N7    . G   C 3 17 ? -16.474 -13.675 -8.557  1.00 80.74  ? 47 G   C N7    1 
ATOM   1343 C  C5    . G   C 3 17 ? -15.519 -13.400 -9.522  1.00 79.28  ? 47 G   C C5    1 
ATOM   1344 C  C6    . G   C 3 17 ? -14.129 -13.631 -9.515  1.00 78.52  ? 47 G   C C6    1 
ATOM   1345 O  O6    . G   C 3 17 ? -13.435 -14.118 -8.610  1.00 76.61  ? 47 G   C O6    1 
ATOM   1346 N  N1    . G   C 3 17 ? -13.538 -13.228 -10.710 1.00 78.20  ? 47 G   C N1    1 
ATOM   1347 C  C2    . G   C 3 17 ? -14.208 -12.669 -11.773 1.00 78.17  ? 47 G   C C2    1 
ATOM   1348 N  N2    . G   C 3 17 ? -13.472 -12.377 -12.855 1.00 77.11  ? 47 G   C N2    1 
ATOM   1349 N  N3    . G   C 3 17 ? -15.502 -12.423 -11.778 1.00 78.12  ? 47 G   C N3    1 
ATOM   1350 C  C4    . G   C 3 17 ? -16.094 -12.815 -10.631 1.00 79.66  ? 47 G   C C4    1 
ATOM   1351 P  P     . C   C 3 18 ? -20.628 -16.116 -12.843 1.00 92.33  ? 48 C   C P     1 
ATOM   1352 O  OP1   . C   C 3 18 ? -21.754 -16.538 -13.706 1.00 95.84  ? 48 C   C OP1   1 
ATOM   1353 O  OP2   . C   C 3 18 ? -20.249 -16.952 -11.673 1.00 86.31  ? 48 C   C OP2   1 
ATOM   1354 O  "O5'" . C   C 3 18 ? -19.385 -15.938 -13.807 1.00 85.49  ? 48 C   C "O5'" 1 
ATOM   1355 C  "C5'" . C   C 3 18 ? -19.518 -15.153 -14.982 1.00 80.52  ? 48 C   C "C5'" 1 
ATOM   1356 C  "C4'" . C   C 3 18 ? -18.239 -15.189 -15.771 1.00 83.40  ? 48 C   C "C4'" 1 
ATOM   1357 O  "O4'" . C   C 3 18 ? -17.233 -14.411 -15.074 1.00 84.80  ? 48 C   C "O4'" 1 
ATOM   1358 C  "C3'" . C   C 3 18 ? -17.604 -16.560 -15.922 1.00 84.47  ? 48 C   C "C3'" 1 
ATOM   1359 O  "O3'" . C   C 3 18 ? -18.181 -17.328 -16.968 1.00 83.37  ? 48 C   C "O3'" 1 
ATOM   1360 C  "C2'" . C   C 3 18 ? -16.151 -16.202 -16.183 1.00 80.30  ? 48 C   C "C2'" 1 
ATOM   1361 O  "O2'" . C   C 3 18 ? -15.950 -15.757 -17.501 1.00 80.29  ? 48 C   C "O2'" 1 
ATOM   1362 C  "C1'" . C   C 3 18 ? -15.963 -15.022 -15.232 1.00 81.04  ? 48 C   C "C1'" 1 
ATOM   1363 N  N1    . C   C 3 18 ? -15.490 -15.480 -13.917 1.00 78.10  ? 48 C   C N1    1 
ATOM   1364 C  C2    . C   C 3 18 ? -14.124 -15.678 -13.740 1.00 76.01  ? 48 C   C C2    1 
ATOM   1365 O  O2    . C   C 3 18 ? -13.359 -15.425 -14.691 1.00 73.65  ? 48 C   C O2    1 
ATOM   1366 N  N3    . C   C 3 18 ? -13.671 -16.133 -12.552 1.00 74.11  ? 48 C   C N3    1 
ATOM   1367 C  C4    . C   C 3 18 ? -14.530 -16.373 -11.561 1.00 73.20  ? 48 C   C C4    1 
ATOM   1368 N  N4    . C   C 3 18 ? -14.043 -16.817 -10.412 1.00 69.48  ? 48 C   C N4    1 
ATOM   1369 C  C5    . C   C 3 18 ? -15.926 -16.166 -11.708 1.00 72.93  ? 48 C   C C5    1 
ATOM   1370 C  C6    . C   C 3 18 ? -16.359 -15.724 -12.890 1.00 72.77  ? 48 C   C C6    1 
ATOM   1371 P  P     . C   C 3 19 ? -18.194 -18.932 -16.858 1.00 86.89  ? 49 C   C P     1 
ATOM   1372 O  OP1   . C   C 3 19 ? -18.966 -19.454 -18.005 1.00 90.65  ? 49 C   C OP1   1 
ATOM   1373 O  OP2   . C   C 3 19 ? -18.556 -19.343 -15.472 1.00 84.27  ? 49 C   C OP2   1 
ATOM   1374 O  "O5'" . C   C 3 19 ? -16.679 -19.322 -17.107 1.00 84.83  ? 49 C   C "O5'" 1 
ATOM   1375 C  "C5'" . C   C 3 19 ? -15.974 -18.780 -18.211 1.00 79.66  ? 49 C   C "C5'" 1 
ATOM   1376 C  "C4'" . C   C 3 19 ? -14.508 -19.095 -18.085 1.00 81.47  ? 49 C   C "C4'" 1 
ATOM   1377 O  "O4'" . C   C 3 19 ? -13.952 -18.354 -16.966 1.00 80.35  ? 49 C   C "O4'" 1 
ATOM   1378 C  "C3'" . C   C 3 19 ? -14.210 -20.542 -17.740 1.00 76.19  ? 49 C   C "C3'" 1 
ATOM   1379 O  "O3'" . C   C 3 19 ? -14.318 -21.423 -18.848 1.00 80.27  ? 49 C   C "O3'" 1 
ATOM   1380 C  "C2'" . C   C 3 19 ? -12.828 -20.432 -17.129 1.00 75.33  ? 49 C   C "C2'" 1 
ATOM   1381 O  "O2'" . C   C 3 19 ? -11.891 -20.170 -18.147 1.00 70.26  ? 49 C   C "O2'" 1 
ATOM   1382 C  "C1'" . C   C 3 19 ? -12.955 -19.136 -16.333 1.00 75.88  ? 49 C   C "C1'" 1 
ATOM   1383 N  N1    . C   C 3 19 ? -13.333 -19.331 -14.925 1.00 75.79  ? 49 C   C N1    1 
ATOM   1384 C  C2    . C   C 3 19 ? -12.331 -19.570 -13.991 1.00 74.02  ? 49 C   C C2    1 
ATOM   1385 O  O2    . C   C 3 19 ? -11.163 -19.610 -14.373 1.00 75.02  ? 49 C   C O2    1 
ATOM   1386 N  N3    . C   C 3 19 ? -12.659 -19.744 -12.694 1.00 73.25  ? 49 C   C N3    1 
ATOM   1387 C  C4    . C   C 3 19 ? -13.934 -19.671 -12.319 1.00 73.68  ? 49 C   C C4    1 
ATOM   1388 N  N4    . C   C 3 19 ? -14.217 -19.818 -11.032 1.00 71.81  ? 49 C   C N4    1 
ATOM   1389 C  C5    . C   C 3 19 ? -14.980 -19.433 -13.251 1.00 75.74  ? 49 C   C C5    1 
ATOM   1390 C  C6    . C   C 3 19 ? -14.640 -19.273 -14.534 1.00 75.71  ? 49 C   C C6    1 
HETATM 1391 S  S     . SO4 D 4 .  ? 10.125  -11.313 3.401   1.00 185.54 ? 14 SO4 A S     1 
HETATM 1392 O  O1    . SO4 D 4 .  ? 11.510  -10.933 3.063   1.00 185.62 ? 14 SO4 A O1    1 
HETATM 1393 O  O2    . SO4 D 4 .  ? 9.622   -10.479 4.506   1.00 185.77 ? 14 SO4 A O2    1 
HETATM 1394 O  O3    . SO4 D 4 .  ? 10.108  -12.723 3.832   1.00 186.23 ? 14 SO4 A O3    1 
HETATM 1395 O  O4    . SO4 D 4 .  ? 9.267   -11.118 2.216   1.00 185.07 ? 14 SO4 A O4    1 
HETATM 1396 CO CO    . NCO E 5 .  ? 6.055   -10.443 6.975   1.00 202.92 ? 32 NCO B CO    1 
HETATM 1397 N  N1    . NCO E 5 .  ? 7.098   -12.183 7.083   1.00 201.94 ? 32 NCO B N1    1 
HETATM 1398 N  N2    . NCO E 5 .  ? 4.408   -11.535 7.373   1.00 201.83 ? 32 NCO B N2    1 
HETATM 1399 N  N3    . NCO E 5 .  ? 6.410   -9.922  8.861   1.00 202.44 ? 32 NCO B N3    1 
HETATM 1400 N  N4    . NCO E 5 .  ? 5.650   -10.777 5.095   1.00 202.55 ? 32 NCO B N4    1 
HETATM 1401 N  N5    . NCO E 5 .  ? 5.026   -8.791  6.789   1.00 202.00 ? 32 NCO B N5    1 
HETATM 1402 N  N6    . NCO E 5 .  ? 7.745   -9.429  6.507   1.00 202.18 ? 32 NCO B N6    1 
HETATM 1403 CO CO    . NCO F 5 .  ? -9.405  -0.436  -7.121  1.00 121.82 ? 1  NCO C CO    1 
HETATM 1404 N  N1    . NCO F 5 .  ? -10.038 -1.158  -8.909  1.00 120.04 ? 1  NCO C N1    1 
HETATM 1405 N  N2    . NCO F 5 .  ? -11.296 -0.698  -6.475  1.00 118.88 ? 1  NCO C N2    1 
HETATM 1406 N  N3    . NCO F 5 .  ? -8.747  -2.194  -6.487  1.00 120.38 ? 1  NCO C N3    1 
HETATM 1407 N  N4    . NCO F 5 .  ? -9.969  1.374   -7.611  1.00 119.35 ? 1  NCO C N4    1 
HETATM 1408 N  N5    . NCO F 5 .  ? -8.850  0.325   -5.403  1.00 119.93 ? 1  NCO C N5    1 
HETATM 1409 N  N6    . NCO F 5 .  ? -7.551  -0.136  -7.883  1.00 118.82 ? 1  NCO C N6    1 
HETATM 1410 O  O     . HOH G 6 .  ? -0.925  -12.558 -4.084  1.00 82.48  ? 15 HOH A O     1 
HETATM 1411 O  O     . HOH G 6 .  ? 7.404   -7.889  -8.195  1.00 94.10  ? 16 HOH A O     1 
HETATM 1412 O  O     . HOH G 6 .  ? 5.993   -5.213  -5.044  1.00 60.54  ? 17 HOH A O     1 
HETATM 1413 O  O     . HOH H 6 .  ? -11.412 -10.789 -17.220 1.00 80.87  ? 33 HOH B O     1 
HETATM 1414 O  O     . HOH H 6 .  ? 1.036   6.803   13.351  1.00 71.01  ? 34 HOH B O     1 
HETATM 1415 O  O     . HOH H 6 .  ? 14.508  13.546  -5.980  1.00 80.86  ? 35 HOH B O     1 
HETATM 1416 O  O     . HOH H 6 .  ? -1.241  4.670   11.625  1.00 98.09  ? 36 HOH B O     1 
HETATM 1417 O  O     . HOH I 6 .  ? -11.771 9.567   11.786  1.00 84.45  ? 50 HOH C O     1 
HETATM 1418 O  O     . HOH I 6 .  ? -8.566  11.709  -0.363  1.00 78.95  ? 51 HOH C O     1 
HETATM 1419 O  O     . HOH I 6 .  ? -5.567  -12.085 -4.051  1.00 85.95  ? 52 HOH C O     1 
HETATM 1420 O  O     . HOH I 6 .  ? -3.859  7.033   11.306  1.00 90.34  ? 53 HOH C O     1 
# 
loop_
_pdbx_poly_seq_scheme.asym_id 
_pdbx_poly_seq_scheme.entity_id 
_pdbx_poly_seq_scheme.seq_id 
_pdbx_poly_seq_scheme.mon_id 
_pdbx_poly_seq_scheme.ndb_seq_num 
_pdbx_poly_seq_scheme.pdb_seq_num 
_pdbx_poly_seq_scheme.auth_seq_num 
_pdbx_poly_seq_scheme.pdb_mon_id 
_pdbx_poly_seq_scheme.auth_mon_id 
_pdbx_poly_seq_scheme.pdb_strand_id 
_pdbx_poly_seq_scheme.pdb_ins_code 
_pdbx_poly_seq_scheme.hetero 
A 1 1  U   1  1  1  U   U   A . n 
A 1 2  C   2  2  2  C   C   A . n 
A 1 3  C   3  3  3  C   C   A . n 
A 1 4  C   4  4  4  C   C   A . n 
A 1 5  A   5  5  5  A   A   A . n 
A 1 6  G   6  6  6  G   G   A . n 
A 1 7  U   7  7  7  U   U   A . n 
A 1 8  C   8  8  8  C   C   A . n 
A 1 9  C   9  9  9  C   C   A . n 
A 1 10 A   10 10 10 A   A   A . n 
A 1 11 C   11 11 11 C   C   A . n 
A 1 12 C   12 12 12 C   C   A . n 
A 1 13 G   13 13 13 G   G   A . n 
B 2 1  C   1  2  2  C   C   B . n 
B 2 2  G   2  3  3  G   G   B . n 
B 2 3  G   3  4  4  G   G   B . n 
B 2 4  U   4  5  5  U   U   B . n 
B 2 5  G   5  6  6  G   G   B . n 
B 2 6  A   6  7  7  A   A   B . n 
B 2 7  G   7  8  8  G   G   B . n 
B 2 8  A   8  9  9  A   A   B . n 
B 2 9  A   9  10 10 A   A   B . n 
B 2 10 G   10 11 11 G   G   B . n 
B 2 11 G   11 12 12 G   G   B . n 
B 2 12 G   12 13 13 G   G   B . n 
B 2 13 S9L 13 14 14 S9L S9L B . n 
B 2 14 G   14 15 15 G   G   B . n 
B 2 15 G   15 16 16 G   G   B . n 
B 2 16 C   16 17 17 C   C   B . n 
B 2 17 A   17 18 18 A   A   B . n 
B 2 18 G   18 19 19 G   G   B . n 
B 2 19 A   19 20 20 A   A   B . n 
B 2 20 G   20 21 21 G   G   B . n 
B 2 21 A   21 22 22 A   A   B . n 
B 2 22 A   22 23 23 A   A   B . n 
B 2 23 A   23 24 24 A   A   B . n 
B 2 24 C   24 25 25 C   C   B . n 
B 2 25 A   25 26 26 A   A   B . n 
B 2 26 C   26 27 27 C   C   B . n 
B 2 27 A   27 28 28 A   A   B . n 
B 2 28 C   28 29 29 C   C   B . n 
B 2 29 G   29 30 30 G   G   B . n 
B 2 30 A   30 31 31 A   A   B . n 
C 3 1  U   1  31 31 U   U   C . n 
C 3 2  C   2  32 32 C   C   C . n 
C 3 3  G   3  33 33 G   G   C . n 
C 3 4  U   4  34 34 U   U   C . n 
C 3 5  G   5  35 35 G   G   C . n 
C 3 6  G   6  36 36 G   G   C . n 
C 3 7  U   7  37 37 U   U   C . n 
C 3 8  G   8  38 38 G   G   C . n 
C 3 9  C   9  39 39 C   C   C . n 
C 3 10 A   10 40 40 A   A   C . n 
C 3 11 U   11 41 41 U   U   C . n 
C 3 12 U   12 42 42 U   U   C . n 
C 3 13 A   13 43 43 A   A   C . n 
C 3 14 C   14 44 44 C   C   C . n 
C 3 15 C   15 45 45 C   C   C . n 
C 3 16 U   16 46 46 U   U   C . n 
C 3 17 G   17 47 47 G   G   C . n 
C 3 18 C   18 48 48 C   C   C . n 
C 3 19 C   19 49 49 C   C   C . n 
# 
loop_
_pdbx_nonpoly_scheme.asym_id 
_pdbx_nonpoly_scheme.entity_id 
_pdbx_nonpoly_scheme.mon_id 
_pdbx_nonpoly_scheme.ndb_seq_num 
_pdbx_nonpoly_scheme.pdb_seq_num 
_pdbx_nonpoly_scheme.auth_seq_num 
_pdbx_nonpoly_scheme.pdb_mon_id 
_pdbx_nonpoly_scheme.auth_mon_id 
_pdbx_nonpoly_scheme.pdb_strand_id 
_pdbx_nonpoly_scheme.pdb_ins_code 
D 4 SO4 1 14 1  SO4 SO4 A . 
E 5 NCO 1 32 2  NCO NCO B . 
F 5 NCO 1 1  1  NCO NCO C . 
G 6 HOH 1 15 8  HOH HOH A . 
G 6 HOH 2 16 9  HOH HOH A . 
G 6 HOH 3 17 10 HOH HOH A . 
H 6 HOH 1 33 1  HOH HOH B . 
H 6 HOH 2 34 4  HOH HOH B . 
H 6 HOH 3 35 6  HOH HOH B . 
H 6 HOH 4 36 11 HOH HOH B . 
I 6 HOH 1 50 2  HOH HOH C . 
I 6 HOH 2 51 3  HOH HOH C . 
I 6 HOH 3 52 5  HOH HOH C . 
I 6 HOH 4 53 7  HOH HOH C . 
# 
_pdbx_struct_assembly.id                   1 
_pdbx_struct_assembly.details              author_and_software_defined_assembly 
_pdbx_struct_assembly.method_details       PISA 
_pdbx_struct_assembly.oligomeric_details   trimeric 
_pdbx_struct_assembly.oligomeric_count     3 
# 
_pdbx_struct_assembly_gen.assembly_id       1 
_pdbx_struct_assembly_gen.oper_expression   1 
_pdbx_struct_assembly_gen.asym_id_list      A,B,C,D,E,F,G,H,I 
# 
loop_
_pdbx_struct_assembly_prop.biol_id 
_pdbx_struct_assembly_prop.type 
_pdbx_struct_assembly_prop.value 
_pdbx_struct_assembly_prop.details 
1 'ABSA (A^2)' 5500 ? 
1 MORE         -28  ? 
1 'SSA (A^2)'  9580 ? 
# 
_pdbx_struct_oper_list.id                   1 
_pdbx_struct_oper_list.type                 'identity operation' 
_pdbx_struct_oper_list.name                 1_555 
_pdbx_struct_oper_list.symmetry_operation   x,y,z 
_pdbx_struct_oper_list.matrix[1][1]         1.0000000000 
_pdbx_struct_oper_list.matrix[1][2]         0.0000000000 
_pdbx_struct_oper_list.matrix[1][3]         0.0000000000 
_pdbx_struct_oper_list.vector[1]            0.0000000000 
_pdbx_struct_oper_list.matrix[2][1]         0.0000000000 
_pdbx_struct_oper_list.matrix[2][2]         1.0000000000 
_pdbx_struct_oper_list.matrix[2][3]         0.0000000000 
_pdbx_struct_oper_list.vector[2]            0.0000000000 
_pdbx_struct_oper_list.matrix[3][1]         0.0000000000 
_pdbx_struct_oper_list.matrix[3][2]         0.0000000000 
_pdbx_struct_oper_list.matrix[3][3]         1.0000000000 
_pdbx_struct_oper_list.vector[3]            0.0000000000 
# 
loop_
_pdbx_audit_revision_history.ordinal 
_pdbx_audit_revision_history.data_content_type 
_pdbx_audit_revision_history.major_revision 
_pdbx_audit_revision_history.minor_revision 
_pdbx_audit_revision_history.revision_date 
1 'Structure model' 1 0 2008-08-12 
2 'Structure model' 1 1 2011-07-13 
3 'Structure model' 1 2 2017-10-25 
4 'Structure model' 1 3 2023-08-30 
# 
_pdbx_audit_revision_details.ordinal             1 
_pdbx_audit_revision_details.revision_ordinal    1 
_pdbx_audit_revision_details.data_content_type   'Structure model' 
_pdbx_audit_revision_details.provider            repository 
_pdbx_audit_revision_details.type                'Initial release' 
_pdbx_audit_revision_details.description         ? 
_pdbx_audit_revision_details.details             ? 
# 
loop_
_pdbx_audit_revision_group.ordinal 
_pdbx_audit_revision_group.revision_ordinal 
_pdbx_audit_revision_group.data_content_type 
_pdbx_audit_revision_group.group 
1 2 'Structure model' 'Version format compliance' 
2 3 'Structure model' 'Refinement description'    
3 4 'Structure model' 'Data collection'           
4 4 'Structure model' 'Database references'       
5 4 'Structure model' 'Derived calculations'      
6 4 'Structure model' 'Refinement description'    
# 
loop_
_pdbx_audit_revision_category.ordinal 
_pdbx_audit_revision_category.revision_ordinal 
_pdbx_audit_revision_category.data_content_type 
_pdbx_audit_revision_category.category 
1 3 'Structure model' software                      
2 4 'Structure model' chem_comp_atom                
3 4 'Structure model' chem_comp_bond                
4 4 'Structure model' database_2                    
5 4 'Structure model' pdbx_initial_refinement_model 
6 4 'Structure model' struct_conn                   
7 4 'Structure model' struct_ref_seq                
# 
loop_
_pdbx_audit_revision_item.ordinal 
_pdbx_audit_revision_item.revision_ordinal 
_pdbx_audit_revision_item.data_content_type 
_pdbx_audit_revision_item.item 
1 3 'Structure model' '_software.classification'            
2 3 'Structure model' '_software.name'                      
3 4 'Structure model' '_database_2.pdbx_DOI'                
4 4 'Structure model' '_database_2.pdbx_database_accession' 
5 4 'Structure model' '_struct_conn.pdbx_leaving_atom_flag' 
6 4 'Structure model' '_struct_ref_seq.db_align_beg'        
7 4 'Structure model' '_struct_ref_seq.db_align_end'        
# 
loop_
_software.name 
_software.classification 
_software.version 
_software.citation_id 
_software.pdbx_ordinal 
Adxv         'data processing' . ? 1 
CNS          refinement        . ? 2 
CrystalClear 'data reduction'  . ? 3 
CrystalClear 'data scaling'    . ? 4 
CNS          phasing           . ? 5 
# 
_pdbx_validate_rmsd_angle.id                         1 
_pdbx_validate_rmsd_angle.PDB_model_num              1 
_pdbx_validate_rmsd_angle.auth_atom_id_1             N9 
_pdbx_validate_rmsd_angle.auth_asym_id_1             A 
_pdbx_validate_rmsd_angle.auth_comp_id_1             G 
_pdbx_validate_rmsd_angle.auth_seq_id_1              6 
_pdbx_validate_rmsd_angle.PDB_ins_code_1             ? 
_pdbx_validate_rmsd_angle.label_alt_id_1             ? 
_pdbx_validate_rmsd_angle.auth_atom_id_2             "C1'" 
_pdbx_validate_rmsd_angle.auth_asym_id_2             A 
_pdbx_validate_rmsd_angle.auth_comp_id_2             G 
_pdbx_validate_rmsd_angle.auth_seq_id_2              6 
_pdbx_validate_rmsd_angle.PDB_ins_code_2             ? 
_pdbx_validate_rmsd_angle.label_alt_id_2             ? 
_pdbx_validate_rmsd_angle.auth_atom_id_3             "C2'" 
_pdbx_validate_rmsd_angle.auth_asym_id_3             A 
_pdbx_validate_rmsd_angle.auth_comp_id_3             G 
_pdbx_validate_rmsd_angle.auth_seq_id_3              6 
_pdbx_validate_rmsd_angle.PDB_ins_code_3             ? 
_pdbx_validate_rmsd_angle.label_alt_id_3             ? 
_pdbx_validate_rmsd_angle.angle_value                123.43 
_pdbx_validate_rmsd_angle.angle_target_value         114.00 
_pdbx_validate_rmsd_angle.angle_deviation            9.43 
_pdbx_validate_rmsd_angle.angle_standard_deviation   1.30 
_pdbx_validate_rmsd_angle.linker_flag                N 
# 
_pdbx_validate_planes.id              1 
_pdbx_validate_planes.PDB_model_num   1 
_pdbx_validate_planes.auth_comp_id    G 
_pdbx_validate_planes.auth_asym_id    C 
_pdbx_validate_planes.auth_seq_id     35 
_pdbx_validate_planes.PDB_ins_code    ? 
_pdbx_validate_planes.label_alt_id    ? 
_pdbx_validate_planes.rmsd            0.056 
_pdbx_validate_planes.type            'SIDE CHAIN' 
# 
_pdbx_unobs_or_zero_occ_atoms.id               1 
_pdbx_unobs_or_zero_occ_atoms.PDB_model_num    1 
_pdbx_unobs_or_zero_occ_atoms.polymer_flag     Y 
_pdbx_unobs_or_zero_occ_atoms.occupancy_flag   1 
_pdbx_unobs_or_zero_occ_atoms.auth_asym_id     A 
_pdbx_unobs_or_zero_occ_atoms.auth_comp_id     A 
_pdbx_unobs_or_zero_occ_atoms.auth_seq_id      5 
_pdbx_unobs_or_zero_occ_atoms.PDB_ins_code     ? 
_pdbx_unobs_or_zero_occ_atoms.auth_atom_id     "O3'" 
_pdbx_unobs_or_zero_occ_atoms.label_alt_id     ? 
_pdbx_unobs_or_zero_occ_atoms.label_asym_id    A 
_pdbx_unobs_or_zero_occ_atoms.label_comp_id    A 
_pdbx_unobs_or_zero_occ_atoms.label_seq_id     5 
_pdbx_unobs_or_zero_occ_atoms.label_atom_id    "O3'" 
# 
loop_
_chem_comp_atom.comp_id 
_chem_comp_atom.atom_id 
_chem_comp_atom.type_symbol 
_chem_comp_atom.pdbx_aromatic_flag 
_chem_comp_atom.pdbx_stereo_config 
_chem_comp_atom.pdbx_ordinal 
A   OP3    O  N N 1   
A   P      P  N N 2   
A   OP1    O  N N 3   
A   OP2    O  N N 4   
A   "O5'"  O  N N 5   
A   "C5'"  C  N N 6   
A   "C4'"  C  N R 7   
A   "O4'"  O  N N 8   
A   "C3'"  C  N S 9   
A   "O3'"  O  N N 10  
A   "C2'"  C  N R 11  
A   "O2'"  O  N N 12  
A   "C1'"  C  N R 13  
A   N9     N  Y N 14  
A   C8     C  Y N 15  
A   N7     N  Y N 16  
A   C5     C  Y N 17  
A   C6     C  Y N 18  
A   N6     N  N N 19  
A   N1     N  Y N 20  
A   C2     C  Y N 21  
A   N3     N  Y N 22  
A   C4     C  Y N 23  
A   HOP3   H  N N 24  
A   HOP2   H  N N 25  
A   "H5'"  H  N N 26  
A   "H5''" H  N N 27  
A   "H4'"  H  N N 28  
A   "H3'"  H  N N 29  
A   "HO3'" H  N N 30  
A   "H2'"  H  N N 31  
A   "HO2'" H  N N 32  
A   "H1'"  H  N N 33  
A   H8     H  N N 34  
A   H61    H  N N 35  
A   H62    H  N N 36  
A   H2     H  N N 37  
C   OP3    O  N N 38  
C   P      P  N N 39  
C   OP1    O  N N 40  
C   OP2    O  N N 41  
C   "O5'"  O  N N 42  
C   "C5'"  C  N N 43  
C   "C4'"  C  N R 44  
C   "O4'"  O  N N 45  
C   "C3'"  C  N S 46  
C   "O3'"  O  N N 47  
C   "C2'"  C  N R 48  
C   "O2'"  O  N N 49  
C   "C1'"  C  N R 50  
C   N1     N  N N 51  
C   C2     C  N N 52  
C   O2     O  N N 53  
C   N3     N  N N 54  
C   C4     C  N N 55  
C   N4     N  N N 56  
C   C5     C  N N 57  
C   C6     C  N N 58  
C   HOP3   H  N N 59  
C   HOP2   H  N N 60  
C   "H5'"  H  N N 61  
C   "H5''" H  N N 62  
C   "H4'"  H  N N 63  
C   "H3'"  H  N N 64  
C   "HO3'" H  N N 65  
C   "H2'"  H  N N 66  
C   "HO2'" H  N N 67  
C   "H1'"  H  N N 68  
C   H41    H  N N 69  
C   H42    H  N N 70  
C   H5     H  N N 71  
C   H6     H  N N 72  
G   OP3    O  N N 73  
G   P      P  N N 74  
G   OP1    O  N N 75  
G   OP2    O  N N 76  
G   "O5'"  O  N N 77  
G   "C5'"  C  N N 78  
G   "C4'"  C  N R 79  
G   "O4'"  O  N N 80  
G   "C3'"  C  N S 81  
G   "O3'"  O  N N 82  
G   "C2'"  C  N R 83  
G   "O2'"  O  N N 84  
G   "C1'"  C  N R 85  
G   N9     N  Y N 86  
G   C8     C  Y N 87  
G   N7     N  Y N 88  
G   C5     C  Y N 89  
G   C6     C  N N 90  
G   O6     O  N N 91  
G   N1     N  N N 92  
G   C2     C  N N 93  
G   N2     N  N N 94  
G   N3     N  N N 95  
G   C4     C  Y N 96  
G   HOP3   H  N N 97  
G   HOP2   H  N N 98  
G   "H5'"  H  N N 99  
G   "H5''" H  N N 100 
G   "H4'"  H  N N 101 
G   "H3'"  H  N N 102 
G   "HO3'" H  N N 103 
G   "H2'"  H  N N 104 
G   "HO2'" H  N N 105 
G   "H1'"  H  N N 106 
G   H8     H  N N 107 
G   H1     H  N N 108 
G   H21    H  N N 109 
G   H22    H  N N 110 
HOH O      O  N N 111 
HOH H1     H  N N 112 
HOH H2     H  N N 113 
NCO CO     CO N N 114 
NCO N1     N  N N 115 
NCO N2     N  N N 116 
NCO N3     N  N N 117 
NCO N4     N  N N 118 
NCO N5     N  N N 119 
NCO N6     N  N N 120 
NCO HN11   H  N N 121 
NCO HN12   H  N N 122 
NCO HN13   H  N N 123 
NCO HN21   H  N N 124 
NCO HN22   H  N N 125 
NCO HN23   H  N N 126 
NCO HN31   H  N N 127 
NCO HN32   H  N N 128 
NCO HN33   H  N N 129 
NCO HN41   H  N N 130 
NCO HN42   H  N N 131 
NCO HN43   H  N N 132 
NCO HN51   H  N N 133 
NCO HN52   H  N N 134 
NCO HN53   H  N N 135 
NCO HN61   H  N N 136 
NCO HN62   H  N N 137 
NCO HN63   H  N N 138 
S9L O3P    O  N N 139 
S9L P      P  N N 140 
S9L O1P    O  N N 141 
S9L O2P    O  N N 142 
S9L "O5'"  O  N N 143 
S9L C12    C  N N 144 
S9L C22    C  N N 145 
S9L OH3    O  N N 146 
S9L C13    C  N N 147 
S9L C23    C  N N 148 
S9L OH4    O  N N 149 
S9L C14    C  N N 150 
S9L C24    C  N N 151 
S9L "O3'"  O  N N 152 
S9L HO3P   H  N N 153 
S9L HO1P   H  N N 154 
S9L H121   H  N N 155 
S9L H122   H  N N 156 
S9L H221   H  N N 157 
S9L H222   H  N N 158 
S9L H131   H  N N 159 
S9L H132   H  N N 160 
S9L H231   H  N N 161 
S9L H232   H  N N 162 
S9L H141   H  N N 163 
S9L H142   H  N N 164 
S9L H241   H  N N 165 
S9L H242   H  N N 166 
S9L "HO3'" H  N N 167 
SO4 S      S  N N 168 
SO4 O1     O  N N 169 
SO4 O2     O  N N 170 
SO4 O3     O  N N 171 
SO4 O4     O  N N 172 
U   OP3    O  N N 173 
U   P      P  N N 174 
U   OP1    O  N N 175 
U   OP2    O  N N 176 
U   "O5'"  O  N N 177 
U   "C5'"  C  N N 178 
U   "C4'"  C  N R 179 
U   "O4'"  O  N N 180 
U   "C3'"  C  N S 181 
U   "O3'"  O  N N 182 
U   "C2'"  C  N R 183 
U   "O2'"  O  N N 184 
U   "C1'"  C  N R 185 
U   N1     N  N N 186 
U   C2     C  N N 187 
U   O2     O  N N 188 
U   N3     N  N N 189 
U   C4     C  N N 190 
U   O4     O  N N 191 
U   C5     C  N N 192 
U   C6     C  N N 193 
U   HOP3   H  N N 194 
U   HOP2   H  N N 195 
U   "H5'"  H  N N 196 
U   "H5''" H  N N 197 
U   "H4'"  H  N N 198 
U   "H3'"  H  N N 199 
U   "HO3'" H  N N 200 
U   "H2'"  H  N N 201 
U   "HO2'" H  N N 202 
U   "H1'"  H  N N 203 
U   H3     H  N N 204 
U   H5     H  N N 205 
U   H6     H  N N 206 
# 
loop_
_chem_comp_bond.comp_id 
_chem_comp_bond.atom_id_1 
_chem_comp_bond.atom_id_2 
_chem_comp_bond.value_order 
_chem_comp_bond.pdbx_aromatic_flag 
_chem_comp_bond.pdbx_stereo_config 
_chem_comp_bond.pdbx_ordinal 
A   OP3   P      sing N N 1   
A   OP3   HOP3   sing N N 2   
A   P     OP1    doub N N 3   
A   P     OP2    sing N N 4   
A   P     "O5'"  sing N N 5   
A   OP2   HOP2   sing N N 6   
A   "O5'" "C5'"  sing N N 7   
A   "C5'" "C4'"  sing N N 8   
A   "C5'" "H5'"  sing N N 9   
A   "C5'" "H5''" sing N N 10  
A   "C4'" "O4'"  sing N N 11  
A   "C4'" "C3'"  sing N N 12  
A   "C4'" "H4'"  sing N N 13  
A   "O4'" "C1'"  sing N N 14  
A   "C3'" "O3'"  sing N N 15  
A   "C3'" "C2'"  sing N N 16  
A   "C3'" "H3'"  sing N N 17  
A   "O3'" "HO3'" sing N N 18  
A   "C2'" "O2'"  sing N N 19  
A   "C2'" "C1'"  sing N N 20  
A   "C2'" "H2'"  sing N N 21  
A   "O2'" "HO2'" sing N N 22  
A   "C1'" N9     sing N N 23  
A   "C1'" "H1'"  sing N N 24  
A   N9    C8     sing Y N 25  
A   N9    C4     sing Y N 26  
A   C8    N7     doub Y N 27  
A   C8    H8     sing N N 28  
A   N7    C5     sing Y N 29  
A   C5    C6     sing Y N 30  
A   C5    C4     doub Y N 31  
A   C6    N6     sing N N 32  
A   C6    N1     doub Y N 33  
A   N6    H61    sing N N 34  
A   N6    H62    sing N N 35  
A   N1    C2     sing Y N 36  
A   C2    N3     doub Y N 37  
A   C2    H2     sing N N 38  
A   N3    C4     sing Y N 39  
C   OP3   P      sing N N 40  
C   OP3   HOP3   sing N N 41  
C   P     OP1    doub N N 42  
C   P     OP2    sing N N 43  
C   P     "O5'"  sing N N 44  
C   OP2   HOP2   sing N N 45  
C   "O5'" "C5'"  sing N N 46  
C   "C5'" "C4'"  sing N N 47  
C   "C5'" "H5'"  sing N N 48  
C   "C5'" "H5''" sing N N 49  
C   "C4'" "O4'"  sing N N 50  
C   "C4'" "C3'"  sing N N 51  
C   "C4'" "H4'"  sing N N 52  
C   "O4'" "C1'"  sing N N 53  
C   "C3'" "O3'"  sing N N 54  
C   "C3'" "C2'"  sing N N 55  
C   "C3'" "H3'"  sing N N 56  
C   "O3'" "HO3'" sing N N 57  
C   "C2'" "O2'"  sing N N 58  
C   "C2'" "C1'"  sing N N 59  
C   "C2'" "H2'"  sing N N 60  
C   "O2'" "HO2'" sing N N 61  
C   "C1'" N1     sing N N 62  
C   "C1'" "H1'"  sing N N 63  
C   N1    C2     sing N N 64  
C   N1    C6     sing N N 65  
C   C2    O2     doub N N 66  
C   C2    N3     sing N N 67  
C   N3    C4     doub N N 68  
C   C4    N4     sing N N 69  
C   C4    C5     sing N N 70  
C   N4    H41    sing N N 71  
C   N4    H42    sing N N 72  
C   C5    C6     doub N N 73  
C   C5    H5     sing N N 74  
C   C6    H6     sing N N 75  
G   OP3   P      sing N N 76  
G   OP3   HOP3   sing N N 77  
G   P     OP1    doub N N 78  
G   P     OP2    sing N N 79  
G   P     "O5'"  sing N N 80  
G   OP2   HOP2   sing N N 81  
G   "O5'" "C5'"  sing N N 82  
G   "C5'" "C4'"  sing N N 83  
G   "C5'" "H5'"  sing N N 84  
G   "C5'" "H5''" sing N N 85  
G   "C4'" "O4'"  sing N N 86  
G   "C4'" "C3'"  sing N N 87  
G   "C4'" "H4'"  sing N N 88  
G   "O4'" "C1'"  sing N N 89  
G   "C3'" "O3'"  sing N N 90  
G   "C3'" "C2'"  sing N N 91  
G   "C3'" "H3'"  sing N N 92  
G   "O3'" "HO3'" sing N N 93  
G   "C2'" "O2'"  sing N N 94  
G   "C2'" "C1'"  sing N N 95  
G   "C2'" "H2'"  sing N N 96  
G   "O2'" "HO2'" sing N N 97  
G   "C1'" N9     sing N N 98  
G   "C1'" "H1'"  sing N N 99  
G   N9    C8     sing Y N 100 
G   N9    C4     sing Y N 101 
G   C8    N7     doub Y N 102 
G   C8    H8     sing N N 103 
G   N7    C5     sing Y N 104 
G   C5    C6     sing N N 105 
G   C5    C4     doub Y N 106 
G   C6    O6     doub N N 107 
G   C6    N1     sing N N 108 
G   N1    C2     sing N N 109 
G   N1    H1     sing N N 110 
G   C2    N2     sing N N 111 
G   C2    N3     doub N N 112 
G   N2    H21    sing N N 113 
G   N2    H22    sing N N 114 
G   N3    C4     sing N N 115 
HOH O     H1     sing N N 116 
HOH O     H2     sing N N 117 
NCO CO    N1     sing N N 118 
NCO CO    N2     sing N N 119 
NCO CO    N3     sing N N 120 
NCO CO    N4     sing N N 121 
NCO CO    N5     sing N N 122 
NCO CO    N6     sing N N 123 
NCO N1    HN11   sing N N 124 
NCO N1    HN12   sing N N 125 
NCO N1    HN13   sing N N 126 
NCO N2    HN21   sing N N 127 
NCO N2    HN22   sing N N 128 
NCO N2    HN23   sing N N 129 
NCO N3    HN31   sing N N 130 
NCO N3    HN32   sing N N 131 
NCO N3    HN33   sing N N 132 
NCO N4    HN41   sing N N 133 
NCO N4    HN42   sing N N 134 
NCO N4    HN43   sing N N 135 
NCO N5    HN51   sing N N 136 
NCO N5    HN52   sing N N 137 
NCO N5    HN53   sing N N 138 
NCO N6    HN61   sing N N 139 
NCO N6    HN62   sing N N 140 
NCO N6    HN63   sing N N 141 
S9L O3P   P      sing N N 142 
S9L O3P   HO3P   sing N N 143 
S9L P     O2P    doub N N 144 
S9L P     O1P    sing N N 145 
S9L P     "O5'"  sing N N 146 
S9L O1P   HO1P   sing N N 147 
S9L "O5'" C12    sing N N 148 
S9L C12   C22    sing N N 149 
S9L C12   H121   sing N N 150 
S9L C12   H122   sing N N 151 
S9L C22   OH3    sing N N 152 
S9L C22   H221   sing N N 153 
S9L C22   H222   sing N N 154 
S9L OH3   C23    sing N N 155 
S9L C13   C23    sing N N 156 
S9L C13   OH4    sing N N 157 
S9L C13   H131   sing N N 158 
S9L C13   H132   sing N N 159 
S9L C23   H231   sing N N 160 
S9L C23   H232   sing N N 161 
S9L OH4   C24    sing N N 162 
S9L C14   C24    sing N N 163 
S9L C14   "O3'"  sing N N 164 
S9L C14   H141   sing N N 165 
S9L C14   H142   sing N N 166 
S9L C24   H241   sing N N 167 
S9L C24   H242   sing N N 168 
S9L "O3'" "HO3'" sing N N 169 
SO4 S     O1     doub N N 170 
SO4 S     O2     doub N N 171 
SO4 S     O3     sing N N 172 
SO4 S     O4     sing N N 173 
U   OP3   P      sing N N 174 
U   OP3   HOP3   sing N N 175 
U   P     OP1    doub N N 176 
U   P     OP2    sing N N 177 
U   P     "O5'"  sing N N 178 
U   OP2   HOP2   sing N N 179 
U   "O5'" "C5'"  sing N N 180 
U   "C5'" "C4'"  sing N N 181 
U   "C5'" "H5'"  sing N N 182 
U   "C5'" "H5''" sing N N 183 
U   "C4'" "O4'"  sing N N 184 
U   "C4'" "C3'"  sing N N 185 
U   "C4'" "H4'"  sing N N 186 
U   "O4'" "C1'"  sing N N 187 
U   "C3'" "O3'"  sing N N 188 
U   "C3'" "C2'"  sing N N 189 
U   "C3'" "H3'"  sing N N 190 
U   "O3'" "HO3'" sing N N 191 
U   "C2'" "O2'"  sing N N 192 
U   "C2'" "C1'"  sing N N 193 
U   "C2'" "H2'"  sing N N 194 
U   "O2'" "HO2'" sing N N 195 
U   "C1'" N1     sing N N 196 
U   "C1'" "H1'"  sing N N 197 
U   N1    C2     sing N N 198 
U   N1    C6     sing N N 199 
U   C2    O2     doub N N 200 
U   C2    N3     sing N N 201 
U   N3    C4     sing N N 202 
U   N3    H3     sing N N 203 
U   C4    O4     doub N N 204 
U   C4    C5     sing N N 205 
U   C5    C6     doub N N 206 
U   C5    H5     sing N N 207 
U   C6    H6     sing N N 208 
# 
loop_
_ndb_struct_conf_na.entry_id 
_ndb_struct_conf_na.feature 
3B58 'double helix'         
3B58 'a-form double helix'  
3B58 'bulge loop'           
3B58 'mismatched base pair' 
# 
loop_
_ndb_struct_na_base_pair.model_number 
_ndb_struct_na_base_pair.i_label_asym_id 
_ndb_struct_na_base_pair.i_label_comp_id 
_ndb_struct_na_base_pair.i_label_seq_id 
_ndb_struct_na_base_pair.i_symmetry 
_ndb_struct_na_base_pair.j_label_asym_id 
_ndb_struct_na_base_pair.j_label_comp_id 
_ndb_struct_na_base_pair.j_label_seq_id 
_ndb_struct_na_base_pair.j_symmetry 
_ndb_struct_na_base_pair.shear 
_ndb_struct_na_base_pair.stretch 
_ndb_struct_na_base_pair.stagger 
_ndb_struct_na_base_pair.buckle 
_ndb_struct_na_base_pair.propeller 
_ndb_struct_na_base_pair.opening 
_ndb_struct_na_base_pair.pair_number 
_ndb_struct_na_base_pair.pair_name 
_ndb_struct_na_base_pair.i_auth_asym_id 
_ndb_struct_na_base_pair.i_auth_seq_id 
_ndb_struct_na_base_pair.i_PDB_ins_code 
_ndb_struct_na_base_pair.j_auth_asym_id 
_ndb_struct_na_base_pair.j_auth_seq_id 
_ndb_struct_na_base_pair.j_PDB_ins_code 
_ndb_struct_na_base_pair.hbond_type_28 
_ndb_struct_na_base_pair.hbond_type_12 
1 A C 2  1_555 B G 12 1_555 0.213  -0.281 -0.244 6.955   -19.856 1.231   1  A_C2:G13_B  A 2  ? B 13 ? 19 1  
1 A C 3  1_555 B G 11 1_555 0.379  -0.252 -0.077 -3.759  -8.754  0.115   2  A_C3:G12_B  A 3  ? B 12 ? 19 1  
1 A C 4  1_555 B G 10 1_555 0.641  -0.131 0.301  -0.889  1.946   3.943   3  A_C4:G11_B  A 4  ? B 11 ? 19 1  
1 A A 5  1_555 B A 8  1_555 6.390  -3.322 -0.543 5.719   -7.506  -29.118 4  A_A5:A9_B   A 5  ? B 9  ? ?  10 
1 A U 7  1_555 B G 7  1_555 -7.818 -3.239 -0.328 4.148   15.114  -20.249 5  A_U7:G8_B   A 7  ? B 8  ? ?  ?  
1 A C 8  1_555 B A 6  1_555 -2.528 0.612  -1.161 26.816  -12.498 3.192   6  A_C8:A7_B   A 8  ? B 7  ? ?  ?  
1 A C 9  1_555 B G 5  1_555 0.080  0.049  0.287  4.298   -4.292  2.235   7  A_C9:G6_B   A 9  ? B 6  ? 19 1  
1 A A 10 1_555 B U 4  1_555 0.509  -0.087 0.152  6.905   -13.611 -2.050  8  A_A10:U5_B  A 10 ? B 5  ? 20 1  
1 A C 11 1_555 B G 3  1_555 -0.070 -0.036 0.231  7.281   -14.734 6.376   9  A_C11:G4_B  A 11 ? B 4  ? 19 1  
1 A C 12 1_555 B G 2  1_555 0.577  -0.439 0.262  0.535   -14.024 0.779   10 A_C12:G3_B  A 12 ? B 3  ? 19 1  
1 A G 13 1_555 B C 1  1_555 -0.073 -0.001 0.306  -0.586  -7.774  9.069   11 A_G13:C2_B  A 13 ? B 2  ? 19 1  
1 B G 14 1_555 C C 19 1_555 -0.340 -0.159 0.579  1.885   -4.081  -0.373  12 B_G15:C49_C B 15 ? C 49 ? 19 1  
1 B G 15 1_555 C C 18 1_555 -0.117 -0.212 0.183  9.123   -10.330 -1.897  13 B_G16:C48_C B 16 ? C 48 ? 19 1  
1 B C 16 1_555 C G 17 1_555 -0.501 -0.047 0.043  8.975   -12.992 2.371   14 B_C17:G47_C B 17 ? C 47 ? 19 1  
1 B A 17 1_555 C U 16 1_555 -0.548 -0.192 0.056  -2.596  -10.381 5.062   15 B_A18:U46_C B 18 ? C 46 ? 20 1  
1 B G 18 1_555 C C 15 1_555 -0.300 -0.305 -0.718 -13.940 -9.035  4.823   16 B_G19:C45_C B 19 ? C 45 ? 19 1  
1 B A 19 1_555 C C 14 1_555 2.016  0.364  -0.239 -13.190 -8.070  13.826  17 B_A20:C44_C B 20 ? C 44 ? ?  1  
1 B G 20 1_555 C A 13 1_555 6.832  -4.387 -0.241 -4.319  3.304   -5.034  18 B_G21:A43_C B 21 ? C 43 ? 11 10 
1 B A 21 1_555 C U 11 1_555 -4.107 -1.947 -0.052 -6.140  -8.135  -99.150 19 B_A22:U41_C B 22 ? C 41 ? 24 4  
1 B A 22 1_555 C A 10 1_555 -4.251 1.064  0.059  2.213   -13.979 -96.299 20 B_A23:A40_C B 23 ? C 40 ? ?  ?  
1 B A 23 1_555 C G 8  1_555 -0.816 2.966  0.003  3.869   -10.056 -61.095 21 B_A24:G38_C B 24 ? C 38 ? ?  ?  
1 B C 24 1_555 A G 6  1_555 0.060  -0.231 0.008  17.503  -10.882 1.081   22 B_C25:G6_A  B 25 ? A 6  ? 19 1  
1 B A 25 1_555 C G 6  1_555 0.374  1.120  -0.502 -3.039  -15.495 -22.992 23 B_A26:G36_C B 26 ? C 36 ? 8  ?  
1 B C 26 1_555 C G 5  1_555 0.341  -0.423 -0.070 11.780  -21.427 -4.476  24 B_C27:G35_C B 27 ? C 35 ? 19 1  
1 B A 27 1_555 C U 4  1_555 0.105  -0.376 0.260  4.345   -21.644 -0.124  25 B_A28:U34_C B 28 ? C 34 ? 20 1  
1 B C 28 1_555 C G 3  1_555 0.293  -0.271 0.074  4.761   -10.888 -0.392  26 B_C29:G33_C B 29 ? C 33 ? 19 1  
1 B G 29 1_555 C C 2  1_555 -0.061 -0.159 0.434  -1.019  -8.865  -5.121  27 B_G30:C32_C B 30 ? C 32 ? 19 1  
1 B A 30 1_555 C U 1  1_555 0.244  -0.001 0.141  -0.822  -5.069  -0.465  28 B_A31:U31_C B 31 ? C 31 ? 20 1  
# 
loop_
_ndb_struct_na_base_pair_step.model_number 
_ndb_struct_na_base_pair_step.i_label_asym_id_1 
_ndb_struct_na_base_pair_step.i_label_comp_id_1 
_ndb_struct_na_base_pair_step.i_label_seq_id_1 
_ndb_struct_na_base_pair_step.i_symmetry_1 
_ndb_struct_na_base_pair_step.j_label_asym_id_1 
_ndb_struct_na_base_pair_step.j_label_comp_id_1 
_ndb_struct_na_base_pair_step.j_label_seq_id_1 
_ndb_struct_na_base_pair_step.j_symmetry_1 
_ndb_struct_na_base_pair_step.i_label_asym_id_2 
_ndb_struct_na_base_pair_step.i_label_comp_id_2 
_ndb_struct_na_base_pair_step.i_label_seq_id_2 
_ndb_struct_na_base_pair_step.i_symmetry_2 
_ndb_struct_na_base_pair_step.j_label_asym_id_2 
_ndb_struct_na_base_pair_step.j_label_comp_id_2 
_ndb_struct_na_base_pair_step.j_label_seq_id_2 
_ndb_struct_na_base_pair_step.j_symmetry_2 
_ndb_struct_na_base_pair_step.shift 
_ndb_struct_na_base_pair_step.slide 
_ndb_struct_na_base_pair_step.rise 
_ndb_struct_na_base_pair_step.tilt 
_ndb_struct_na_base_pair_step.roll 
_ndb_struct_na_base_pair_step.twist 
_ndb_struct_na_base_pair_step.x_displacement 
_ndb_struct_na_base_pair_step.y_displacement 
_ndb_struct_na_base_pair_step.helical_rise 
_ndb_struct_na_base_pair_step.inclination 
_ndb_struct_na_base_pair_step.tip 
_ndb_struct_na_base_pair_step.helical_twist 
_ndb_struct_na_base_pair_step.step_number 
_ndb_struct_na_base_pair_step.step_name 
_ndb_struct_na_base_pair_step.i_auth_asym_id_1 
_ndb_struct_na_base_pair_step.i_auth_seq_id_1 
_ndb_struct_na_base_pair_step.i_PDB_ins_code_1 
_ndb_struct_na_base_pair_step.j_auth_asym_id_1 
_ndb_struct_na_base_pair_step.j_auth_seq_id_1 
_ndb_struct_na_base_pair_step.j_PDB_ins_code_1 
_ndb_struct_na_base_pair_step.i_auth_asym_id_2 
_ndb_struct_na_base_pair_step.i_auth_seq_id_2 
_ndb_struct_na_base_pair_step.i_PDB_ins_code_2 
_ndb_struct_na_base_pair_step.j_auth_asym_id_2 
_ndb_struct_na_base_pair_step.j_auth_seq_id_2 
_ndb_struct_na_base_pair_step.j_PDB_ins_code_2 
1 A C 2  1_555 B G 12 1_555 A C 3  1_555 B G 11 1_555 -0.578 -1.712 3.528 -0.646  9.586  34.191 -4.232 0.852  2.966 15.918 1.073   
35.476 1  AA_C2C3:G12G13_BB   A 2  ? B 13 ? A 3  ? B 12 ? 
1 A C 3  1_555 B G 11 1_555 A C 4  1_555 B G 10 1_555 0.763  -1.610 3.352 -0.264  9.290  28.923 -4.849 -1.508 2.709 18.021 0.513   
30.349 2  AA_C3C4:G11G12_BB   A 3  ? B 12 ? A 4  ? B 11 ? 
1 A C 4  1_555 B G 10 1_555 A A 5  1_555 B A 8  1_555 -0.102 -0.923 5.270 -1.417  22.778 70.312 -1.932 0.013  4.827 19.280 1.200   
73.467 3  AA_C4A5:A9G11_BB    A 4  ? B 11 ? A 5  ? B 9  ? 
1 A A 5  1_555 B A 8  1_555 A U 7  1_555 B G 7  1_555 -1.493 0.053  3.435 12.242  6.037  10.919 -3.009 11.373 1.127 22.784 -46.204 
17.463 4  AA_A5U7:G8A9_BB     A 5  ? B 9  ? A 7  ? B 8  ? 
1 A U 7  1_555 B G 7  1_555 A C 8  1_555 B A 6  1_555 0.855  -0.895 2.883 -3.399  8.425  49.872 -1.554 -1.204 2.649 9.896  3.992   
50.641 5  AA_U7C8:A7G8_BB     A 7  ? B 8  ? A 8  ? B 7  ? 
1 A C 8  1_555 B A 6  1_555 A C 9  1_555 B G 5  1_555 0.045  -1.550 4.085 -11.070 9.885  39.991 -3.334 -1.404 3.493 13.888 15.553  
42.550 6  AA_C8C9:G6A7_BB     A 8  ? B 7  ? A 9  ? B 6  ? 
1 A C 9  1_555 B G 5  1_555 A A 10 1_555 B U 4  1_555 -0.692 -1.709 2.981 1.815   8.270  36.805 -3.553 1.269  2.516 12.890 -2.829  
37.734 7  AA_C9A10:U5G6_BB    A 9  ? B 6  ? A 10 ? B 5  ? 
1 A A 10 1_555 B U 4  1_555 A C 11 1_555 B G 3  1_555 -0.036 -1.611 3.137 -1.972  6.885  25.379 -5.184 -0.395 2.612 15.288 4.379   
26.354 8  AA_A10C11:G4U5_BB   A 10 ? B 5  ? A 11 ? B 4  ? 
1 A C 11 1_555 B G 3  1_555 A C 12 1_555 B G 2  1_555 -0.239 -2.016 3.282 0.428   6.028  35.871 -4.031 0.440  2.913 9.702  -0.689  
36.360 9  AA_C11C12:G3G4_BB   A 11 ? B 4  ? A 12 ? B 3  ? 
1 A C 12 1_555 B G 2  1_555 A G 13 1_555 B C 1  1_555 0.545  -1.792 3.069 2.383   8.148  29.912 -4.712 -0.618 2.539 15.400 -4.504  
31.067 10 AA_C12G13:C2G3_BB   A 12 ? B 3  ? A 13 ? B 2  ? 
1 B G 14 1_555 C C 19 1_555 B G 15 1_555 C C 18 1_555 -0.876 -1.215 3.077 -0.484  6.381  34.004 -2.939 1.406  2.821 10.793 0.818   
34.584 11 BB_G15G16:C48C49_CC B 15 ? C 49 ? B 16 ? C 48 ? 
1 B G 15 1_555 C C 18 1_555 B C 16 1_555 C G 17 1_555 0.430  -1.387 3.241 -0.284  5.815  30.345 -3.679 -0.861 2.927 10.981 0.537   
30.885 12 BB_G16C17:G47C48_CC B 16 ? C 48 ? B 17 ? C 47 ? 
1 B C 16 1_555 C G 17 1_555 B A 17 1_555 C U 16 1_555 0.670  -1.667 3.359 -1.956  11.934 33.913 -4.302 -1.347 2.603 19.698 3.228   
35.945 13 BB_C17A18:U46G47_CC B 17 ? C 47 ? B 18 ? C 46 ? 
1 B A 17 1_555 C U 16 1_555 B G 18 1_555 C C 15 1_555 -0.147 -1.668 3.680 5.030   7.444  31.967 -4.254 1.159  3.163 13.194 -8.915  
33.173 14 BB_A18G19:C45U46_CC B 18 ? C 46 ? B 19 ? C 45 ? 
1 B G 18 1_555 C C 15 1_555 B A 19 1_555 C C 14 1_555 1.111  -1.215 3.251 -0.937  8.223  36.804 -2.893 -1.835 2.895 12.825 1.462   
37.692 15 BB_G19A20:C44C45_CC B 19 ? C 45 ? B 20 ? C 44 ? 
1 B A 19 1_555 C C 14 1_555 B G 20 1_555 C A 13 1_555 -0.417 -1.078 3.128 6.639   3.750  56.178 -1.333 0.788  2.993 3.962  -7.014  
56.651 16 BB_A20G21:A43C44_CC B 20 ? C 44 ? B 21 ? C 43 ? 
1 B G 20 1_555 C A 13 1_555 B A 21 1_555 C U 11 1_555 -2.122 -0.581 3.514 3.040   0.378  15.014 -2.482 10.399 3.011 1.427  -11.479 
15.322 17 BB_G21A22:U41A43_CC B 21 ? C 43 ? B 22 ? C 41 ? 
1 B A 21 1_555 C U 11 1_555 B A 22 1_555 C A 10 1_555 -0.050 -2.319 3.245 -8.512  1.803  45.052 -3.130 -0.661 3.114 2.327  10.988  
45.842 18 BB_A22A23:A40U41_CC B 22 ? C 41 ? B 23 ? C 40 ? 
1 B A 22 1_555 C A 10 1_555 B A 23 1_555 C G 8  1_555 -0.865 -2.320 3.315 0.277   1.161  31.335 -4.510 1.653  3.222 2.148  -0.513  
31.357 19 BB_A23A24:G38A40_CC B 23 ? C 40 ? B 24 ? C 38 ? 
1 B A 23 1_555 C G 8  1_555 B C 24 1_555 A G 6  1_555 0.778  -0.426 2.971 -0.071  3.601  10.121 -7.446 -4.257 2.652 19.614 0.386   
10.741 20 BB_A24C25:G6G38_AC  B 24 ? C 38 ? B 25 ? A 6  ? 
1 B C 24 1_555 A G 6  1_555 B A 25 1_555 C G 6  1_555 0.553  -2.187 3.789 3.145   5.618  49.484 -3.055 -0.398 3.563 6.679  -3.738  
49.874 21 BB_C25A26:G36G6_CA  B 25 ? A 6  ? B 26 ? C 36 ? 
1 B A 25 1_555 C G 6  1_555 B C 26 1_555 C G 5  1_555 1.071  -0.733 2.883 -2.742  3.129  30.668 -1.892 -2.462 2.693 5.882  5.155   
30.942 22 BB_A26C27:G35G36_CC B 26 ? C 36 ? B 27 ? C 35 ? 
1 B C 26 1_555 C G 5  1_555 B A 27 1_555 C U 4  1_555 0.133  -1.334 3.387 -0.378  10.946 33.642 -3.775 -0.273 2.827 18.318 0.633   
35.331 23 BB_C27A28:U34G35_CC B 27 ? C 35 ? B 28 ? C 34 ? 
1 B A 27 1_555 C U 4  1_555 B C 28 1_555 C G 3  1_555 0.431  -1.069 3.273 1.644   0.178  34.412 -1.833 -0.471 3.284 0.300  -2.776  
34.450 24 BB_A28C29:G33U34_CC B 28 ? C 34 ? B 29 ? C 33 ? 
1 B C 28 1_555 C G 3  1_555 B G 29 1_555 C C 2  1_555 0.046  -1.833 3.163 -0.335  10.491 34.731 -4.255 -0.115 2.521 17.098 0.545   
36.236 25 BB_C29G30:C32G33_CC B 29 ? C 33 ? B 30 ? C 32 ? 
1 B G 29 1_555 C C 2  1_555 B A 30 1_555 C U 1  1_555 0.732  -1.834 3.170 5.367   4.531  30.457 -4.222 -0.394 2.956 8.483  -10.049 
31.238 26 BB_G30A31:U31C32_CC B 30 ? C 32 ? B 31 ? C 31 ? 
# 
loop_
_pdbx_entity_nonpoly.entity_id 
_pdbx_entity_nonpoly.name 
_pdbx_entity_nonpoly.comp_id 
4 'SULFATE ION'           SO4 
5 'COBALT HEXAMMINE(III)' NCO 
6 water                   HOH 
# 
_pdbx_initial_refinement_model.id               1 
_pdbx_initial_refinement_model.entity_id_list   ? 
_pdbx_initial_refinement_model.type             'experimental model' 
_pdbx_initial_refinement_model.source_name      PDB 
_pdbx_initial_refinement_model.accession_code   2P7F 
_pdbx_initial_refinement_model.details          ? 
# 
